data_7H4S
# 
_entry.id   7H4S 
# 
_audit_conform.dict_name       mmcif_pdbx.dic 
_audit_conform.dict_version    5.397 
_audit_conform.dict_location   http://mmcif.pdb.org/dictionaries/ascii/mmcif_pdbx.dic 
# 
loop_
_database_2.database_id 
_database_2.database_code 
_database_2.pdbx_database_accession 
_database_2.pdbx_DOI 
PDB   7H4S         pdb_00007h4s 10.2210/pdb7h4s/pdb 
WWPDB D_1001407023 ?            ?                   
# 
loop_
_pdbx_audit_revision_history.ordinal 
_pdbx_audit_revision_history.data_content_type 
_pdbx_audit_revision_history.major_revision 
_pdbx_audit_revision_history.minor_revision 
_pdbx_audit_revision_history.revision_date 
1 'Structure model' 1 0 2024-04-24 
2 'Structure model' 1 1 2024-10-16 
# 
_pdbx_audit_revision_details.ordinal             1 
_pdbx_audit_revision_details.revision_ordinal    1 
_pdbx_audit_revision_details.data_content_type   'Structure model' 
_pdbx_audit_revision_details.provider            repository 
_pdbx_audit_revision_details.type                'Initial release' 
_pdbx_audit_revision_details.description         ? 
_pdbx_audit_revision_details.details             ? 
# 
loop_
_pdbx_audit_revision_group.ordinal 
_pdbx_audit_revision_group.revision_ordinal 
_pdbx_audit_revision_group.data_content_type 
_pdbx_audit_revision_group.group 
1 2 'Structure model' 'Database references' 
2 2 'Structure model' 'Structure summary'   
# 
loop_
_pdbx_audit_revision_category.ordinal 
_pdbx_audit_revision_category.revision_ordinal 
_pdbx_audit_revision_category.data_content_type 
_pdbx_audit_revision_category.category 
1 2 'Structure model' citation           
2 2 'Structure model' citation_author    
3 2 'Structure model' pdbx_entry_details 
# 
loop_
_pdbx_audit_revision_item.ordinal 
_pdbx_audit_revision_item.revision_ordinal 
_pdbx_audit_revision_item.data_content_type 
_pdbx_audit_revision_item.item 
1 2 'Structure model' '_citation.country'                 
2 2 'Structure model' '_citation.journal_abbrev'          
3 2 'Structure model' '_citation.journal_id_CSD'          
4 2 'Structure model' '_citation.journal_id_ISSN'         
5 2 'Structure model' '_citation.pdbx_database_id_DOI'    
6 2 'Structure model' '_citation.pdbx_database_id_PubMed' 
7 2 'Structure model' '_citation.title'                   
8 2 'Structure model' '_citation.year'                    
# 
_pdbx_database_status.entry_id                        7H4S 
_pdbx_database_status.status_code                     REL 
_pdbx_database_status.status_code_sf                  REL 
_pdbx_database_status.status_code_mr                  ? 
_pdbx_database_status.status_code_cs                  ? 
_pdbx_database_status.recvd_initial_deposition_date   2024-04-04 
_pdbx_database_status.status_code_nmr_data            ? 
_pdbx_database_status.deposit_site                    RCSB 
_pdbx_database_status.process_site                    RCSB 
_pdbx_database_status.SG_entry                        ? 
_pdbx_database_status.pdb_format_compatible           Y 
_pdbx_database_status.methods_development_category    ? 
# 
_pdbx_contact_author.id                 1 
_pdbx_contact_author.email              frank.von-delft@diamond.ac.uk 
_pdbx_contact_author.name_first         Frank 
_pdbx_contact_author.name_last          'von Delft' 
_pdbx_contact_author.role               'principal investigator/group leader' 
_pdbx_contact_author.identifier_ORCID   0000-0003-0378-0017 
_pdbx_contact_author.name_mi            ? 
# 
loop_
_audit_author.name 
_audit_author.pdbx_ordinal 
'Lithgo, R.M.'        1  
'Fairhead, M.'        2  
'Koekemoer, L.'       3  
'Balcomb, B.H.'       4  
'Capkin, E.'          5  
'Chandran, A.V.'      6  
'Golding, M.'         7  
'Godoy, A.S.'         8  
'Aschenbrenner, J.C.' 9  
'Marples, P.G.'       10 
'Ni, X.'              11 
'Thompson, W.'        12 
'Tomlinson, C.W.E.'   13 
'Wild, C.'            14 
'Winokan, M.'         15 
'Xavier, M.-A.E.'     16 
'Fearon, D.'          17 
'von Delft, F.'       18 
# 
_citation.id                        primary 
_citation.title                     
;Crystallographic Fragment Screen of Coxsackievirus A16 2A Protease identifies new opportunities for the development of broad-spectrum anti-enterovirals.
;
_citation.journal_abbrev            Biorxiv 
_citation.journal_volume            ? 
_citation.page_first                ? 
_citation.page_last                 ? 
_citation.year                      2024 
_citation.journal_id_ASTM           ? 
_citation.country                   US 
_citation.journal_id_ISSN           2692-8205 
_citation.journal_id_CSD            ? 
_citation.book_publisher            ? 
_citation.pdbx_database_id_PubMed   38746446 
_citation.pdbx_database_id_DOI      10.1101/2024.04.29.591684 
# 
loop_
_citation_author.citation_id 
_citation_author.name 
_citation_author.identifier_ORCID 
_citation_author.ordinal 
primary 'Lithgo, R.M.'        0000-0002-4706-9916 1  
primary 'Tomlinson, C.W.E.'   0000-0002-1845-6028 2  
primary 'Fairhead, M.'        0000-0001-5361-3933 3  
primary 'Winokan, M.'         ?                   4  
primary 'Thompson, W.'        0000-0003-1474-7810 5  
primary 'Wild, C.'            0000-0003-0654-8141 6  
primary 'Aschenbrenner, J.C.' 0000-0002-4318-0481 7  
primary 'Balcomb, B.H.'       0000-0001-7599-8467 8  
primary 'Marples, P.G.'       0000-0002-8787-7969 9  
primary 'Chandran, A.V.'      0000-0001-9942-2614 10 
primary 'Golding, M.'         0009-0004-7472-8333 11 
primary 'Koekemoer, L.'       0000-0001-9226-9127 12 
primary 'Williams, E.P.'      0000-0002-1331-9518 13 
primary 'Wang, S.'            ?                   14 
primary 'Ni, X.'              0000-0002-7769-8297 15 
primary 'MacLean, E.'         0000-0003-1680-4292 16 
primary 'Giroud, C.'          0000-0002-1629-1581 17 
primary 'Godoy, A.S.'         0000-0002-0613-9164 18 
primary 'Xavier, M.A.'        0000-0002-1709-9479 19 
primary 'Walsh, M.'           0000-0001-5683-1151 20 
primary 'Fearon, D.'          0000-0003-3529-7863 21 
primary 'von Delft, F.'       0000-0003-0378-0017 22 
# 
loop_
_entity.id 
_entity.type 
_entity.src_method 
_entity.pdbx_description 
_entity.formula_weight 
_entity.pdbx_number_of_molecules 
_entity.pdbx_ec 
_entity.pdbx_mutation 
_entity.pdbx_fragment 
_entity.details 
1 polymer     man 'Protease 2A'                     16493.311 1   3.4.22.29 ? ? ? 
2 non-polymer man 1-aminocyclopropane-1-carboxamide 100.119   1   ?         ? ? ? 
3 non-polymer syn 'ZINC ION'                        65.409    1   ?         ? ? ? 
4 non-polymer syn 'DIMETHYL SULFOXIDE'              78.133    6   ?         ? ? ? 
5 non-polymer syn 'SULFATE ION'                     96.063    1   ?         ? ? ? 
6 water       nat water                             18.015    228 ?         ? ? ? 
# 
_entity_name_com.entity_id   1 
_entity_name_com.name        'P2A,Picornain 2A,Protein 2A' 
# 
_entity_poly.entity_id                      1 
_entity_poly.type                           'polypeptide(L)' 
_entity_poly.nstd_linkage                   no 
_entity_poly.nstd_monomer                   no 
_entity_poly.pdbx_seq_one_letter_code       
;QEQTGGSGAIYVGNYRVVNRHLATHNDWANLVWEDSSRDLLVSSTTAQGCDTIARCDCQTGVYYCSSRRKHYPVSFSKPS
LIFVEASEYYPARYQSHLMLAVGHSEPGDCGGILRCQHGVVGIVSTGGNGLVGFADVRDLLWLDEEAMEQ
;
_entity_poly.pdbx_seq_one_letter_code_can   
;QEQTGGSGAIYVGNYRVVNRHLATHNDWANLVWEDSSRDLLVSSTTAQGCDTIARCDCQTGVYYCSSRRKHYPVSFSKPS
LIFVEASEYYPARYQSHLMLAVGHSEPGDCGGILRCQHGVVGIVSTGGNGLVGFADVRDLLWLDEEAMEQ
;
_entity_poly.pdbx_strand_id                 A 
_entity_poly.pdbx_target_identifier         ? 
# 
loop_
_pdbx_entity_nonpoly.entity_id 
_pdbx_entity_nonpoly.name 
_pdbx_entity_nonpoly.comp_id 
2 1-aminocyclopropane-1-carboxamide XK7 
3 'ZINC ION'                        ZN  
4 'DIMETHYL SULFOXIDE'              DMS 
5 'SULFATE ION'                     SO4 
6 water                             HOH 
# 
loop_
_entity_poly_seq.entity_id 
_entity_poly_seq.num 
_entity_poly_seq.mon_id 
_entity_poly_seq.hetero 
1 1   GLN n 
1 2   GLU n 
1 3   GLN n 
1 4   THR n 
1 5   GLY n 
1 6   GLY n 
1 7   SER n 
1 8   GLY n 
1 9   ALA n 
1 10  ILE n 
1 11  TYR n 
1 12  VAL n 
1 13  GLY n 
1 14  ASN n 
1 15  TYR n 
1 16  ARG n 
1 17  VAL n 
1 18  VAL n 
1 19  ASN n 
1 20  ARG n 
1 21  HIS n 
1 22  LEU n 
1 23  ALA n 
1 24  THR n 
1 25  HIS n 
1 26  ASN n 
1 27  ASP n 
1 28  TRP n 
1 29  ALA n 
1 30  ASN n 
1 31  LEU n 
1 32  VAL n 
1 33  TRP n 
1 34  GLU n 
1 35  ASP n 
1 36  SER n 
1 37  SER n 
1 38  ARG n 
1 39  ASP n 
1 40  LEU n 
1 41  LEU n 
1 42  VAL n 
1 43  SER n 
1 44  SER n 
1 45  THR n 
1 46  THR n 
1 47  ALA n 
1 48  GLN n 
1 49  GLY n 
1 50  CYS n 
1 51  ASP n 
1 52  THR n 
1 53  ILE n 
1 54  ALA n 
1 55  ARG n 
1 56  CYS n 
1 57  ASP n 
1 58  CYS n 
1 59  GLN n 
1 60  THR n 
1 61  GLY n 
1 62  VAL n 
1 63  TYR n 
1 64  TYR n 
1 65  CYS n 
1 66  SER n 
1 67  SER n 
1 68  ARG n 
1 69  ARG n 
1 70  LYS n 
1 71  HIS n 
1 72  TYR n 
1 73  PRO n 
1 74  VAL n 
1 75  SER n 
1 76  PHE n 
1 77  SER n 
1 78  LYS n 
1 79  PRO n 
1 80  SER n 
1 81  LEU n 
1 82  ILE n 
1 83  PHE n 
1 84  VAL n 
1 85  GLU n 
1 86  ALA n 
1 87  SER n 
1 88  GLU n 
1 89  TYR n 
1 90  TYR n 
1 91  PRO n 
1 92  ALA n 
1 93  ARG n 
1 94  TYR n 
1 95  GLN n 
1 96  SER n 
1 97  HIS n 
1 98  LEU n 
1 99  MET n 
1 100 LEU n 
1 101 ALA n 
1 102 VAL n 
1 103 GLY n 
1 104 HIS n 
1 105 SER n 
1 106 GLU n 
1 107 PRO n 
1 108 GLY n 
1 109 ASP n 
1 110 CYS n 
1 111 GLY n 
1 112 GLY n 
1 113 ILE n 
1 114 LEU n 
1 115 ARG n 
1 116 CYS n 
1 117 GLN n 
1 118 HIS n 
1 119 GLY n 
1 120 VAL n 
1 121 VAL n 
1 122 GLY n 
1 123 ILE n 
1 124 VAL n 
1 125 SER n 
1 126 THR n 
1 127 GLY n 
1 128 GLY n 
1 129 ASN n 
1 130 GLY n 
1 131 LEU n 
1 132 VAL n 
1 133 GLY n 
1 134 PHE n 
1 135 ALA n 
1 136 ASP n 
1 137 VAL n 
1 138 ARG n 
1 139 ASP n 
1 140 LEU n 
1 141 LEU n 
1 142 TRP n 
1 143 LEU n 
1 144 ASP n 
1 145 GLU n 
1 146 GLU n 
1 147 ALA n 
1 148 MET n 
1 149 GLU n 
1 150 GLN n 
# 
loop_
_entity_src_gen.entity_id 
_entity_src_gen.pdbx_src_id 
_entity_src_gen.pdbx_alt_source_flag 
_entity_src_gen.pdbx_seq_type 
_entity_src_gen.pdbx_beg_seq_num 
_entity_src_gen.pdbx_end_seq_num 
_entity_src_gen.gene_src_common_name 
_entity_src_gen.gene_src_genus 
_entity_src_gen.pdbx_gene_src_gene 
_entity_src_gen.gene_src_species 
_entity_src_gen.gene_src_strain 
_entity_src_gen.gene_src_tissue 
_entity_src_gen.gene_src_tissue_fraction 
_entity_src_gen.gene_src_details 
_entity_src_gen.pdbx_gene_src_fragment 
_entity_src_gen.pdbx_gene_src_scientific_name 
_entity_src_gen.pdbx_gene_src_ncbi_taxonomy_id 
_entity_src_gen.pdbx_gene_src_variant 
_entity_src_gen.pdbx_gene_src_cell_line 
_entity_src_gen.pdbx_gene_src_atcc 
_entity_src_gen.pdbx_gene_src_organ 
_entity_src_gen.pdbx_gene_src_organelle 
_entity_src_gen.pdbx_gene_src_cell 
_entity_src_gen.pdbx_gene_src_cellular_location 
_entity_src_gen.host_org_common_name 
_entity_src_gen.pdbx_host_org_scientific_name 
_entity_src_gen.pdbx_host_org_ncbi_taxonomy_id 
_entity_src_gen.host_org_genus 
_entity_src_gen.pdbx_host_org_gene 
_entity_src_gen.pdbx_host_org_organ 
_entity_src_gen.host_org_species 
_entity_src_gen.pdbx_host_org_tissue 
_entity_src_gen.pdbx_host_org_tissue_fraction 
_entity_src_gen.pdbx_host_org_strain 
_entity_src_gen.pdbx_host_org_variant 
_entity_src_gen.pdbx_host_org_cell_line 
_entity_src_gen.pdbx_host_org_atcc 
_entity_src_gen.pdbx_host_org_culture_collection 
_entity_src_gen.pdbx_host_org_cell 
_entity_src_gen.pdbx_host_org_organelle 
_entity_src_gen.pdbx_host_org_cellular_location 
_entity_src_gen.pdbx_host_org_vector_type 
_entity_src_gen.pdbx_host_org_vector 
_entity_src_gen.host_org_details 
_entity_src_gen.expression_system_id 
_entity_src_gen.plasmid_name 
_entity_src_gen.plasmid_details 
_entity_src_gen.pdbx_description 
1 1 sample 'Biological sequence' 1 150 ? ? ? ? ? ? ? ? ? 'Coxsackievirus A16' 31704 ? ? ? ? ? ? ? ? 'Escherichia coli' 562 ? ? ? ? 
? ? ? ? ? ? ? ? ? ? ? ? ? ? ? ? ? 
2 1 sample ?                     ? ?   ? ? ? ? ? ? ? ? ? 'Coxsackievirus A16' 31704 ? ? ? ? ? ? ? ? 'Escherichia coli' 562 ? ? ? ? 
? ? ? ? ? ? ? ? ? ? ? ? ? ? ? ? ? 
# 
loop_
_chem_comp.id 
_chem_comp.type 
_chem_comp.mon_nstd_flag 
_chem_comp.name 
_chem_comp.pdbx_synonyms 
_chem_comp.formula 
_chem_comp.formula_weight 
ALA 'L-peptide linking' y ALANINE                           ? 'C3 H7 N O2'     89.093  
ARG 'L-peptide linking' y ARGININE                          ? 'C6 H15 N4 O2 1' 175.209 
ASN 'L-peptide linking' y ASPARAGINE                        ? 'C4 H8 N2 O3'    132.118 
ASP 'L-peptide linking' y 'ASPARTIC ACID'                   ? 'C4 H7 N O4'     133.103 
CYS 'L-peptide linking' y CYSTEINE                          ? 'C3 H7 N O2 S'   121.158 
DMS non-polymer         . 'DIMETHYL SULFOXIDE'              ? 'C2 H6 O S'      78.133  
GLN 'L-peptide linking' y GLUTAMINE                         ? 'C5 H10 N2 O3'   146.144 
GLU 'L-peptide linking' y 'GLUTAMIC ACID'                   ? 'C5 H9 N O4'     147.129 
GLY 'peptide linking'   y GLYCINE                           ? 'C2 H5 N O2'     75.067  
HIS 'L-peptide linking' y HISTIDINE                         ? 'C6 H10 N3 O2 1' 156.162 
HOH non-polymer         . WATER                             ? 'H2 O'           18.015  
ILE 'L-peptide linking' y ISOLEUCINE                        ? 'C6 H13 N O2'    131.173 
LEU 'L-peptide linking' y LEUCINE                           ? 'C6 H13 N O2'    131.173 
LYS 'L-peptide linking' y LYSINE                            ? 'C6 H15 N2 O2 1' 147.195 
MET 'L-peptide linking' y METHIONINE                        ? 'C5 H11 N O2 S'  149.211 
PHE 'L-peptide linking' y PHENYLALANINE                     ? 'C9 H11 N O2'    165.189 
PRO 'L-peptide linking' y PROLINE                           ? 'C5 H9 N O2'     115.130 
SER 'L-peptide linking' y SERINE                            ? 'C3 H7 N O3'     105.093 
SO4 non-polymer         . 'SULFATE ION'                     ? 'O4 S -2'        96.063  
THR 'L-peptide linking' y THREONINE                         ? 'C4 H9 N O3'     119.119 
TRP 'L-peptide linking' y TRYPTOPHAN                        ? 'C11 H12 N2 O2'  204.225 
TYR 'L-peptide linking' y TYROSINE                          ? 'C9 H11 N O3'    181.189 
VAL 'L-peptide linking' y VALINE                            ? 'C5 H11 N O2'    117.146 
XK7 non-polymer         . 1-aminocyclopropane-1-carboxamide ? 'C4 H8 N2 O'     100.119 
ZN  non-polymer         . 'ZINC ION'                        ? 'Zn 2'           65.409  
# 
loop_
_pdbx_poly_seq_scheme.asym_id 
_pdbx_poly_seq_scheme.entity_id 
_pdbx_poly_seq_scheme.seq_id 
_pdbx_poly_seq_scheme.mon_id 
_pdbx_poly_seq_scheme.ndb_seq_num 
_pdbx_poly_seq_scheme.pdb_seq_num 
_pdbx_poly_seq_scheme.auth_seq_num 
_pdbx_poly_seq_scheme.pdb_mon_id 
_pdbx_poly_seq_scheme.auth_mon_id 
_pdbx_poly_seq_scheme.pdb_strand_id 
_pdbx_poly_seq_scheme.pdb_ins_code 
_pdbx_poly_seq_scheme.hetero 
A 1 1   GLN 1   1   ?   ?   ?   A . n 
A 1 2   GLU 2   2   ?   ?   ?   A . n 
A 1 3   GLN 3   3   ?   ?   ?   A . n 
A 1 4   THR 4   4   ?   ?   ?   A . n 
A 1 5   GLY 5   5   ?   ?   ?   A . n 
A 1 6   GLY 6   6   ?   ?   ?   A . n 
A 1 7   SER 7   7   7   SER SER A . n 
A 1 8   GLY 8   8   8   GLY GLY A . n 
A 1 9   ALA 9   9   9   ALA ALA A . n 
A 1 10  ILE 10  10  10  ILE ILE A . n 
A 1 11  TYR 11  11  11  TYR TYR A . n 
A 1 12  VAL 12  12  12  VAL VAL A . n 
A 1 13  GLY 13  13  13  GLY GLY A . n 
A 1 14  ASN 14  14  14  ASN ASN A . n 
A 1 15  TYR 15  15  15  TYR TYR A . n 
A 1 16  ARG 16  16  16  ARG ARG A . n 
A 1 17  VAL 17  17  17  VAL VAL A . n 
A 1 18  VAL 18  18  18  VAL VAL A . n 
A 1 19  ASN 19  19  19  ASN ASN A . n 
A 1 20  ARG 20  20  20  ARG ARG A . n 
A 1 21  HIS 21  21  21  HIS HIS A . n 
A 1 22  LEU 22  22  22  LEU LEU A . n 
A 1 23  ALA 23  23  23  ALA ALA A . n 
A 1 24  THR 24  24  24  THR THR A . n 
A 1 25  HIS 25  25  25  HIS HIS A . n 
A 1 26  ASN 26  26  26  ASN ASN A . n 
A 1 27  ASP 27  27  27  ASP ASP A . n 
A 1 28  TRP 28  28  28  TRP TRP A . n 
A 1 29  ALA 29  29  29  ALA ALA A . n 
A 1 30  ASN 30  30  30  ASN ASN A . n 
A 1 31  LEU 31  31  31  LEU LEU A . n 
A 1 32  VAL 32  32  32  VAL VAL A . n 
A 1 33  TRP 33  33  33  TRP TRP A . n 
A 1 34  GLU 34  34  34  GLU GLU A . n 
A 1 35  ASP 35  35  35  ASP ASP A . n 
A 1 36  SER 36  36  36  SER SER A . n 
A 1 37  SER 37  37  37  SER SER A . n 
A 1 38  ARG 38  38  38  ARG ARG A . n 
A 1 39  ASP 39  39  39  ASP ASP A . n 
A 1 40  LEU 40  40  40  LEU LEU A . n 
A 1 41  LEU 41  41  41  LEU LEU A . n 
A 1 42  VAL 42  42  42  VAL VAL A . n 
A 1 43  SER 43  43  43  SER SER A . n 
A 1 44  SER 44  44  44  SER SER A . n 
A 1 45  THR 45  45  45  THR THR A . n 
A 1 46  THR 46  46  46  THR THR A . n 
A 1 47  ALA 47  47  47  ALA ALA A . n 
A 1 48  GLN 48  48  48  GLN GLN A . n 
A 1 49  GLY 49  49  49  GLY GLY A . n 
A 1 50  CYS 50  50  50  CYS CYS A . n 
A 1 51  ASP 51  51  51  ASP ASP A . n 
A 1 52  THR 52  52  52  THR THR A . n 
A 1 53  ILE 53  53  53  ILE ILE A . n 
A 1 54  ALA 54  54  54  ALA ALA A . n 
A 1 55  ARG 55  55  55  ARG ARG A . n 
A 1 56  CYS 56  56  56  CYS CYS A . n 
A 1 57  ASP 57  57  57  ASP ASP A . n 
A 1 58  CYS 58  58  58  CYS CYS A . n 
A 1 59  GLN 59  59  59  GLN GLN A . n 
A 1 60  THR 60  60  60  THR THR A . n 
A 1 61  GLY 61  61  61  GLY GLY A . n 
A 1 62  VAL 62  62  62  VAL VAL A . n 
A 1 63  TYR 63  63  63  TYR TYR A . n 
A 1 64  TYR 64  64  64  TYR TYR A . n 
A 1 65  CYS 65  65  65  CYS CYS A . n 
A 1 66  SER 66  66  66  SER SER A . n 
A 1 67  SER 67  67  67  SER SER A . n 
A 1 68  ARG 68  68  68  ARG ARG A . n 
A 1 69  ARG 69  69  69  ARG ARG A . n 
A 1 70  LYS 70  70  70  LYS LYS A . n 
A 1 71  HIS 71  71  71  HIS HIS A . n 
A 1 72  TYR 72  72  72  TYR TYR A . n 
A 1 73  PRO 73  73  73  PRO PRO A . n 
A 1 74  VAL 74  74  74  VAL VAL A . n 
A 1 75  SER 75  75  75  SER SER A . n 
A 1 76  PHE 76  76  76  PHE PHE A . n 
A 1 77  SER 77  77  77  SER SER A . n 
A 1 78  LYS 78  78  78  LYS LYS A . n 
A 1 79  PRO 79  79  79  PRO PRO A . n 
A 1 80  SER 80  80  80  SER SER A . n 
A 1 81  LEU 81  81  81  LEU LEU A . n 
A 1 82  ILE 82  82  82  ILE ILE A . n 
A 1 83  PHE 83  83  83  PHE PHE A . n 
A 1 84  VAL 84  84  84  VAL VAL A . n 
A 1 85  GLU 85  85  85  GLU GLU A . n 
A 1 86  ALA 86  86  86  ALA ALA A . n 
A 1 87  SER 87  87  87  SER SER A . n 
A 1 88  GLU 88  88  88  GLU GLU A . n 
A 1 89  TYR 89  89  89  TYR TYR A . n 
A 1 90  TYR 90  90  90  TYR TYR A . n 
A 1 91  PRO 91  91  91  PRO PRO A . n 
A 1 92  ALA 92  92  92  ALA ALA A . n 
A 1 93  ARG 93  93  93  ARG ARG A . n 
A 1 94  TYR 94  94  94  TYR TYR A . n 
A 1 95  GLN 95  95  95  GLN GLN A . n 
A 1 96  SER 96  96  96  SER SER A . n 
A 1 97  HIS 97  97  97  HIS HIS A . n 
A 1 98  LEU 98  98  98  LEU LEU A . n 
A 1 99  MET 99  99  99  MET MET A . n 
A 1 100 LEU 100 100 100 LEU LEU A . n 
A 1 101 ALA 101 101 101 ALA ALA A . n 
A 1 102 VAL 102 102 102 VAL VAL A . n 
A 1 103 GLY 103 103 103 GLY GLY A . n 
A 1 104 HIS 104 104 104 HIS HIS A . n 
A 1 105 SER 105 105 105 SER SER A . n 
A 1 106 GLU 106 106 106 GLU GLU A . n 
A 1 107 PRO 107 107 107 PRO PRO A . n 
A 1 108 GLY 108 108 108 GLY GLY A . n 
A 1 109 ASP 109 109 109 ASP ASP A . n 
A 1 110 CYS 110 110 110 CYS CYS A . n 
A 1 111 GLY 111 111 111 GLY GLY A . n 
A 1 112 GLY 112 112 112 GLY GLY A . n 
A 1 113 ILE 113 113 113 ILE ILE A . n 
A 1 114 LEU 114 114 114 LEU LEU A . n 
A 1 115 ARG 115 115 115 ARG ARG A . n 
A 1 116 CYS 116 116 116 CYS CYS A . n 
A 1 117 GLN 117 117 117 GLN GLN A . n 
A 1 118 HIS 118 118 118 HIS HIS A . n 
A 1 119 GLY 119 119 119 GLY GLY A . n 
A 1 120 VAL 120 120 120 VAL VAL A . n 
A 1 121 VAL 121 121 121 VAL VAL A . n 
A 1 122 GLY 122 122 122 GLY GLY A . n 
A 1 123 ILE 123 123 123 ILE ILE A . n 
A 1 124 VAL 124 124 124 VAL VAL A . n 
A 1 125 SER 125 125 125 SER SER A . n 
A 1 126 THR 126 126 126 THR THR A . n 
A 1 127 GLY 127 127 127 GLY GLY A . n 
A 1 128 GLY 128 128 128 GLY GLY A . n 
A 1 129 ASN 129 129 129 ASN ASN A . n 
A 1 130 GLY 130 130 130 GLY GLY A . n 
A 1 131 LEU 131 131 131 LEU LEU A . n 
A 1 132 VAL 132 132 132 VAL VAL A . n 
A 1 133 GLY 133 133 133 GLY GLY A . n 
A 1 134 PHE 134 134 134 PHE PHE A . n 
A 1 135 ALA 135 135 135 ALA ALA A . n 
A 1 136 ASP 136 136 136 ASP ASP A . n 
A 1 137 VAL 137 137 137 VAL VAL A . n 
A 1 138 ARG 138 138 138 ARG ARG A . n 
A 1 139 ASP 139 139 139 ASP ASP A . n 
A 1 140 LEU 140 140 140 LEU LEU A . n 
A 1 141 LEU 141 141 141 LEU LEU A . n 
A 1 142 TRP 142 142 142 TRP TRP A . n 
A 1 143 LEU 143 143 143 LEU LEU A . n 
A 1 144 ASP 144 144 144 ASP ASP A . n 
A 1 145 GLU 145 145 145 GLU GLU A . n 
A 1 146 GLU 146 146 146 GLU GLU A . n 
A 1 147 ALA 147 147 ?   ?   ?   A . n 
A 1 148 MET 148 148 ?   ?   ?   A . n 
A 1 149 GLU 149 149 ?   ?   ?   A . n 
A 1 150 GLN 150 150 ?   ?   ?   A . n 
# 
loop_
_pdbx_nonpoly_scheme.asym_id 
_pdbx_nonpoly_scheme.entity_id 
_pdbx_nonpoly_scheme.mon_id 
_pdbx_nonpoly_scheme.ndb_seq_num 
_pdbx_nonpoly_scheme.pdb_seq_num 
_pdbx_nonpoly_scheme.auth_seq_num 
_pdbx_nonpoly_scheme.pdb_mon_id 
_pdbx_nonpoly_scheme.auth_mon_id 
_pdbx_nonpoly_scheme.pdb_strand_id 
_pdbx_nonpoly_scheme.pdb_ins_code 
B 2 XK7 1   201 147 XK7 LIG A . 
C 3 ZN  1   202 1   ZN  ZN  A . 
D 4 DMS 1   203 -1  DMS DMS A . 
E 4 DMS 1   204 0   DMS DMS A . 
F 4 DMS 1   205 1   DMS DMS A . 
G 4 DMS 1   206 3   DMS DMS A . 
H 4 DMS 1   207 6   DMS DMS A . 
I 4 DMS 1   208 7   DMS DMS A . 
J 5 SO4 1   209 1   SO4 SO4 A . 
K 6 HOH 1   301 227 HOH HOH A . 
K 6 HOH 2   302 137 HOH HOH A . 
K 6 HOH 3   303 3   HOH HOH A . 
K 6 HOH 4   304 93  HOH HOH A . 
K 6 HOH 5   305 103 HOH HOH A . 
K 6 HOH 6   306 217 HOH HOH A . 
K 6 HOH 7   307 234 HOH HOH A . 
K 6 HOH 8   308 108 HOH HOH A . 
K 6 HOH 9   309 77  HOH HOH A . 
K 6 HOH 10  310 148 HOH HOH A . 
K 6 HOH 11  311 255 HOH HOH A . 
K 6 HOH 12  312 186 HOH HOH A . 
K 6 HOH 13  313 245 HOH HOH A . 
K 6 HOH 14  314 34  HOH HOH A . 
K 6 HOH 15  315 183 HOH HOH A . 
K 6 HOH 16  316 180 HOH HOH A . 
K 6 HOH 17  317 173 HOH HOH A . 
K 6 HOH 18  318 193 HOH HOH A . 
K 6 HOH 19  319 94  HOH HOH A . 
K 6 HOH 20  320 107 HOH HOH A . 
K 6 HOH 21  321 79  HOH HOH A . 
K 6 HOH 22  322 219 HOH HOH A . 
K 6 HOH 23  323 68  HOH HOH A . 
K 6 HOH 24  324 191 HOH HOH A . 
K 6 HOH 25  325 181 HOH HOH A . 
K 6 HOH 26  326 133 HOH HOH A . 
K 6 HOH 27  327 249 HOH HOH A . 
K 6 HOH 28  328 30  HOH HOH A . 
K 6 HOH 29  329 65  HOH HOH A . 
K 6 HOH 30  330 147 HOH HOH A . 
K 6 HOH 31  331 4   HOH HOH A . 
K 6 HOH 32  332 46  HOH HOH A . 
K 6 HOH 33  333 104 HOH HOH A . 
K 6 HOH 34  334 116 HOH HOH A . 
K 6 HOH 35  335 152 HOH HOH A . 
K 6 HOH 36  336 67  HOH HOH A . 
K 6 HOH 37  337 59  HOH HOH A . 
K 6 HOH 38  338 70  HOH HOH A . 
K 6 HOH 39  339 16  HOH HOH A . 
K 6 HOH 40  340 37  HOH HOH A . 
K 6 HOH 41  341 109 HOH HOH A . 
K 6 HOH 42  342 13  HOH HOH A . 
K 6 HOH 43  343 113 HOH HOH A . 
K 6 HOH 44  344 24  HOH HOH A . 
K 6 HOH 45  345 60  HOH HOH A . 
K 6 HOH 46  346 21  HOH HOH A . 
K 6 HOH 47  347 36  HOH HOH A . 
K 6 HOH 48  348 33  HOH HOH A . 
K 6 HOH 49  349 81  HOH HOH A . 
K 6 HOH 50  350 195 HOH HOH A . 
K 6 HOH 51  351 2   HOH HOH A . 
K 6 HOH 52  352 111 HOH HOH A . 
K 6 HOH 53  353 88  HOH HOH A . 
K 6 HOH 54  354 161 HOH HOH A . 
K 6 HOH 55  355 43  HOH HOH A . 
K 6 HOH 56  356 178 HOH HOH A . 
K 6 HOH 57  357 49  HOH HOH A . 
K 6 HOH 58  358 168 HOH HOH A . 
K 6 HOH 59  359 211 HOH HOH A . 
K 6 HOH 60  360 141 HOH HOH A . 
K 6 HOH 61  361 7   HOH HOH A . 
K 6 HOH 62  362 97  HOH HOH A . 
K 6 HOH 63  363 28  HOH HOH A . 
K 6 HOH 64  364 72  HOH HOH A . 
K 6 HOH 65  365 121 HOH HOH A . 
K 6 HOH 66  366 144 HOH HOH A . 
K 6 HOH 67  367 52  HOH HOH A . 
K 6 HOH 68  368 12  HOH HOH A . 
K 6 HOH 69  369 167 HOH HOH A . 
K 6 HOH 70  370 53  HOH HOH A . 
K 6 HOH 71  371 82  HOH HOH A . 
K 6 HOH 72  372 91  HOH HOH A . 
K 6 HOH 73  373 26  HOH HOH A . 
K 6 HOH 74  374 9   HOH HOH A . 
K 6 HOH 75  375 184 HOH HOH A . 
K 6 HOH 76  376 29  HOH HOH A . 
K 6 HOH 77  377 50  HOH HOH A . 
K 6 HOH 78  378 216 HOH HOH A . 
K 6 HOH 79  379 25  HOH HOH A . 
K 6 HOH 80  380 84  HOH HOH A . 
K 6 HOH 81  381 19  HOH HOH A . 
K 6 HOH 82  382 27  HOH HOH A . 
K 6 HOH 83  383 124 HOH HOH A . 
K 6 HOH 84  384 256 HOH HOH A . 
K 6 HOH 85  385 90  HOH HOH A . 
K 6 HOH 86  386 119 HOH HOH A . 
K 6 HOH 87  387 112 HOH HOH A . 
K 6 HOH 88  388 126 HOH HOH A . 
K 6 HOH 89  389 210 HOH HOH A . 
K 6 HOH 90  390 39  HOH HOH A . 
K 6 HOH 91  391 63  HOH HOH A . 
K 6 HOH 92  392 179 HOH HOH A . 
K 6 HOH 93  393 47  HOH HOH A . 
K 6 HOH 94  394 204 HOH HOH A . 
K 6 HOH 95  395 254 HOH HOH A . 
K 6 HOH 96  396 182 HOH HOH A . 
K 6 HOH 97  397 18  HOH HOH A . 
K 6 HOH 98  398 45  HOH HOH A . 
K 6 HOH 99  399 71  HOH HOH A . 
K 6 HOH 100 400 169 HOH HOH A . 
K 6 HOH 101 401 48  HOH HOH A . 
K 6 HOH 102 402 170 HOH HOH A . 
K 6 HOH 103 403 55  HOH HOH A . 
K 6 HOH 104 404 14  HOH HOH A . 
K 6 HOH 105 405 198 HOH HOH A . 
K 6 HOH 106 406 248 HOH HOH A . 
K 6 HOH 107 407 257 HOH HOH A . 
K 6 HOH 108 408 106 HOH HOH A . 
K 6 HOH 109 409 174 HOH HOH A . 
K 6 HOH 110 410 62  HOH HOH A . 
K 6 HOH 111 411 120 HOH HOH A . 
K 6 HOH 112 412 100 HOH HOH A . 
K 6 HOH 113 413 177 HOH HOH A . 
K 6 HOH 114 414 42  HOH HOH A . 
K 6 HOH 115 415 214 HOH HOH A . 
K 6 HOH 116 416 15  HOH HOH A . 
K 6 HOH 117 417 197 HOH HOH A . 
K 6 HOH 118 418 138 HOH HOH A . 
K 6 HOH 119 419 66  HOH HOH A . 
K 6 HOH 120 420 132 HOH HOH A . 
K 6 HOH 121 421 155 HOH HOH A . 
K 6 HOH 122 422 136 HOH HOH A . 
K 6 HOH 123 423 20  HOH HOH A . 
K 6 HOH 124 424 250 HOH HOH A . 
K 6 HOH 125 425 54  HOH HOH A . 
K 6 HOH 126 426 78  HOH HOH A . 
K 6 HOH 127 427 17  HOH HOH A . 
K 6 HOH 128 428 105 HOH HOH A . 
K 6 HOH 129 429 123 HOH HOH A . 
K 6 HOH 130 430 146 HOH HOH A . 
K 6 HOH 131 431 11  HOH HOH A . 
K 6 HOH 132 432 38  HOH HOH A . 
K 6 HOH 133 433 31  HOH HOH A . 
K 6 HOH 134 434 8   HOH HOH A . 
K 6 HOH 135 435 95  HOH HOH A . 
K 6 HOH 136 436 203 HOH HOH A . 
K 6 HOH 137 437 80  HOH HOH A . 
K 6 HOH 138 438 118 HOH HOH A . 
K 6 HOH 139 439 135 HOH HOH A . 
K 6 HOH 140 440 220 HOH HOH A . 
K 6 HOH 141 441 89  HOH HOH A . 
K 6 HOH 142 442 23  HOH HOH A . 
K 6 HOH 143 443 58  HOH HOH A . 
K 6 HOH 144 444 253 HOH HOH A . 
K 6 HOH 145 445 237 HOH HOH A . 
K 6 HOH 146 446 76  HOH HOH A . 
K 6 HOH 147 447 64  HOH HOH A . 
K 6 HOH 148 448 246 HOH HOH A . 
K 6 HOH 149 449 102 HOH HOH A . 
K 6 HOH 150 450 10  HOH HOH A . 
K 6 HOH 151 451 5   HOH HOH A . 
K 6 HOH 152 452 230 HOH HOH A . 
K 6 HOH 153 453 215 HOH HOH A . 
K 6 HOH 154 454 96  HOH HOH A . 
K 6 HOH 155 455 176 HOH HOH A . 
K 6 HOH 156 456 69  HOH HOH A . 
K 6 HOH 157 457 233 HOH HOH A . 
K 6 HOH 158 458 51  HOH HOH A . 
K 6 HOH 159 459 110 HOH HOH A . 
K 6 HOH 160 460 74  HOH HOH A . 
K 6 HOH 161 461 6   HOH HOH A . 
K 6 HOH 162 462 35  HOH HOH A . 
K 6 HOH 163 463 218 HOH HOH A . 
K 6 HOH 164 464 61  HOH HOH A . 
K 6 HOH 165 465 212 HOH HOH A . 
K 6 HOH 166 466 128 HOH HOH A . 
K 6 HOH 167 467 156 HOH HOH A . 
K 6 HOH 168 468 192 HOH HOH A . 
K 6 HOH 169 469 226 HOH HOH A . 
K 6 HOH 170 470 157 HOH HOH A . 
K 6 HOH 171 471 159 HOH HOH A . 
K 6 HOH 172 472 213 HOH HOH A . 
K 6 HOH 173 473 231 HOH HOH A . 
K 6 HOH 174 474 98  HOH HOH A . 
K 6 HOH 175 475 154 HOH HOH A . 
K 6 HOH 176 476 22  HOH HOH A . 
K 6 HOH 177 477 162 HOH HOH A . 
K 6 HOH 178 478 101 HOH HOH A . 
K 6 HOH 179 479 171 HOH HOH A . 
K 6 HOH 180 480 117 HOH HOH A . 
K 6 HOH 181 481 41  HOH HOH A . 
K 6 HOH 182 482 201 HOH HOH A . 
K 6 HOH 183 483 158 HOH HOH A . 
K 6 HOH 184 484 175 HOH HOH A . 
K 6 HOH 185 485 87  HOH HOH A . 
K 6 HOH 186 486 247 HOH HOH A . 
K 6 HOH 187 487 228 HOH HOH A . 
K 6 HOH 188 488 207 HOH HOH A . 
K 6 HOH 189 489 150 HOH HOH A . 
K 6 HOH 190 490 190 HOH HOH A . 
K 6 HOH 191 491 232 HOH HOH A . 
K 6 HOH 192 492 99  HOH HOH A . 
K 6 HOH 193 493 189 HOH HOH A . 
K 6 HOH 194 494 134 HOH HOH A . 
K 6 HOH 195 495 140 HOH HOH A . 
K 6 HOH 196 496 239 HOH HOH A . 
K 6 HOH 197 497 127 HOH HOH A . 
K 6 HOH 198 498 86  HOH HOH A . 
K 6 HOH 199 499 172 HOH HOH A . 
K 6 HOH 200 500 229 HOH HOH A . 
K 6 HOH 201 501 221 HOH HOH A . 
K 6 HOH 202 502 163 HOH HOH A . 
K 6 HOH 203 503 122 HOH HOH A . 
K 6 HOH 204 504 209 HOH HOH A . 
K 6 HOH 205 505 202 HOH HOH A . 
K 6 HOH 206 506 185 HOH HOH A . 
K 6 HOH 207 507 73  HOH HOH A . 
K 6 HOH 208 508 32  HOH HOH A . 
K 6 HOH 209 509 85  HOH HOH A . 
K 6 HOH 210 510 223 HOH HOH A . 
K 6 HOH 211 511 56  HOH HOH A . 
K 6 HOH 212 512 236 HOH HOH A . 
K 6 HOH 213 513 208 HOH HOH A . 
K 6 HOH 214 514 187 HOH HOH A . 
K 6 HOH 215 515 235 HOH HOH A . 
K 6 HOH 216 516 75  HOH HOH A . 
K 6 HOH 217 517 83  HOH HOH A . 
K 6 HOH 218 518 199 HOH HOH A . 
K 6 HOH 219 519 114 HOH HOH A . 
K 6 HOH 220 520 206 HOH HOH A . 
K 6 HOH 221 521 153 HOH HOH A . 
K 6 HOH 222 522 241 HOH HOH A . 
K 6 HOH 223 523 222 HOH HOH A . 
K 6 HOH 224 524 92  HOH HOH A . 
K 6 HOH 225 525 242 HOH HOH A . 
K 6 HOH 226 526 125 HOH HOH A . 
K 6 HOH 227 527 164 HOH HOH A . 
K 6 HOH 228 528 244 HOH HOH A . 
# 
loop_
_software.classification 
_software.name 
_software.version 
_software.citation_id 
_software.pdbx_ordinal 
refinement       REFMAC  5.8.0267 ? 1 
refinement       REFMAC5 .        ? 2 
'data scaling'   Aimless .        ? 3 
phasing          PHASER  .        ? 4 
'data reduction' XDS     .        ? 5 
# 
_cell.entry_id           7H4S 
_cell.length_a           85.898 
_cell.length_b           56.566 
_cell.length_c           32.427 
_cell.angle_alpha        90.00 
_cell.angle_beta         95.26 
_cell.angle_gamma        90.00 
_cell.Z_PDB              4 
_cell.pdbx_unique_axis   ? 
# 
_symmetry.entry_id                         7H4S 
_symmetry.space_group_name_H-M             'C 1 2 1' 
_symmetry.pdbx_full_space_group_name_H-M   ? 
_symmetry.cell_setting                     ? 
_symmetry.Int_Tables_number                5 
# 
_exptl.entry_id          7H4S 
_exptl.method            'X-RAY DIFFRACTION' 
_exptl.crystals_number   1 
# 
_exptl_crystal.id                    1 
_exptl_crystal.density_meas          ? 
_exptl_crystal.density_Matthews      2.38 
_exptl_crystal.density_percent_sol   48.28 
_exptl_crystal.description           ? 
# 
_exptl_crystal_grow.crystal_id      1 
_exptl_crystal_grow.method          'VAPOR DIFFUSION, SITTING DROP' 
_exptl_crystal_grow.pH              6.05 
_exptl_crystal_grow.temp            293.15 
_exptl_crystal_grow.pdbx_details    '0.1 M MES, pH 6.05, 16 % PEG 20,000' 
_exptl_crystal_grow.temp_details    ? 
_exptl_crystal_grow.pdbx_pH_range   ? 
# 
_diffrn.id                     1 
_diffrn.ambient_temp           100 
_diffrn.crystal_id             1 
_diffrn.ambient_temp_details   ? 
# 
_diffrn_detector.detector               PIXEL 
_diffrn_detector.type                   'DECTRIS EIGER2 XE 16M' 
_diffrn_detector.pdbx_collection_date   2023-12-03 
_diffrn_detector.diffrn_id              1 
_diffrn_detector.details                ? 
# 
_diffrn_radiation.diffrn_id                        1 
_diffrn_radiation.wavelength_id                    1 
_diffrn_radiation.pdbx_diffrn_protocol             'SINGLE WAVELENGTH' 
_diffrn_radiation.pdbx_monochromatic_or_laue_m_l   ? 
_diffrn_radiation.monochromator                    ? 
_diffrn_radiation.pdbx_scattering_type             x-ray 
# 
_diffrn_radiation_wavelength.id           1 
_diffrn_radiation_wavelength.wavelength   0.94054 
_diffrn_radiation_wavelength.wt           1.0 
# 
_diffrn_source.diffrn_id                   1 
_diffrn_source.source                      SYNCHROTRON 
_diffrn_source.type                        'DIAMOND BEAMLINE I03' 
_diffrn_source.pdbx_wavelength_list        0.94054 
_diffrn_source.pdbx_synchrotron_site       Diamond 
_diffrn_source.pdbx_synchrotron_beamline   I03 
_diffrn_source.pdbx_wavelength             ? 
# 
_reflns.entry_id                     7H4S 
_reflns.pdbx_diffrn_id               1 
_reflns.pdbx_ordinal                 1 
_reflns.d_resolution_low             42.77 
_reflns.d_resolution_high            1.13 
_reflns.number_obs                   57090 
_reflns.percent_possible_obs         98.5 
_reflns.pdbx_Rmerge_I_obs            0.084 
_reflns.pdbx_netI_over_sigmaI        10.0 
_reflns.pdbx_redundancy              6.7 
_reflns.pdbx_Rrim_I_all              0.091 
_reflns.pdbx_Rpim_I_all              0.035 
_reflns.pdbx_CC_half                 0.998 
_reflns.pdbx_number_measured_all     383537 
_reflns.pdbx_chi_squared             0.82 
_reflns.observed_criterion_sigma_I   ? 
_reflns.observed_criterion_sigma_F   ? 
_reflns.number_all                   ? 
_reflns.pdbx_Rsym_value              ? 
_reflns.B_iso_Wilson_estimate        ? 
# 
_reflns_shell.pdbx_diffrn_id              1 
_reflns_shell.pdbx_ordinal                1 
_reflns_shell.d_res_high                  1.13 
_reflns_shell.d_res_low                   1.19 
_reflns_shell.number_measured_all         42705 
_reflns_shell.number_unique_obs           7753 
_reflns_shell.Rmerge_I_obs                1.586 
_reflns_shell.pdbx_chi_squared            0.66 
_reflns_shell.pdbx_redundancy             5.5 
_reflns_shell.percent_possible_obs        91.9 
_reflns_shell.pdbx_netI_over_sigmaI_obs   0.9 
_reflns_shell.pdbx_Rrim_I_all             1.752 
_reflns_shell.pdbx_Rpim_I_all             0.729 
_reflns_shell.pdbx_CC_half                0.518 
_reflns_shell.percent_possible_all        ? 
_reflns_shell.pdbx_Rsym_value             ? 
_reflns_shell.meanI_over_sigI_obs         ? 
# 
_refine.pdbx_refine_id                           'X-RAY DIFFRACTION' 
_refine.entry_id                                 7H4S 
_refine.pdbx_diffrn_id                           1 
_refine.pdbx_TLS_residual_ADP_flag               ? 
_refine.ls_number_reflns_obs                     54153 
_refine.ls_number_reflns_all                     ? 
_refine.pdbx_ls_sigma_I                          ? 
_refine.pdbx_ls_sigma_F                          ? 
_refine.pdbx_data_cutoff_high_absF               ? 
_refine.pdbx_data_cutoff_low_absF                ? 
_refine.pdbx_data_cutoff_high_rms_absF           ? 
_refine.ls_d_res_low                             42.80 
_refine.ls_d_res_high                            1.13 
_refine.ls_percent_reflns_obs                    98.15 
_refine.ls_R_factor_obs                          0.17100 
_refine.ls_R_factor_all                          ? 
_refine.ls_R_factor_R_work                       0.17008 
_refine.ls_R_factor_R_free                       0.18822 
_refine.ls_R_factor_R_free_error                 ? 
_refine.ls_R_factor_R_free_error_details         ? 
_refine.ls_percent_reflns_R_free                 4.9 
_refine.ls_number_reflns_R_free                  2788 
_refine.ls_number_parameters                     ? 
_refine.ls_number_restraints                     ? 
_refine.occupancy_min                            ? 
_refine.occupancy_max                            ? 
_refine.correlation_coeff_Fo_to_Fc               0.977 
_refine.correlation_coeff_Fo_to_Fc_free          0.972 
_refine.B_iso_mean                               16.410 
_refine.aniso_B[1][1]                            -0.07 
_refine.aniso_B[2][2]                            0.59 
_refine.aniso_B[3][3]                            -0.49 
_refine.aniso_B[1][2]                            -0.00 
_refine.aniso_B[1][3]                            -0.12 
_refine.aniso_B[2][3]                            0.00 
_refine.solvent_model_details                    MASK 
_refine.solvent_model_param_ksol                 ? 
_refine.solvent_model_param_bsol                 ? 
_refine.pdbx_solvent_vdw_probe_radii             1.20 
_refine.pdbx_solvent_ion_probe_radii             0.80 
_refine.pdbx_solvent_shrinkage_radii             0.80 
_refine.pdbx_ls_cross_valid_method               THROUGHOUT 
_refine.details                                  'HYDROGENS HAVE BEEN ADDED IN THE RIDING POSITIONS' 
_refine.pdbx_starting_model                      ? 
_refine.pdbx_method_to_determine_struct          'MOLECULAR REPLACEMENT' 
_refine.pdbx_isotropic_thermal_model             ? 
_refine.pdbx_stereochemistry_target_values       'MAXIMUM LIKELIHOOD' 
_refine.pdbx_stereochem_target_val_spec_case     ? 
_refine.pdbx_R_Free_selection_details            RANDOM 
_refine.pdbx_overall_ESU_R                       0.035 
_refine.pdbx_overall_ESU_R_Free                  0.037 
_refine.overall_SU_ML                            0.033 
_refine.pdbx_overall_phase_error                 ? 
_refine.overall_SU_B                             0.756 
_refine.overall_SU_R_Cruickshank_DPI             ? 
_refine.pdbx_overall_SU_R_free_Cruickshank_DPI   ? 
_refine.pdbx_overall_SU_R_Blow_DPI               ? 
_refine.pdbx_overall_SU_R_free_Blow_DPI          ? 
# 
_refine_hist.pdbx_refine_id                   'X-RAY DIFFRACTION' 
_refine_hist.cycle_id                         1 
_refine_hist.pdbx_number_atoms_protein        1083 
_refine_hist.pdbx_number_atoms_nucleic_acid   0 
_refine_hist.pdbx_number_atoms_ligand         37 
_refine_hist.number_atoms_solvent             228 
_refine_hist.number_atoms_total               1348 
_refine_hist.d_res_high                       1.13 
_refine_hist.d_res_low                        42.80 
# 
loop_
_refine_ls_restr.type 
_refine_ls_restr.dev_ideal 
_refine_ls_restr.dev_ideal_target 
_refine_ls_restr.weight 
_refine_ls_restr.number 
_refine_ls_restr.pdbx_refine_id 
_refine_ls_restr.pdbx_restraint_function 
r_bond_refined_d             0.012  0.014  ? 1456 'X-RAY DIFFRACTION' ? 
r_bond_other_d               0.001  0.014  ? 1163 'X-RAY DIFFRACTION' ? 
r_angle_refined_deg          1.795  1.636  ? 1749 'X-RAY DIFFRACTION' ? 
r_angle_other_deg            1.489  1.599  ? 2657 'X-RAY DIFFRACTION' ? 
r_dihedral_angle_1_deg       6.631  5.000  ? 166  'X-RAY DIFFRACTION' ? 
r_dihedral_angle_2_deg       31.293 20.423 ? 71   'X-RAY DIFFRACTION' ? 
r_dihedral_angle_3_deg       12.294 15.000 ? 196  'X-RAY DIFFRACTION' ? 
r_dihedral_angle_4_deg       23.811 15.000 ? 12   'X-RAY DIFFRACTION' ? 
r_chiral_restr               0.080  0.200  ? 154  'X-RAY DIFFRACTION' ? 
r_gen_planes_refined         0.010  0.020  ? 1511 'X-RAY DIFFRACTION' ? 
r_gen_planes_other           0.002  0.020  ? 317  'X-RAY DIFFRACTION' ? 
r_nbd_refined                ?      ?      ? ?    'X-RAY DIFFRACTION' ? 
r_nbd_other                  ?      ?      ? ?    'X-RAY DIFFRACTION' ? 
r_nbtor_refined              ?      ?      ? ?    'X-RAY DIFFRACTION' ? 
r_nbtor_other                ?      ?      ? ?    'X-RAY DIFFRACTION' ? 
r_xyhbond_nbd_refined        ?      ?      ? ?    'X-RAY DIFFRACTION' ? 
r_xyhbond_nbd_other          ?      ?      ? ?    'X-RAY DIFFRACTION' ? 
r_metal_ion_refined          ?      ?      ? ?    'X-RAY DIFFRACTION' ? 
r_metal_ion_other            ?      ?      ? ?    'X-RAY DIFFRACTION' ? 
r_symmetry_vdw_refined       ?      ?      ? ?    'X-RAY DIFFRACTION' ? 
r_symmetry_vdw_other         ?      ?      ? ?    'X-RAY DIFFRACTION' ? 
r_symmetry_hbond_refined     ?      ?      ? ?    'X-RAY DIFFRACTION' ? 
r_symmetry_hbond_other       ?      ?      ? ?    'X-RAY DIFFRACTION' ? 
r_symmetry_metal_ion_refined ?      ?      ? ?    'X-RAY DIFFRACTION' ? 
r_symmetry_metal_ion_other   ?      ?      ? ?    'X-RAY DIFFRACTION' ? 
r_mcbond_it                  1.139  1.516  ? 741  'X-RAY DIFFRACTION' ? 
r_mcbond_other               1.181  1.337  ? 682  'X-RAY DIFFRACTION' ? 
r_mcangle_it                 1.926  2.019  ? 810  'X-RAY DIFFRACTION' ? 
r_mcangle_other              1.930  2.026  ? 809  'X-RAY DIFFRACTION' ? 
r_scbond_it                  1.918  1.759  ? 714  'X-RAY DIFFRACTION' ? 
r_scbond_other               1.886  1.712  ? 712  'X-RAY DIFFRACTION' ? 
r_scangle_it                 ?      ?      ? ?    'X-RAY DIFFRACTION' ? 
r_scangle_other              2.742  2.407  ? 928  'X-RAY DIFFRACTION' ? 
r_long_range_B_refined       7.797  19.218 ? 1554 'X-RAY DIFFRACTION' ? 
r_long_range_B_other         7.794  19.259 ? 1555 'X-RAY DIFFRACTION' ? 
r_rigid_bond_restr           ?      ?      ? ?    'X-RAY DIFFRACTION' ? 
r_sphericity_free            ?      ?      ? ?    'X-RAY DIFFRACTION' ? 
r_sphericity_bonded          ?      ?      ? ?    'X-RAY DIFFRACTION' ? 
# 
_refine_ls_shell.pdbx_refine_id                   'X-RAY DIFFRACTION' 
_refine_ls_shell.pdbx_total_number_of_bins_used   20 
_refine_ls_shell.d_res_high                       1.129 
_refine_ls_shell.d_res_low                        1.158 
_refine_ls_shell.number_reflns_R_work             3394 
_refine_ls_shell.R_factor_R_work                  0.335 
_refine_ls_shell.percent_reflns_obs               83.34 
_refine_ls_shell.R_factor_R_free                  0.352 
_refine_ls_shell.R_factor_R_free_error            ? 
_refine_ls_shell.percent_reflns_R_free            ? 
_refine_ls_shell.number_reflns_R_free             177 
_refine_ls_shell.number_reflns_all                ? 
_refine_ls_shell.R_factor_all                     ? 
# 
_struct.entry_id                  7H4S 
_struct.title                     
;Group deposition for crystallographic fragment screening of Coxsackievirus A16 (G-10) 2A protease -- Crystal structure of Coxsackievirus A16 (G-10) 2A protease in complex with Z1415893881 (A71EV2A-x1084)
;
_struct.pdbx_model_details        ? 
_struct.pdbx_CASP_flag            ? 
_struct.pdbx_model_type_details   ? 
# 
_struct_keywords.entry_id        7H4S 
_struct_keywords.pdbx_keywords   HYDROLASE 
_struct_keywords.text            
;Diamond Light Source, I03, ASAP, Coxsackievirus A16, crystallographic fragment screening, PanDDA, Pandda2, XChemExplorer, viral protein, HYDROLASE
;
# 
loop_
_struct_asym.id 
_struct_asym.pdbx_blank_PDB_chainid_flag 
_struct_asym.pdbx_modified 
_struct_asym.entity_id 
_struct_asym.details 
A N N 1 ? 
B N N 2 ? 
C N N 3 ? 
D N N 4 ? 
E N N 4 ? 
F N N 4 ? 
G N N 4 ? 
H N N 4 ? 
I N N 4 ? 
J N N 5 ? 
K N N 6 ? 
# 
_struct_ref.id                         1 
_struct_ref.db_name                    UNP 
_struct_ref.db_code                    POLG_CX16G 
_struct_ref.pdbx_db_accession          Q65900 
_struct_ref.pdbx_db_isoform            ? 
_struct_ref.entity_id                  1 
_struct_ref.pdbx_seq_one_letter_code   
;SGAIYVGNYRVVNRHLATHNDWANLVWEDSSRDLLVSSTTAQGCDTIARCDCQTGVYYCSSRRKHYPVSFSKPSLIFVEA
SEYYPARYQSHLMLAVGHSEPGDCGGILRCQHGVVGIVSTGGNGLVGFADVRDLLWLDEEAMEQ
;
_struct_ref.pdbx_align_begin           869 
# 
_struct_ref_seq.align_id                      1 
_struct_ref_seq.ref_id                        1 
_struct_ref_seq.pdbx_PDB_id_code              7H4S 
_struct_ref_seq.pdbx_strand_id                A 
_struct_ref_seq.seq_align_beg                 7 
_struct_ref_seq.pdbx_seq_align_beg_ins_code   ? 
_struct_ref_seq.seq_align_end                 150 
_struct_ref_seq.pdbx_seq_align_end_ins_code   ? 
_struct_ref_seq.pdbx_db_accession             Q65900 
_struct_ref_seq.db_align_beg                  869 
_struct_ref_seq.pdbx_db_align_beg_ins_code    ? 
_struct_ref_seq.db_align_end                  1012 
_struct_ref_seq.pdbx_db_align_end_ins_code    ? 
_struct_ref_seq.pdbx_auth_seq_align_beg       7 
_struct_ref_seq.pdbx_auth_seq_align_end       150 
# 
loop_
_struct_ref_seq_dif.align_id 
_struct_ref_seq_dif.pdbx_pdb_id_code 
_struct_ref_seq_dif.mon_id 
_struct_ref_seq_dif.pdbx_pdb_strand_id 
_struct_ref_seq_dif.seq_num 
_struct_ref_seq_dif.pdbx_pdb_ins_code 
_struct_ref_seq_dif.pdbx_seq_db_name 
_struct_ref_seq_dif.pdbx_seq_db_accession_code 
_struct_ref_seq_dif.db_mon_id 
_struct_ref_seq_dif.pdbx_seq_db_seq_num 
_struct_ref_seq_dif.details 
_struct_ref_seq_dif.pdbx_auth_seq_num 
_struct_ref_seq_dif.pdbx_ordinal 
1 7H4S GLN A 1 ? UNP Q65900 ? ? 'expression tag' 1 1 
1 7H4S GLU A 2 ? UNP Q65900 ? ? 'expression tag' 2 2 
1 7H4S GLN A 3 ? UNP Q65900 ? ? 'expression tag' 3 3 
1 7H4S THR A 4 ? UNP Q65900 ? ? 'expression tag' 4 4 
1 7H4S GLY A 5 ? UNP Q65900 ? ? 'expression tag' 5 5 
1 7H4S GLY A 6 ? UNP Q65900 ? ? 'expression tag' 6 6 
# 
_pdbx_struct_assembly.id                   1 
_pdbx_struct_assembly.details              author_and_software_defined_assembly 
_pdbx_struct_assembly.method_details       PISA 
_pdbx_struct_assembly.oligomeric_details   monomeric 
_pdbx_struct_assembly.oligomeric_count     1 
# 
loop_
_pdbx_struct_assembly_prop.biol_id 
_pdbx_struct_assembly_prop.type 
_pdbx_struct_assembly_prop.value 
_pdbx_struct_assembly_prop.details 
1 'ABSA (A^2)' 1040 ? 
1 MORE         -4   ? 
1 'SSA (A^2)'  7530 ? 
# 
_pdbx_struct_assembly_gen.assembly_id       1 
_pdbx_struct_assembly_gen.oper_expression   1 
_pdbx_struct_assembly_gen.asym_id_list      A,B,C,D,E,F,G,H,I,J,K 
# 
_pdbx_struct_oper_list.id                   1 
_pdbx_struct_oper_list.type                 'identity operation' 
_pdbx_struct_oper_list.name                 1_555 
_pdbx_struct_oper_list.symmetry_operation   x,y,z 
_pdbx_struct_oper_list.matrix[1][1]         1.0000000000 
_pdbx_struct_oper_list.matrix[1][2]         0.0000000000 
_pdbx_struct_oper_list.matrix[1][3]         0.0000000000 
_pdbx_struct_oper_list.vector[1]            0.0000000000 
_pdbx_struct_oper_list.matrix[2][1]         0.0000000000 
_pdbx_struct_oper_list.matrix[2][2]         1.0000000000 
_pdbx_struct_oper_list.matrix[2][3]         0.0000000000 
_pdbx_struct_oper_list.vector[2]            0.0000000000 
_pdbx_struct_oper_list.matrix[3][1]         0.0000000000 
_pdbx_struct_oper_list.matrix[3][2]         0.0000000000 
_pdbx_struct_oper_list.matrix[3][3]         1.0000000000 
_pdbx_struct_oper_list.vector[3]            0.0000000000 
# 
loop_
_struct_conf.conf_type_id 
_struct_conf.id 
_struct_conf.pdbx_PDB_helix_id 
_struct_conf.beg_label_comp_id 
_struct_conf.beg_label_asym_id 
_struct_conf.beg_label_seq_id 
_struct_conf.pdbx_beg_PDB_ins_code 
_struct_conf.end_label_comp_id 
_struct_conf.end_label_asym_id 
_struct_conf.end_label_seq_id 
_struct_conf.pdbx_end_PDB_ins_code 
_struct_conf.beg_auth_comp_id 
_struct_conf.beg_auth_asym_id 
_struct_conf.beg_auth_seq_id 
_struct_conf.end_auth_comp_id 
_struct_conf.end_auth_asym_id 
_struct_conf.end_auth_seq_id 
_struct_conf.pdbx_PDB_helix_class 
_struct_conf.details 
_struct_conf.pdbx_PDB_helix_length 
HELX_P HELX_P1 AA1 HIS A 21  ? ALA A 23  ? HIS A 21  ALA A 23  5 ? 3 
HELX_P HELX_P2 AA2 THR A 24  ? ASN A 30  ? THR A 24  ASN A 30  1 ? 7 
HELX_P HELX_P3 AA3 SER A 36  ? ARG A 38  ? SER A 36  ARG A 38  5 ? 3 
HELX_P HELX_P4 AA4 SER A 66  ? ARG A 69  ? SER A 66  ARG A 69  5 ? 4 
HELX_P HELX_P5 AA5 GLU A 106 ? CYS A 110 ? GLU A 106 CYS A 110 5 ? 5 
HELX_P HELX_P6 AA6 LEU A 140 ? GLU A 145 ? LEU A 140 GLU A 145 5 ? 6 
# 
_struct_conf_type.id          HELX_P 
_struct_conf_type.criteria    ? 
_struct_conf_type.reference   ? 
# 
loop_
_struct_conn.id 
_struct_conn.conn_type_id 
_struct_conn.pdbx_leaving_atom_flag 
_struct_conn.pdbx_PDB_id 
_struct_conn.ptnr1_label_asym_id 
_struct_conn.ptnr1_label_comp_id 
_struct_conn.ptnr1_label_seq_id 
_struct_conn.ptnr1_label_atom_id 
_struct_conn.pdbx_ptnr1_label_alt_id 
_struct_conn.pdbx_ptnr1_PDB_ins_code 
_struct_conn.pdbx_ptnr1_standard_comp_id 
_struct_conn.ptnr1_symmetry 
_struct_conn.ptnr2_label_asym_id 
_struct_conn.ptnr2_label_comp_id 
_struct_conn.ptnr2_label_seq_id 
_struct_conn.ptnr2_label_atom_id 
_struct_conn.pdbx_ptnr2_label_alt_id 
_struct_conn.pdbx_ptnr2_PDB_ins_code 
_struct_conn.ptnr1_auth_asym_id 
_struct_conn.ptnr1_auth_comp_id 
_struct_conn.ptnr1_auth_seq_id 
_struct_conn.ptnr2_auth_asym_id 
_struct_conn.ptnr2_auth_comp_id 
_struct_conn.ptnr2_auth_seq_id 
_struct_conn.ptnr2_symmetry 
_struct_conn.pdbx_ptnr3_label_atom_id 
_struct_conn.pdbx_ptnr3_label_seq_id 
_struct_conn.pdbx_ptnr3_label_comp_id 
_struct_conn.pdbx_ptnr3_label_asym_id 
_struct_conn.pdbx_ptnr3_label_alt_id 
_struct_conn.pdbx_ptnr3_PDB_ins_code 
_struct_conn.details 
_struct_conn.pdbx_dist_value 
_struct_conn.pdbx_value_order 
_struct_conn.pdbx_role 
metalc1 metalc ? ? A CYS 56  SG  ? ? ? 1_555 C ZN . ZN ? ? A CYS 56  A ZN 202 1_555 ? ? ? ? ? ? ? 2.338 ? ? 
metalc2 metalc ? ? A CYS 58  SG  ? ? ? 1_555 C ZN . ZN ? ? A CYS 58  A ZN 202 1_555 ? ? ? ? ? ? ? 2.303 ? ? 
metalc3 metalc ? ? A CYS 116 SG  ? ? ? 1_555 C ZN . ZN ? ? A CYS 116 A ZN 202 1_555 ? ? ? ? ? ? ? 2.277 ? ? 
metalc4 metalc ? ? A HIS 118 ND1 ? ? ? 1_555 C ZN . ZN ? ? A HIS 118 A ZN 202 1_555 ? ? ? ? ? ? ? 2.058 ? ? 
# 
_struct_conn_type.id          metalc 
_struct_conn_type.criteria    ? 
_struct_conn_type.reference   ? 
# 
loop_
_pdbx_struct_conn_angle.id 
_pdbx_struct_conn_angle.ptnr1_label_atom_id 
_pdbx_struct_conn_angle.ptnr1_label_alt_id 
_pdbx_struct_conn_angle.ptnr1_label_asym_id 
_pdbx_struct_conn_angle.ptnr1_label_comp_id 
_pdbx_struct_conn_angle.ptnr1_label_seq_id 
_pdbx_struct_conn_angle.ptnr1_auth_atom_id 
_pdbx_struct_conn_angle.ptnr1_auth_asym_id 
_pdbx_struct_conn_angle.ptnr1_auth_comp_id 
_pdbx_struct_conn_angle.ptnr1_auth_seq_id 
_pdbx_struct_conn_angle.ptnr1_PDB_ins_code 
_pdbx_struct_conn_angle.ptnr1_symmetry 
_pdbx_struct_conn_angle.ptnr2_label_atom_id 
_pdbx_struct_conn_angle.ptnr2_label_alt_id 
_pdbx_struct_conn_angle.ptnr2_label_asym_id 
_pdbx_struct_conn_angle.ptnr2_label_comp_id 
_pdbx_struct_conn_angle.ptnr2_label_seq_id 
_pdbx_struct_conn_angle.ptnr2_auth_atom_id 
_pdbx_struct_conn_angle.ptnr2_auth_asym_id 
_pdbx_struct_conn_angle.ptnr2_auth_comp_id 
_pdbx_struct_conn_angle.ptnr2_auth_seq_id 
_pdbx_struct_conn_angle.ptnr2_PDB_ins_code 
_pdbx_struct_conn_angle.ptnr2_symmetry 
_pdbx_struct_conn_angle.ptnr3_label_atom_id 
_pdbx_struct_conn_angle.ptnr3_label_alt_id 
_pdbx_struct_conn_angle.ptnr3_label_asym_id 
_pdbx_struct_conn_angle.ptnr3_label_comp_id 
_pdbx_struct_conn_angle.ptnr3_label_seq_id 
_pdbx_struct_conn_angle.ptnr3_auth_atom_id 
_pdbx_struct_conn_angle.ptnr3_auth_asym_id 
_pdbx_struct_conn_angle.ptnr3_auth_comp_id 
_pdbx_struct_conn_angle.ptnr3_auth_seq_id 
_pdbx_struct_conn_angle.ptnr3_PDB_ins_code 
_pdbx_struct_conn_angle.ptnr3_symmetry 
_pdbx_struct_conn_angle.value 
_pdbx_struct_conn_angle.value_esd 
1 SG ? A CYS 56  ? A CYS 56  ? 1_555 ZN ? C ZN . ? A ZN 202 ? 1_555 SG  ? A CYS 58  ? A CYS 58  ? 1_555 109.4 ? 
2 SG ? A CYS 56  ? A CYS 56  ? 1_555 ZN ? C ZN . ? A ZN 202 ? 1_555 SG  ? A CYS 116 ? A CYS 116 ? 1_555 106.7 ? 
3 SG ? A CYS 58  ? A CYS 58  ? 1_555 ZN ? C ZN . ? A ZN 202 ? 1_555 SG  ? A CYS 116 ? A CYS 116 ? 1_555 118.0 ? 
4 SG ? A CYS 56  ? A CYS 56  ? 1_555 ZN ? C ZN . ? A ZN 202 ? 1_555 ND1 ? A HIS 118 ? A HIS 118 ? 1_555 105.6 ? 
5 SG ? A CYS 58  ? A CYS 58  ? 1_555 ZN ? C ZN . ? A ZN 202 ? 1_555 ND1 ? A HIS 118 ? A HIS 118 ? 1_555 101.1 ? 
6 SG ? A CYS 116 ? A CYS 116 ? 1_555 ZN ? C ZN . ? A ZN 202 ? 1_555 ND1 ? A HIS 118 ? A HIS 118 ? 1_555 115.4 ? 
# 
loop_
_struct_sheet.id 
_struct_sheet.type 
_struct_sheet.number_strands 
_struct_sheet.details 
AA1 ? 4 ? 
AA2 ? 7 ? 
# 
loop_
_struct_sheet_order.sheet_id 
_struct_sheet_order.range_id_1 
_struct_sheet_order.range_id_2 
_struct_sheet_order.offset 
_struct_sheet_order.sense 
AA1 1 2 ? anti-parallel 
AA1 2 3 ? anti-parallel 
AA1 3 4 ? anti-parallel 
AA2 1 2 ? anti-parallel 
AA2 2 3 ? anti-parallel 
AA2 3 4 ? anti-parallel 
AA2 4 5 ? anti-parallel 
AA2 5 6 ? anti-parallel 
AA2 6 7 ? anti-parallel 
# 
loop_
_struct_sheet_range.sheet_id 
_struct_sheet_range.id 
_struct_sheet_range.beg_label_comp_id 
_struct_sheet_range.beg_label_asym_id 
_struct_sheet_range.beg_label_seq_id 
_struct_sheet_range.pdbx_beg_PDB_ins_code 
_struct_sheet_range.end_label_comp_id 
_struct_sheet_range.end_label_asym_id 
_struct_sheet_range.end_label_seq_id 
_struct_sheet_range.pdbx_end_PDB_ins_code 
_struct_sheet_range.beg_auth_comp_id 
_struct_sheet_range.beg_auth_asym_id 
_struct_sheet_range.beg_auth_seq_id 
_struct_sheet_range.end_auth_comp_id 
_struct_sheet_range.end_auth_asym_id 
_struct_sheet_range.end_auth_seq_id 
AA1 1 ILE A 10  ? VAL A 12  ? ILE A 10  VAL A 12  
AA1 2 TYR A 15  ? ASN A 19  ? TYR A 15  ASN A 19  
AA1 3 LEU A 40  ? SER A 44  ? LEU A 40  SER A 44  
AA1 4 LEU A 31  ? ASP A 35  ? LEU A 31  ASP A 35  
AA2 1 LYS A 70  ? SER A 75  ? LYS A 70  SER A 75  
AA2 2 THR A 60  ? CYS A 65  ? THR A 60  CYS A 65  
AA2 3 ILE A 113 ? CYS A 116 ? ILE A 113 CYS A 116 
AA2 4 GLY A 119 ? THR A 126 ? GLY A 119 THR A 126 
AA2 5 LEU A 131 ? ASP A 136 ? LEU A 131 ASP A 136 
AA2 6 ARG A 93  ? VAL A 102 ? ARG A 93  VAL A 102 
AA2 7 SER A 80  ? VAL A 84  ? SER A 80  VAL A 84  
# 
loop_
_pdbx_struct_sheet_hbond.sheet_id 
_pdbx_struct_sheet_hbond.range_id_1 
_pdbx_struct_sheet_hbond.range_id_2 
_pdbx_struct_sheet_hbond.range_1_label_atom_id 
_pdbx_struct_sheet_hbond.range_1_label_comp_id 
_pdbx_struct_sheet_hbond.range_1_label_asym_id 
_pdbx_struct_sheet_hbond.range_1_label_seq_id 
_pdbx_struct_sheet_hbond.range_1_PDB_ins_code 
_pdbx_struct_sheet_hbond.range_1_auth_atom_id 
_pdbx_struct_sheet_hbond.range_1_auth_comp_id 
_pdbx_struct_sheet_hbond.range_1_auth_asym_id 
_pdbx_struct_sheet_hbond.range_1_auth_seq_id 
_pdbx_struct_sheet_hbond.range_2_label_atom_id 
_pdbx_struct_sheet_hbond.range_2_label_comp_id 
_pdbx_struct_sheet_hbond.range_2_label_asym_id 
_pdbx_struct_sheet_hbond.range_2_label_seq_id 
_pdbx_struct_sheet_hbond.range_2_PDB_ins_code 
_pdbx_struct_sheet_hbond.range_2_auth_atom_id 
_pdbx_struct_sheet_hbond.range_2_auth_comp_id 
_pdbx_struct_sheet_hbond.range_2_auth_asym_id 
_pdbx_struct_sheet_hbond.range_2_auth_seq_id 
AA1 1 2 N ILE A 10  ? N ILE A 10  O VAL A 17  ? O VAL A 17  
AA1 2 3 N VAL A 18  ? N VAL A 18  O LEU A 41  ? O LEU A 41  
AA1 3 4 O VAL A 42  ? O VAL A 42  N TRP A 33  ? N TRP A 33  
AA2 1 2 O LYS A 70  ? O LYS A 70  N CYS A 65  ? N CYS A 65  
AA2 2 3 N VAL A 62  ? N VAL A 62  O ARG A 115 ? O ARG A 115 
AA2 3 4 N LEU A 114 ? N LEU A 114 O VAL A 121 ? O VAL A 121 
AA2 4 5 N SER A 125 ? N SER A 125 O GLY A 133 ? O GLY A 133 
AA2 5 6 O PHE A 134 ? O PHE A 134 N MET A 99  ? N MET A 99  
AA2 6 7 O ARG A 93  ? O ARG A 93  N VAL A 84  ? N VAL A 84  
# 
_pdbx_entry_details.entry_id                   7H4S 
_pdbx_entry_details.compound_details           ? 
_pdbx_entry_details.source_details             ? 
_pdbx_entry_details.nonpolymer_details         ? 
_pdbx_entry_details.sequence_details           ? 
_pdbx_entry_details.has_ligand_of_interest     ? 
_pdbx_entry_details.has_protein_modification   N 
# 
loop_
_pdbx_validate_close_contact.id 
_pdbx_validate_close_contact.PDB_model_num 
_pdbx_validate_close_contact.auth_atom_id_1 
_pdbx_validate_close_contact.auth_asym_id_1 
_pdbx_validate_close_contact.auth_comp_id_1 
_pdbx_validate_close_contact.auth_seq_id_1 
_pdbx_validate_close_contact.PDB_ins_code_1 
_pdbx_validate_close_contact.label_alt_id_1 
_pdbx_validate_close_contact.auth_atom_id_2 
_pdbx_validate_close_contact.auth_asym_id_2 
_pdbx_validate_close_contact.auth_comp_id_2 
_pdbx_validate_close_contact.auth_seq_id_2 
_pdbx_validate_close_contact.PDB_ins_code_2 
_pdbx_validate_close_contact.label_alt_id_2 
_pdbx_validate_close_contact.dist 
1 1 O  A HOH 305 ? ? O A HOH 384 ? ? 1.86 
2 1 O  A HOH 302 ? ? O A HOH 311 ? ? 1.97 
3 1 O  A HOH 324 ? ? O A HOH 327 ? ? 2.07 
4 1 CB A CYS 50  ? ? O A HOH 406 ? ? 2.10 
5 1 OH A TYR 94  ? ? O A HOH 301 ? ? 2.11 
# 
loop_
_pdbx_validate_symm_contact.id 
_pdbx_validate_symm_contact.PDB_model_num 
_pdbx_validate_symm_contact.auth_atom_id_1 
_pdbx_validate_symm_contact.auth_asym_id_1 
_pdbx_validate_symm_contact.auth_comp_id_1 
_pdbx_validate_symm_contact.auth_seq_id_1 
_pdbx_validate_symm_contact.PDB_ins_code_1 
_pdbx_validate_symm_contact.label_alt_id_1 
_pdbx_validate_symm_contact.site_symmetry_1 
_pdbx_validate_symm_contact.auth_atom_id_2 
_pdbx_validate_symm_contact.auth_asym_id_2 
_pdbx_validate_symm_contact.auth_comp_id_2 
_pdbx_validate_symm_contact.auth_seq_id_2 
_pdbx_validate_symm_contact.PDB_ins_code_2 
_pdbx_validate_symm_contact.label_alt_id_2 
_pdbx_validate_symm_contact.site_symmetry_2 
_pdbx_validate_symm_contact.dist 
1 1 O4 A SO4 209 ? ? 1_555 O4 A SO4 209 ? ? 2_556 1.71 
2 1 O  A HOH 350 ? ? 1_555 O  A HOH 495 ? ? 4_556 2.08 
# 
_pdbx_distant_solvent_atoms.id                                1 
_pdbx_distant_solvent_atoms.PDB_model_num                     1 
_pdbx_distant_solvent_atoms.auth_atom_id                      O 
_pdbx_distant_solvent_atoms.label_alt_id                      ? 
_pdbx_distant_solvent_atoms.auth_asym_id                      A 
_pdbx_distant_solvent_atoms.auth_comp_id                      HOH 
_pdbx_distant_solvent_atoms.auth_seq_id                       528 
_pdbx_distant_solvent_atoms.PDB_ins_code                      ? 
_pdbx_distant_solvent_atoms.neighbor_macromolecule_distance   8.05 
_pdbx_distant_solvent_atoms.neighbor_ligand_distance          . 
# 
loop_
_pdbx_unobs_or_zero_occ_residues.id 
_pdbx_unobs_or_zero_occ_residues.PDB_model_num 
_pdbx_unobs_or_zero_occ_residues.polymer_flag 
_pdbx_unobs_or_zero_occ_residues.occupancy_flag 
_pdbx_unobs_or_zero_occ_residues.auth_asym_id 
_pdbx_unobs_or_zero_occ_residues.auth_comp_id 
_pdbx_unobs_or_zero_occ_residues.auth_seq_id 
_pdbx_unobs_or_zero_occ_residues.PDB_ins_code 
_pdbx_unobs_or_zero_occ_residues.label_asym_id 
_pdbx_unobs_or_zero_occ_residues.label_comp_id 
_pdbx_unobs_or_zero_occ_residues.label_seq_id 
1  1 Y 1 A GLN 1   ? A GLN 1   
2  1 Y 1 A GLU 2   ? A GLU 2   
3  1 Y 1 A GLN 3   ? A GLN 3   
4  1 Y 1 A THR 4   ? A THR 4   
5  1 Y 1 A GLY 5   ? A GLY 5   
6  1 Y 1 A GLY 6   ? A GLY 6   
7  1 Y 1 A ALA 147 ? A ALA 147 
8  1 Y 1 A MET 148 ? A MET 148 
9  1 Y 1 A GLU 149 ? A GLU 149 
10 1 Y 1 A GLN 150 ? A GLN 150 
# 
loop_
_chem_comp_atom.comp_id 
_chem_comp_atom.atom_id 
_chem_comp_atom.type_symbol 
_chem_comp_atom.pdbx_aromatic_flag 
_chem_comp_atom.pdbx_stereo_config 
_chem_comp_atom.pdbx_ordinal 
ALA N    N  N N 1   
ALA CA   C  N S 2   
ALA C    C  N N 3   
ALA O    O  N N 4   
ALA CB   C  N N 5   
ALA OXT  O  N N 6   
ALA H    H  N N 7   
ALA H2   H  N N 8   
ALA HA   H  N N 9   
ALA HB1  H  N N 10  
ALA HB2  H  N N 11  
ALA HB3  H  N N 12  
ALA HXT  H  N N 13  
ARG N    N  N N 14  
ARG CA   C  N S 15  
ARG C    C  N N 16  
ARG O    O  N N 17  
ARG CB   C  N N 18  
ARG CG   C  N N 19  
ARG CD   C  N N 20  
ARG NE   N  N N 21  
ARG CZ   C  N N 22  
ARG NH1  N  N N 23  
ARG NH2  N  N N 24  
ARG OXT  O  N N 25  
ARG H    H  N N 26  
ARG H2   H  N N 27  
ARG HA   H  N N 28  
ARG HB2  H  N N 29  
ARG HB3  H  N N 30  
ARG HG2  H  N N 31  
ARG HG3  H  N N 32  
ARG HD2  H  N N 33  
ARG HD3  H  N N 34  
ARG HE   H  N N 35  
ARG HH11 H  N N 36  
ARG HH12 H  N N 37  
ARG HH21 H  N N 38  
ARG HH22 H  N N 39  
ARG HXT  H  N N 40  
ASN N    N  N N 41  
ASN CA   C  N S 42  
ASN C    C  N N 43  
ASN O    O  N N 44  
ASN CB   C  N N 45  
ASN CG   C  N N 46  
ASN OD1  O  N N 47  
ASN ND2  N  N N 48  
ASN OXT  O  N N 49  
ASN H    H  N N 50  
ASN H2   H  N N 51  
ASN HA   H  N N 52  
ASN HB2  H  N N 53  
ASN HB3  H  N N 54  
ASN HD21 H  N N 55  
ASN HD22 H  N N 56  
ASN HXT  H  N N 57  
ASP N    N  N N 58  
ASP CA   C  N S 59  
ASP C    C  N N 60  
ASP O    O  N N 61  
ASP CB   C  N N 62  
ASP CG   C  N N 63  
ASP OD1  O  N N 64  
ASP OD2  O  N N 65  
ASP OXT  O  N N 66  
ASP H    H  N N 67  
ASP H2   H  N N 68  
ASP HA   H  N N 69  
ASP HB2  H  N N 70  
ASP HB3  H  N N 71  
ASP HD2  H  N N 72  
ASP HXT  H  N N 73  
CYS N    N  N N 74  
CYS CA   C  N R 75  
CYS C    C  N N 76  
CYS O    O  N N 77  
CYS CB   C  N N 78  
CYS SG   S  N N 79  
CYS OXT  O  N N 80  
CYS H    H  N N 81  
CYS H2   H  N N 82  
CYS HA   H  N N 83  
CYS HB2  H  N N 84  
CYS HB3  H  N N 85  
CYS HG   H  N N 86  
CYS HXT  H  N N 87  
DMS S    S  N N 88  
DMS O    O  N N 89  
DMS C1   C  N N 90  
DMS C2   C  N N 91  
DMS H11  H  N N 92  
DMS H12  H  N N 93  
DMS H13  H  N N 94  
DMS H21  H  N N 95  
DMS H22  H  N N 96  
DMS H23  H  N N 97  
GLN N    N  N N 98  
GLN CA   C  N S 99  
GLN C    C  N N 100 
GLN O    O  N N 101 
GLN CB   C  N N 102 
GLN CG   C  N N 103 
GLN CD   C  N N 104 
GLN OE1  O  N N 105 
GLN NE2  N  N N 106 
GLN OXT  O  N N 107 
GLN H    H  N N 108 
GLN H2   H  N N 109 
GLN HA   H  N N 110 
GLN HB2  H  N N 111 
GLN HB3  H  N N 112 
GLN HG2  H  N N 113 
GLN HG3  H  N N 114 
GLN HE21 H  N N 115 
GLN HE22 H  N N 116 
GLN HXT  H  N N 117 
GLU N    N  N N 118 
GLU CA   C  N S 119 
GLU C    C  N N 120 
GLU O    O  N N 121 
GLU CB   C  N N 122 
GLU CG   C  N N 123 
GLU CD   C  N N 124 
GLU OE1  O  N N 125 
GLU OE2  O  N N 126 
GLU OXT  O  N N 127 
GLU H    H  N N 128 
GLU H2   H  N N 129 
GLU HA   H  N N 130 
GLU HB2  H  N N 131 
GLU HB3  H  N N 132 
GLU HG2  H  N N 133 
GLU HG3  H  N N 134 
GLU HE2  H  N N 135 
GLU HXT  H  N N 136 
GLY N    N  N N 137 
GLY CA   C  N N 138 
GLY C    C  N N 139 
GLY O    O  N N 140 
GLY OXT  O  N N 141 
GLY H    H  N N 142 
GLY H2   H  N N 143 
GLY HA2  H  N N 144 
GLY HA3  H  N N 145 
GLY HXT  H  N N 146 
HIS N    N  N N 147 
HIS CA   C  N S 148 
HIS C    C  N N 149 
HIS O    O  N N 150 
HIS CB   C  N N 151 
HIS CG   C  Y N 152 
HIS ND1  N  Y N 153 
HIS CD2  C  Y N 154 
HIS CE1  C  Y N 155 
HIS NE2  N  Y N 156 
HIS OXT  O  N N 157 
HIS H    H  N N 158 
HIS H2   H  N N 159 
HIS HA   H  N N 160 
HIS HB2  H  N N 161 
HIS HB3  H  N N 162 
HIS HD1  H  N N 163 
HIS HD2  H  N N 164 
HIS HE1  H  N N 165 
HIS HE2  H  N N 166 
HIS HXT  H  N N 167 
HOH O    O  N N 168 
HOH H1   H  N N 169 
HOH H2   H  N N 170 
ILE N    N  N N 171 
ILE CA   C  N S 172 
ILE C    C  N N 173 
ILE O    O  N N 174 
ILE CB   C  N S 175 
ILE CG1  C  N N 176 
ILE CG2  C  N N 177 
ILE CD1  C  N N 178 
ILE OXT  O  N N 179 
ILE H    H  N N 180 
ILE H2   H  N N 181 
ILE HA   H  N N 182 
ILE HB   H  N N 183 
ILE HG12 H  N N 184 
ILE HG13 H  N N 185 
ILE HG21 H  N N 186 
ILE HG22 H  N N 187 
ILE HG23 H  N N 188 
ILE HD11 H  N N 189 
ILE HD12 H  N N 190 
ILE HD13 H  N N 191 
ILE HXT  H  N N 192 
LEU N    N  N N 193 
LEU CA   C  N S 194 
LEU C    C  N N 195 
LEU O    O  N N 196 
LEU CB   C  N N 197 
LEU CG   C  N N 198 
LEU CD1  C  N N 199 
LEU CD2  C  N N 200 
LEU OXT  O  N N 201 
LEU H    H  N N 202 
LEU H2   H  N N 203 
LEU HA   H  N N 204 
LEU HB2  H  N N 205 
LEU HB3  H  N N 206 
LEU HG   H  N N 207 
LEU HD11 H  N N 208 
LEU HD12 H  N N 209 
LEU HD13 H  N N 210 
LEU HD21 H  N N 211 
LEU HD22 H  N N 212 
LEU HD23 H  N N 213 
LEU HXT  H  N N 214 
LYS N    N  N N 215 
LYS CA   C  N S 216 
LYS C    C  N N 217 
LYS O    O  N N 218 
LYS CB   C  N N 219 
LYS CG   C  N N 220 
LYS CD   C  N N 221 
LYS CE   C  N N 222 
LYS NZ   N  N N 223 
LYS OXT  O  N N 224 
LYS H    H  N N 225 
LYS H2   H  N N 226 
LYS HA   H  N N 227 
LYS HB2  H  N N 228 
LYS HB3  H  N N 229 
LYS HG2  H  N N 230 
LYS HG3  H  N N 231 
LYS HD2  H  N N 232 
LYS HD3  H  N N 233 
LYS HE2  H  N N 234 
LYS HE3  H  N N 235 
LYS HZ1  H  N N 236 
LYS HZ2  H  N N 237 
LYS HZ3  H  N N 238 
LYS HXT  H  N N 239 
MET N    N  N N 240 
MET CA   C  N S 241 
MET C    C  N N 242 
MET O    O  N N 243 
MET CB   C  N N 244 
MET CG   C  N N 245 
MET SD   S  N N 246 
MET CE   C  N N 247 
MET OXT  O  N N 248 
MET H    H  N N 249 
MET H2   H  N N 250 
MET HA   H  N N 251 
MET HB2  H  N N 252 
MET HB3  H  N N 253 
MET HG2  H  N N 254 
MET HG3  H  N N 255 
MET HE1  H  N N 256 
MET HE2  H  N N 257 
MET HE3  H  N N 258 
MET HXT  H  N N 259 
PHE N    N  N N 260 
PHE CA   C  N S 261 
PHE C    C  N N 262 
PHE O    O  N N 263 
PHE CB   C  N N 264 
PHE CG   C  Y N 265 
PHE CD1  C  Y N 266 
PHE CD2  C  Y N 267 
PHE CE1  C  Y N 268 
PHE CE2  C  Y N 269 
PHE CZ   C  Y N 270 
PHE OXT  O  N N 271 
PHE H    H  N N 272 
PHE H2   H  N N 273 
PHE HA   H  N N 274 
PHE HB2  H  N N 275 
PHE HB3  H  N N 276 
PHE HD1  H  N N 277 
PHE HD2  H  N N 278 
PHE HE1  H  N N 279 
PHE HE2  H  N N 280 
PHE HZ   H  N N 281 
PHE HXT  H  N N 282 
PRO N    N  N N 283 
PRO CA   C  N S 284 
PRO C    C  N N 285 
PRO O    O  N N 286 
PRO CB   C  N N 287 
PRO CG   C  N N 288 
PRO CD   C  N N 289 
PRO OXT  O  N N 290 
PRO H    H  N N 291 
PRO HA   H  N N 292 
PRO HB2  H  N N 293 
PRO HB3  H  N N 294 
PRO HG2  H  N N 295 
PRO HG3  H  N N 296 
PRO HD2  H  N N 297 
PRO HD3  H  N N 298 
PRO HXT  H  N N 299 
SER N    N  N N 300 
SER CA   C  N S 301 
SER C    C  N N 302 
SER O    O  N N 303 
SER CB   C  N N 304 
SER OG   O  N N 305 
SER OXT  O  N N 306 
SER H    H  N N 307 
SER H2   H  N N 308 
SER HA   H  N N 309 
SER HB2  H  N N 310 
SER HB3  H  N N 311 
SER HG   H  N N 312 
SER HXT  H  N N 313 
SO4 S    S  N N 314 
SO4 O1   O  N N 315 
SO4 O2   O  N N 316 
SO4 O3   O  N N 317 
SO4 O4   O  N N 318 
THR N    N  N N 319 
THR CA   C  N S 320 
THR C    C  N N 321 
THR O    O  N N 322 
THR CB   C  N R 323 
THR OG1  O  N N 324 
THR CG2  C  N N 325 
THR OXT  O  N N 326 
THR H    H  N N 327 
THR H2   H  N N 328 
THR HA   H  N N 329 
THR HB   H  N N 330 
THR HG1  H  N N 331 
THR HG21 H  N N 332 
THR HG22 H  N N 333 
THR HG23 H  N N 334 
THR HXT  H  N N 335 
TRP N    N  N N 336 
TRP CA   C  N S 337 
TRP C    C  N N 338 
TRP O    O  N N 339 
TRP CB   C  N N 340 
TRP CG   C  Y N 341 
TRP CD1  C  Y N 342 
TRP CD2  C  Y N 343 
TRP NE1  N  Y N 344 
TRP CE2  C  Y N 345 
TRP CE3  C  Y N 346 
TRP CZ2  C  Y N 347 
TRP CZ3  C  Y N 348 
TRP CH2  C  Y N 349 
TRP OXT  O  N N 350 
TRP H    H  N N 351 
TRP H2   H  N N 352 
TRP HA   H  N N 353 
TRP HB2  H  N N 354 
TRP HB3  H  N N 355 
TRP HD1  H  N N 356 
TRP HE1  H  N N 357 
TRP HE3  H  N N 358 
TRP HZ2  H  N N 359 
TRP HZ3  H  N N 360 
TRP HH2  H  N N 361 
TRP HXT  H  N N 362 
TYR N    N  N N 363 
TYR CA   C  N S 364 
TYR C    C  N N 365 
TYR O    O  N N 366 
TYR CB   C  N N 367 
TYR CG   C  Y N 368 
TYR CD1  C  Y N 369 
TYR CD2  C  Y N 370 
TYR CE1  C  Y N 371 
TYR CE2  C  Y N 372 
TYR CZ   C  Y N 373 
TYR OH   O  N N 374 
TYR OXT  O  N N 375 
TYR H    H  N N 376 
TYR H2   H  N N 377 
TYR HA   H  N N 378 
TYR HB2  H  N N 379 
TYR HB3  H  N N 380 
TYR HD1  H  N N 381 
TYR HD2  H  N N 382 
TYR HE1  H  N N 383 
TYR HE2  H  N N 384 
TYR HH   H  N N 385 
TYR HXT  H  N N 386 
VAL N    N  N N 387 
VAL CA   C  N S 388 
VAL C    C  N N 389 
VAL O    O  N N 390 
VAL CB   C  N N 391 
VAL CG1  C  N N 392 
VAL CG2  C  N N 393 
VAL OXT  O  N N 394 
VAL H    H  N N 395 
VAL H2   H  N N 396 
VAL HA   H  N N 397 
VAL HB   H  N N 398 
VAL HG11 H  N N 399 
VAL HG12 H  N N 400 
VAL HG13 H  N N 401 
VAL HG21 H  N N 402 
VAL HG22 H  N N 403 
VAL HG23 H  N N 404 
VAL HXT  H  N N 405 
XK7 N01  N  N N 406 
XK7 C02  C  N N 407 
XK7 O03  O  N N 408 
XK7 C04  C  N N 409 
XK7 N05  N  N N 410 
XK7 C06  C  N N 411 
XK7 C07  C  N N 412 
XK7 H011 H  N N 413 
XK7 H012 H  N N 414 
XK7 H052 H  N N 415 
XK7 H051 H  N N 416 
XK7 H061 H  N N 417 
XK7 H062 H  N N 418 
XK7 H071 H  N N 419 
XK7 H072 H  N N 420 
ZN  ZN   ZN N N 421 
# 
loop_
_chem_comp_bond.comp_id 
_chem_comp_bond.atom_id_1 
_chem_comp_bond.atom_id_2 
_chem_comp_bond.value_order 
_chem_comp_bond.pdbx_aromatic_flag 
_chem_comp_bond.pdbx_stereo_config 
_chem_comp_bond.pdbx_ordinal 
ALA N   CA   sing N N 1   
ALA N   H    sing N N 2   
ALA N   H2   sing N N 3   
ALA CA  C    sing N N 4   
ALA CA  CB   sing N N 5   
ALA CA  HA   sing N N 6   
ALA C   O    doub N N 7   
ALA C   OXT  sing N N 8   
ALA CB  HB1  sing N N 9   
ALA CB  HB2  sing N N 10  
ALA CB  HB3  sing N N 11  
ALA OXT HXT  sing N N 12  
ARG N   CA   sing N N 13  
ARG N   H    sing N N 14  
ARG N   H2   sing N N 15  
ARG CA  C    sing N N 16  
ARG CA  CB   sing N N 17  
ARG CA  HA   sing N N 18  
ARG C   O    doub N N 19  
ARG C   OXT  sing N N 20  
ARG CB  CG   sing N N 21  
ARG CB  HB2  sing N N 22  
ARG CB  HB3  sing N N 23  
ARG CG  CD   sing N N 24  
ARG CG  HG2  sing N N 25  
ARG CG  HG3  sing N N 26  
ARG CD  NE   sing N N 27  
ARG CD  HD2  sing N N 28  
ARG CD  HD3  sing N N 29  
ARG NE  CZ   sing N N 30  
ARG NE  HE   sing N N 31  
ARG CZ  NH1  sing N N 32  
ARG CZ  NH2  doub N N 33  
ARG NH1 HH11 sing N N 34  
ARG NH1 HH12 sing N N 35  
ARG NH2 HH21 sing N N 36  
ARG NH2 HH22 sing N N 37  
ARG OXT HXT  sing N N 38  
ASN N   CA   sing N N 39  
ASN N   H    sing N N 40  
ASN N   H2   sing N N 41  
ASN CA  C    sing N N 42  
ASN CA  CB   sing N N 43  
ASN CA  HA   sing N N 44  
ASN C   O    doub N N 45  
ASN C   OXT  sing N N 46  
ASN CB  CG   sing N N 47  
ASN CB  HB2  sing N N 48  
ASN CB  HB3  sing N N 49  
ASN CG  OD1  doub N N 50  
ASN CG  ND2  sing N N 51  
ASN ND2 HD21 sing N N 52  
ASN ND2 HD22 sing N N 53  
ASN OXT HXT  sing N N 54  
ASP N   CA   sing N N 55  
ASP N   H    sing N N 56  
ASP N   H2   sing N N 57  
ASP CA  C    sing N N 58  
ASP CA  CB   sing N N 59  
ASP CA  HA   sing N N 60  
ASP C   O    doub N N 61  
ASP C   OXT  sing N N 62  
ASP CB  CG   sing N N 63  
ASP CB  HB2  sing N N 64  
ASP CB  HB3  sing N N 65  
ASP CG  OD1  doub N N 66  
ASP CG  OD2  sing N N 67  
ASP OD2 HD2  sing N N 68  
ASP OXT HXT  sing N N 69  
CYS N   CA   sing N N 70  
CYS N   H    sing N N 71  
CYS N   H2   sing N N 72  
CYS CA  C    sing N N 73  
CYS CA  CB   sing N N 74  
CYS CA  HA   sing N N 75  
CYS C   O    doub N N 76  
CYS C   OXT  sing N N 77  
CYS CB  SG   sing N N 78  
CYS CB  HB2  sing N N 79  
CYS CB  HB3  sing N N 80  
CYS SG  HG   sing N N 81  
CYS OXT HXT  sing N N 82  
DMS S   O    doub N N 83  
DMS S   C1   sing N N 84  
DMS S   C2   sing N N 85  
DMS C1  H11  sing N N 86  
DMS C1  H12  sing N N 87  
DMS C1  H13  sing N N 88  
DMS C2  H21  sing N N 89  
DMS C2  H22  sing N N 90  
DMS C2  H23  sing N N 91  
GLN N   CA   sing N N 92  
GLN N   H    sing N N 93  
GLN N   H2   sing N N 94  
GLN CA  C    sing N N 95  
GLN CA  CB   sing N N 96  
GLN CA  HA   sing N N 97  
GLN C   O    doub N N 98  
GLN C   OXT  sing N N 99  
GLN CB  CG   sing N N 100 
GLN CB  HB2  sing N N 101 
GLN CB  HB3  sing N N 102 
GLN CG  CD   sing N N 103 
GLN CG  HG2  sing N N 104 
GLN CG  HG3  sing N N 105 
GLN CD  OE1  doub N N 106 
GLN CD  NE2  sing N N 107 
GLN NE2 HE21 sing N N 108 
GLN NE2 HE22 sing N N 109 
GLN OXT HXT  sing N N 110 
GLU N   CA   sing N N 111 
GLU N   H    sing N N 112 
GLU N   H2   sing N N 113 
GLU CA  C    sing N N 114 
GLU CA  CB   sing N N 115 
GLU CA  HA   sing N N 116 
GLU C   O    doub N N 117 
GLU C   OXT  sing N N 118 
GLU CB  CG   sing N N 119 
GLU CB  HB2  sing N N 120 
GLU CB  HB3  sing N N 121 
GLU CG  CD   sing N N 122 
GLU CG  HG2  sing N N 123 
GLU CG  HG3  sing N N 124 
GLU CD  OE1  doub N N 125 
GLU CD  OE2  sing N N 126 
GLU OE2 HE2  sing N N 127 
GLU OXT HXT  sing N N 128 
GLY N   CA   sing N N 129 
GLY N   H    sing N N 130 
GLY N   H2   sing N N 131 
GLY CA  C    sing N N 132 
GLY CA  HA2  sing N N 133 
GLY CA  HA3  sing N N 134 
GLY C   O    doub N N 135 
GLY C   OXT  sing N N 136 
GLY OXT HXT  sing N N 137 
HIS N   CA   sing N N 138 
HIS N   H    sing N N 139 
HIS N   H2   sing N N 140 
HIS CA  C    sing N N 141 
HIS CA  CB   sing N N 142 
HIS CA  HA   sing N N 143 
HIS C   O    doub N N 144 
HIS C   OXT  sing N N 145 
HIS CB  CG   sing N N 146 
HIS CB  HB2  sing N N 147 
HIS CB  HB3  sing N N 148 
HIS CG  ND1  sing Y N 149 
HIS CG  CD2  doub Y N 150 
HIS ND1 CE1  doub Y N 151 
HIS ND1 HD1  sing N N 152 
HIS CD2 NE2  sing Y N 153 
HIS CD2 HD2  sing N N 154 
HIS CE1 NE2  sing Y N 155 
HIS CE1 HE1  sing N N 156 
HIS NE2 HE2  sing N N 157 
HIS OXT HXT  sing N N 158 
HOH O   H1   sing N N 159 
HOH O   H2   sing N N 160 
ILE N   CA   sing N N 161 
ILE N   H    sing N N 162 
ILE N   H2   sing N N 163 
ILE CA  C    sing N N 164 
ILE CA  CB   sing N N 165 
ILE CA  HA   sing N N 166 
ILE C   O    doub N N 167 
ILE C   OXT  sing N N 168 
ILE CB  CG1  sing N N 169 
ILE CB  CG2  sing N N 170 
ILE CB  HB   sing N N 171 
ILE CG1 CD1  sing N N 172 
ILE CG1 HG12 sing N N 173 
ILE CG1 HG13 sing N N 174 
ILE CG2 HG21 sing N N 175 
ILE CG2 HG22 sing N N 176 
ILE CG2 HG23 sing N N 177 
ILE CD1 HD11 sing N N 178 
ILE CD1 HD12 sing N N 179 
ILE CD1 HD13 sing N N 180 
ILE OXT HXT  sing N N 181 
LEU N   CA   sing N N 182 
LEU N   H    sing N N 183 
LEU N   H2   sing N N 184 
LEU CA  C    sing N N 185 
LEU CA  CB   sing N N 186 
LEU CA  HA   sing N N 187 
LEU C   O    doub N N 188 
LEU C   OXT  sing N N 189 
LEU CB  CG   sing N N 190 
LEU CB  HB2  sing N N 191 
LEU CB  HB3  sing N N 192 
LEU CG  CD1  sing N N 193 
LEU CG  CD2  sing N N 194 
LEU CG  HG   sing N N 195 
LEU CD1 HD11 sing N N 196 
LEU CD1 HD12 sing N N 197 
LEU CD1 HD13 sing N N 198 
LEU CD2 HD21 sing N N 199 
LEU CD2 HD22 sing N N 200 
LEU CD2 HD23 sing N N 201 
LEU OXT HXT  sing N N 202 
LYS N   CA   sing N N 203 
LYS N   H    sing N N 204 
LYS N   H2   sing N N 205 
LYS CA  C    sing N N 206 
LYS CA  CB   sing N N 207 
LYS CA  HA   sing N N 208 
LYS C   O    doub N N 209 
LYS C   OXT  sing N N 210 
LYS CB  CG   sing N N 211 
LYS CB  HB2  sing N N 212 
LYS CB  HB3  sing N N 213 
LYS CG  CD   sing N N 214 
LYS CG  HG2  sing N N 215 
LYS CG  HG3  sing N N 216 
LYS CD  CE   sing N N 217 
LYS CD  HD2  sing N N 218 
LYS CD  HD3  sing N N 219 
LYS CE  NZ   sing N N 220 
LYS CE  HE2  sing N N 221 
LYS CE  HE3  sing N N 222 
LYS NZ  HZ1  sing N N 223 
LYS NZ  HZ2  sing N N 224 
LYS NZ  HZ3  sing N N 225 
LYS OXT HXT  sing N N 226 
MET N   CA   sing N N 227 
MET N   H    sing N N 228 
MET N   H2   sing N N 229 
MET CA  C    sing N N 230 
MET CA  CB   sing N N 231 
MET CA  HA   sing N N 232 
MET C   O    doub N N 233 
MET C   OXT  sing N N 234 
MET CB  CG   sing N N 235 
MET CB  HB2  sing N N 236 
MET CB  HB3  sing N N 237 
MET CG  SD   sing N N 238 
MET CG  HG2  sing N N 239 
MET CG  HG3  sing N N 240 
MET SD  CE   sing N N 241 
MET CE  HE1  sing N N 242 
MET CE  HE2  sing N N 243 
MET CE  HE3  sing N N 244 
MET OXT HXT  sing N N 245 
PHE N   CA   sing N N 246 
PHE N   H    sing N N 247 
PHE N   H2   sing N N 248 
PHE CA  C    sing N N 249 
PHE CA  CB   sing N N 250 
PHE CA  HA   sing N N 251 
PHE C   O    doub N N 252 
PHE C   OXT  sing N N 253 
PHE CB  CG   sing N N 254 
PHE CB  HB2  sing N N 255 
PHE CB  HB3  sing N N 256 
PHE CG  CD1  doub Y N 257 
PHE CG  CD2  sing Y N 258 
PHE CD1 CE1  sing Y N 259 
PHE CD1 HD1  sing N N 260 
PHE CD2 CE2  doub Y N 261 
PHE CD2 HD2  sing N N 262 
PHE CE1 CZ   doub Y N 263 
PHE CE1 HE1  sing N N 264 
PHE CE2 CZ   sing Y N 265 
PHE CE2 HE2  sing N N 266 
PHE CZ  HZ   sing N N 267 
PHE OXT HXT  sing N N 268 
PRO N   CA   sing N N 269 
PRO N   CD   sing N N 270 
PRO N   H    sing N N 271 
PRO CA  C    sing N N 272 
PRO CA  CB   sing N N 273 
PRO CA  HA   sing N N 274 
PRO C   O    doub N N 275 
PRO C   OXT  sing N N 276 
PRO CB  CG   sing N N 277 
PRO CB  HB2  sing N N 278 
PRO CB  HB3  sing N N 279 
PRO CG  CD   sing N N 280 
PRO CG  HG2  sing N N 281 
PRO CG  HG3  sing N N 282 
PRO CD  HD2  sing N N 283 
PRO CD  HD3  sing N N 284 
PRO OXT HXT  sing N N 285 
SER N   CA   sing N N 286 
SER N   H    sing N N 287 
SER N   H2   sing N N 288 
SER CA  C    sing N N 289 
SER CA  CB   sing N N 290 
SER CA  HA   sing N N 291 
SER C   O    doub N N 292 
SER C   OXT  sing N N 293 
SER CB  OG   sing N N 294 
SER CB  HB2  sing N N 295 
SER CB  HB3  sing N N 296 
SER OG  HG   sing N N 297 
SER OXT HXT  sing N N 298 
SO4 S   O1   doub N N 299 
SO4 S   O2   doub N N 300 
SO4 S   O3   sing N N 301 
SO4 S   O4   sing N N 302 
THR N   CA   sing N N 303 
THR N   H    sing N N 304 
THR N   H2   sing N N 305 
THR CA  C    sing N N 306 
THR CA  CB   sing N N 307 
THR CA  HA   sing N N 308 
THR C   O    doub N N 309 
THR C   OXT  sing N N 310 
THR CB  OG1  sing N N 311 
THR CB  CG2  sing N N 312 
THR CB  HB   sing N N 313 
THR OG1 HG1  sing N N 314 
THR CG2 HG21 sing N N 315 
THR CG2 HG22 sing N N 316 
THR CG2 HG23 sing N N 317 
THR OXT HXT  sing N N 318 
TRP N   CA   sing N N 319 
TRP N   H    sing N N 320 
TRP N   H2   sing N N 321 
TRP CA  C    sing N N 322 
TRP CA  CB   sing N N 323 
TRP CA  HA   sing N N 324 
TRP C   O    doub N N 325 
TRP C   OXT  sing N N 326 
TRP CB  CG   sing N N 327 
TRP CB  HB2  sing N N 328 
TRP CB  HB3  sing N N 329 
TRP CG  CD1  doub Y N 330 
TRP CG  CD2  sing Y N 331 
TRP CD1 NE1  sing Y N 332 
TRP CD1 HD1  sing N N 333 
TRP CD2 CE2  doub Y N 334 
TRP CD2 CE3  sing Y N 335 
TRP NE1 CE2  sing Y N 336 
TRP NE1 HE1  sing N N 337 
TRP CE2 CZ2  sing Y N 338 
TRP CE3 CZ3  doub Y N 339 
TRP CE3 HE3  sing N N 340 
TRP CZ2 CH2  doub Y N 341 
TRP CZ2 HZ2  sing N N 342 
TRP CZ3 CH2  sing Y N 343 
TRP CZ3 HZ3  sing N N 344 
TRP CH2 HH2  sing N N 345 
TRP OXT HXT  sing N N 346 
TYR N   CA   sing N N 347 
TYR N   H    sing N N 348 
TYR N   H2   sing N N 349 
TYR CA  C    sing N N 350 
TYR CA  CB   sing N N 351 
TYR CA  HA   sing N N 352 
TYR C   O    doub N N 353 
TYR C   OXT  sing N N 354 
TYR CB  CG   sing N N 355 
TYR CB  HB2  sing N N 356 
TYR CB  HB3  sing N N 357 
TYR CG  CD1  doub Y N 358 
TYR CG  CD2  sing Y N 359 
TYR CD1 CE1  sing Y N 360 
TYR CD1 HD1  sing N N 361 
TYR CD2 CE2  doub Y N 362 
TYR CD2 HD2  sing N N 363 
TYR CE1 CZ   doub Y N 364 
TYR CE1 HE1  sing N N 365 
TYR CE2 CZ   sing Y N 366 
TYR CE2 HE2  sing N N 367 
TYR CZ  OH   sing N N 368 
TYR OH  HH   sing N N 369 
TYR OXT HXT  sing N N 370 
VAL N   CA   sing N N 371 
VAL N   H    sing N N 372 
VAL N   H2   sing N N 373 
VAL CA  C    sing N N 374 
VAL CA  CB   sing N N 375 
VAL CA  HA   sing N N 376 
VAL C   O    doub N N 377 
VAL C   OXT  sing N N 378 
VAL CB  CG1  sing N N 379 
VAL CB  CG2  sing N N 380 
VAL CB  HB   sing N N 381 
VAL CG1 HG11 sing N N 382 
VAL CG1 HG12 sing N N 383 
VAL CG1 HG13 sing N N 384 
VAL CG2 HG21 sing N N 385 
VAL CG2 HG22 sing N N 386 
VAL CG2 HG23 sing N N 387 
VAL OXT HXT  sing N N 388 
XK7 C02 N01  sing N N 389 
XK7 O03 C02  doub N N 390 
XK7 C04 C02  sing N N 391 
XK7 N05 C04  sing N N 392 
XK7 C06 C04  sing N N 393 
XK7 C07 C06  sing N N 394 
XK7 C04 C07  sing N N 395 
XK7 N01 H011 sing N N 396 
XK7 N01 H012 sing N N 397 
XK7 N05 H052 sing N N 398 
XK7 N05 H051 sing N N 399 
XK7 C06 H061 sing N N 400 
XK7 C06 H062 sing N N 401 
XK7 C07 H071 sing N N 402 
XK7 C07 H072 sing N N 403 
# 
_pdbx_audit_support.funding_organization   
'National Institutes of Health/National Institute Of Allergy and Infectious Diseases (NIH/NIAID)' 
_pdbx_audit_support.country                'United States' 
_pdbx_audit_support.grant_number           U19AI171399 
_pdbx_audit_support.ordinal                1 
# 
_pdbx_deposit_group.group_id            G_1002288 
_pdbx_deposit_group.group_description   'Crystallographic fragment screening of Coxsackievirus A16 (G-10) 2A protease' 
_pdbx_deposit_group.group_title         
'Group deposition for crystallographic fragment screening of Coxsackievirus A16 (G-10) 2A protease' 
_pdbx_deposit_group.group_type          'changed state' 
# 
_atom_sites.entry_id                    7H4S 
_atom_sites.fract_transf_matrix[1][1]   0.00924762 
_atom_sites.fract_transf_matrix[1][2]   0.00323048 
_atom_sites.fract_transf_matrix[1][3]   -0.00638207 
_atom_sites.fract_transf_matrix[2][1]   -0.00503976 
_atom_sites.fract_transf_matrix[2][2]   0.01689816 
_atom_sites.fract_transf_matrix[2][3]   0.00125091 
_atom_sites.fract_transf_matrix[3][1]   0.01894073 
_atom_sites.fract_transf_matrix[3][2]   0.00385780 
_atom_sites.fract_transf_matrix[3][3]   0.02419597 
_atom_sites.fract_transf_vector[1]      0.185185 
_atom_sites.fract_transf_vector[2]      0.123558 
_atom_sites.fract_transf_vector[3]      0.448695 
# 
loop_
_atom_type.symbol 
C  
N  
O  
S  
ZN 
# 
loop_
_atom_site.group_PDB 
_atom_site.id 
_atom_site.type_symbol 
_atom_site.label_atom_id 
_atom_site.label_alt_id 
_atom_site.label_comp_id 
_atom_site.label_asym_id 
_atom_site.label_entity_id 
_atom_site.label_seq_id 
_atom_site.pdbx_PDB_ins_code 
_atom_site.Cartn_x 
_atom_site.Cartn_y 
_atom_site.Cartn_z 
_atom_site.occupancy 
_atom_site.B_iso_or_equiv 
_atom_site.pdbx_formal_charge 
_atom_site.auth_seq_id 
_atom_site.auth_comp_id 
_atom_site.auth_asym_id 
_atom_site.auth_atom_id 
_atom_site.pdbx_PDB_model_num 
ATOM   1    N  N   . SER A 1 7   ? 8.901   1.772   5.758   1.00 13.98  ? 7   SER A N   1 
ATOM   2    C  CA  . SER A 1 7   ? 9.265   2.106   4.383   1.00 14.35  ? 7   SER A CA  1 
ATOM   3    C  C   . SER A 1 7   ? 9.014   0.903   3.477   1.00 13.85  ? 7   SER A C   1 
ATOM   4    O  O   . SER A 1 7   ? 8.869   -0.223  3.955   1.00 15.39  ? 7   SER A O   1 
ATOM   5    C  CB  . SER A 1 7   ? 10.722  2.555   4.330   1.00 17.16  ? 7   SER A CB  1 
ATOM   6    O  OG  . SER A 1 7   ? 11.524  1.459   4.695   1.00 21.17  ? 7   SER A OG  1 
ATOM   7    N  N   . GLY A 1 8   ? 8.943   1.161   2.200   1.00 13.19  ? 8   GLY A N   1 
ATOM   8    C  CA  . GLY A 1 8   ? 8.838   0.105   1.206   1.00 13.19  ? 8   GLY A CA  1 
ATOM   9    C  C   . GLY A 1 8   ? 8.102   0.573   -0.028  1.00 12.77  ? 8   GLY A C   1 
ATOM   10   O  O   . GLY A 1 8   ? 7.362   1.560   0.024   1.00 14.58  ? 8   GLY A O   1 
ATOM   11   N  N   . ALA A 1 9   ? 8.307   -0.106  -1.144  1.00 12.21  ? 9   ALA A N   1 
ATOM   12   C  CA  . ALA A 1 9   ? 7.670   0.261   -2.394  1.00 13.17  ? 9   ALA A CA  1 
ATOM   13   C  C   . ALA A 1 9   ? 7.296   -0.991  -3.171  1.00 12.71  ? 9   ALA A C   1 
ATOM   14   O  O   . ALA A 1 9   ? 7.850   -2.087  -2.932  1.00 13.29  ? 9   ALA A O   1 
ATOM   15   C  CB  . ALA A 1 9   ? 8.578   1.141   -3.205  1.00 14.57  ? 9   ALA A CB  1 
ATOM   16   N  N   . ILE A 1 10  ? 6.436   -0.819  -4.143  1.00 12.01  ? 10  ILE A N   1 
ATOM   17   C  CA  . ILE A 1 10  ? 6.178   -1.827  -5.194  1.00 12.96  ? 10  ILE A CA  1 
ATOM   18   C  C   . ILE A 1 10  ? 6.887   -1.369  -6.458  1.00 13.77  ? 10  ILE A C   1 
ATOM   19   O  O   . ILE A 1 10  ? 6.767   -0.213  -6.821  1.00 14.11  ? 10  ILE A O   1 
ATOM   20   C  CB  . ILE A 1 10  ? 4.665   -2.006  -5.472  1.00 11.98  ? 10  ILE A CB  1 
ATOM   21   C  CG1 . ILE A 1 10  ? 3.842   -2.183  -4.190  1.00 13.13  ? 10  ILE A CG1 1 
ATOM   22   C  CG2 . ILE A 1 10  ? 4.452   -3.170  -6.445  1.00 12.83  ? 10  ILE A CG2 1 
ATOM   23   C  CD1 . ILE A 1 10  ? 2.353   -1.998  -4.392  1.00 13.31  ? 10  ILE A CD1 1 
ATOM   24   N  N   . TYR A 1 11  ? 7.519   -2.301  -7.163  1.00 15.72  ? 11  TYR A N   1 
ATOM   25   C  CA  . TYR A 1 11  ? 8.206   -2.033  -8.451  1.00 16.91  ? 11  TYR A CA  1 
ATOM   26   C  C   . TYR A 1 11  ? 7.568   -2.895  -9.527  1.00 14.45  ? 11  TYR A C   1 
ATOM   27   O  O   . TYR A 1 11  ? 7.864   -4.119  -9.507  1.00 18.19  ? 11  TYR A O   1 
ATOM   28   C  CB  . TYR A 1 11  ? 9.712   -2.260  -8.328  1.00 17.00  ? 11  TYR A CB  1 
ATOM   29   C  CG  . TYR A 1 11  ? 10.355  -1.300  -7.354  1.00 16.83  ? 11  TYR A CG  1 
ATOM   30   C  CD1 . TYR A 1 11  ? 10.722  -0.018  -7.733  1.00 17.16  ? 11  TYR A CD1 1 
ATOM   31   C  CD2 . TYR A 1 11  ? 10.574  -1.646  -6.050  1.00 16.72  ? 11  TYR A CD2 1 
ATOM   32   C  CE1 . TYR A 1 11  ? 11.265  0.885   -6.839  1.00 16.28  ? 11  TYR A CE1 1 
ATOM   33   C  CE2 . TYR A 1 11  ? 11.127  -0.759  -5.128  1.00 18.89  ? 11  TYR A CE2 1 
ATOM   34   C  CZ  . TYR A 1 11  ? 11.455  0.530   -5.522  1.00 17.09  ? 11  TYR A CZ  1 
ATOM   35   O  OH  . TYR A 1 11  ? 12.025  1.370   -4.582  1.00 18.11  ? 11  TYR A OH  1 
ATOM   36   N  N   . VAL A 1 12  ? 6.802   -2.295  -10.383 1.00 16.42  ? 12  VAL A N   1 
ATOM   37   C  CA  . VAL A 1 12  ? 6.122   -3.007  -11.486 1.00 16.88  ? 12  VAL A CA  1 
ATOM   38   C  C   . VAL A 1 12  ? 6.395   -2.234  -12.776 1.00 17.51  ? 12  VAL A C   1 
ATOM   39   O  O   . VAL A 1 12  ? 6.173   -1.015  -12.850 1.00 18.05  ? 12  VAL A O   1 
ATOM   40   C  CB  . VAL A 1 12  ? 4.625   -3.200  -11.168 1.00 17.09  ? 12  VAL A CB  1 
ATOM   41   C  CG1 . VAL A 1 12  ? 3.875   -1.921  -10.871 1.00 16.59  ? 12  VAL A CG1 1 
ATOM   42   C  CG2 . VAL A 1 12  ? 3.953   -3.972  -12.284 1.00 18.10  ? 12  VAL A CG2 1 
ATOM   43   N  N   . GLY A 1 13  ? 6.820   -2.924  -13.847 1.00 19.86  ? 13  GLY A N   1 
ATOM   44   C  CA  . GLY A 1 13  ? 7.208   -2.230  -15.075 1.00 20.40  ? 13  GLY A CA  1 
ATOM   45   C  C   . GLY A 1 13  ? 8.229   -1.133  -14.745 1.00 16.86  ? 13  GLY A C   1 
ATOM   46   O  O   . GLY A 1 13  ? 9.147   -1.444  -13.989 1.00 20.13  ? 13  GLY A O   1 
ATOM   47   N  N   . ASN A 1 14  ? 7.939   0.045   -15.269 1.00 21.01  ? 14  ASN A N   1 
ATOM   48   C  CA  . ASN A 1 14  ? 8.791   1.238   -15.069 1.00 21.48  ? 14  ASN A CA  1 
ATOM   49   C  C   . ASN A 1 14  ? 8.075   2.162   -14.072 1.00 21.28  ? 14  ASN A C   1 
ATOM   50   O  O   . ASN A 1 14  ? 8.091   3.398   -14.239 1.00 19.52  ? 14  ASN A O   1 
ATOM   51   C  CB  . ASN A 1 14  ? 9.269   1.798   -16.414 1.00 25.78  ? 14  ASN A CB  1 
ATOM   52   C  CG  . ASN A 1 14  ? 10.366  0.901   -16.981 1.00 29.05  ? 14  ASN A CG  1 
ATOM   53   O  OD1 . ASN A 1 14  ? 11.551  1.102   -16.746 1.00 33.93  ? 14  ASN A OD1 1 
ATOM   54   N  ND2 . ASN A 1 14  ? 9.987   -0.195  -17.602 1.00 28.11  ? 14  ASN A ND2 1 
ATOM   55   N  N   . TYR A 1 15  ? 7.417   1.553   -13.072 1.00 17.71  ? 15  TYR A N   1 
ATOM   56   C  CA  . TYR A 1 15  ? 6.688   2.300   -12.015 1.00 15.22  ? 15  TYR A CA  1 
ATOM   57   C  C   . TYR A 1 15  ? 7.218   1.887   -10.655 1.00 14.84  ? 15  TYR A C   1 
ATOM   58   O  O   . TYR A 1 15  ? 7.560   0.749   -10.348 1.00 15.04  ? 15  TYR A O   1 
ATOM   59   C  CB  . TYR A 1 15  ? 5.193   2.002   -12.099 1.00 15.76  ? 15  TYR A CB  1 
ATOM   60   C  CG  . TYR A 1 15  ? 4.555   2.392   -13.395 1.00 16.87  ? 15  TYR A CG  1 
ATOM   61   C  CD1 . TYR A 1 15  ? 4.652   3.688   -13.878 1.00 19.00  ? 15  TYR A CD1 1 
ATOM   62   C  CD2 . TYR A 1 15  ? 3.835   1.477   -14.152 1.00 18.31  ? 15  TYR A CD2 1 
ATOM   63   C  CE1 . TYR A 1 15  ? 4.077   4.071   -15.072 1.00 20.52  ? 15  TYR A CE1 1 
ATOM   64   C  CE2 . TYR A 1 15  ? 3.215   1.866   -15.323 1.00 19.65  ? 15  TYR A CE2 1 
ATOM   65   C  CZ  . TYR A 1 15  ? 3.324   3.164   -15.786 1.00 21.54  ? 15  TYR A CZ  1 
ATOM   66   O  OH  . TYR A 1 15  ? 2.736   3.542   -16.961 1.00 27.45  ? 15  TYR A OH  1 
ATOM   67   N  N   . ARG A 1 16  ? 7.222   2.866   -9.743  1.00 14.78  ? 16  ARG A N   1 
ATOM   68   C  CA  . ARG A 1 16  ? 7.545   2.727   -8.319  1.00 13.90  ? 16  ARG A CA  1 
ATOM   69   C  C   . ARG A 1 16  ? 6.322   3.250   -7.578  1.00 13.26  ? 16  ARG A C   1 
ATOM   70   O  O   . ARG A 1 16  ? 5.920   4.410   -7.799  1.00 13.49  ? 16  ARG A O   1 
ATOM   71   C  CB  . ARG A 1 16  ? 8.788   3.550   -7.965  1.00 14.12  ? 16  ARG A CB  1 
ATOM   72   C  CG  . ARG A 1 16  ? 8.987   3.780   -6.476  1.00 14.52  ? 16  ARG A CG  1 
ATOM   73   C  CD  . ARG A 1 16  ? 10.328  4.467   -6.193  1.00 14.63  ? 16  ARG A CD  1 
ATOM   74   N  NE  . ARG A 1 16  ? 10.312  5.397   -5.087  1.00 14.79  ? 16  ARG A NE  1 
ATOM   75   C  CZ  . ARG A 1 16  ? 10.598  5.149   -3.847  1.00 14.02  ? 16  ARG A CZ  1 
ATOM   76   N  NH1 . ARG A 1 16  ? 10.891  3.928   -3.431  1.00 16.12  ? 16  ARG A NH1 1 
ATOM   77   N  NH2 . ARG A 1 16  ? 10.499  6.130   -2.966  1.00 14.53  ? 16  ARG A NH2 1 
ATOM   78   N  N   . VAL A 1 17  ? 5.722   2.381   -6.765  1.00 11.69  ? 17  VAL A N   1 
ATOM   79   C  CA  . VAL A 1 17  ? 4.499   2.721   -5.999  1.00 11.05  ? 17  VAL A CA  1 
ATOM   80   C  C   . VAL A 1 17  ? 4.898   2.855   -4.550  1.00 11.22  ? 17  VAL A C   1 
ATOM   81   O  O   . VAL A 1 17  ? 5.387   1.878   -3.959  1.00 11.91  ? 17  VAL A O   1 
ATOM   82   C  CB  . VAL A 1 17  ? 3.406   1.651   -6.146  1.00 10.99  ? 17  VAL A CB  1 
ATOM   83   C  CG1 . VAL A 1 17  ? 2.131   2.165   -5.479  1.00 11.78  ? 17  VAL A CG1 1 
ATOM   84   C  CG2 . VAL A 1 17  ? 3.217   1.252   -7.597  1.00 12.18  ? 17  VAL A CG2 1 
ATOM   85   N  N   . VAL A 1 18  ? 4.653   4.024   -3.993  1.00 10.92  ? 18  VAL A N   1 
ATOM   86   C  CA  . VAL A 1 18  ? 5.052   4.330   -2.608  1.00 11.33  ? 18  VAL A CA  1 
ATOM   87   C  C   . VAL A 1 18  ? 3.895   4.970   -1.878  1.00 10.63  ? 18  VAL A C   1 
ATOM   88   O  O   . VAL A 1 18  ? 2.965   5.485   -2.480  1.00 11.31  ? 18  VAL A O   1 
ATOM   89   C  CB  . VAL A 1 18  ? 6.281   5.245   -2.528  1.00 12.57  ? 18  VAL A CB  1 
ATOM   90   C  CG1 . VAL A 1 18  ? 7.509   4.455   -2.905  1.00 16.23  ? 18  VAL A CG1 1 
ATOM   91   C  CG2 . VAL A 1 18  ? 6.128   6.576   -3.252  1.00 12.41  ? 18  VAL A CG2 1 
ATOM   92   N  N   . ASN A 1 19  ? 3.958   4.895   -0.558  1.00 10.25  ? 19  ASN A N   1 
ATOM   93   C  CA  . ASN A 1 19  ? 3.034   5.734   0.213   1.00 10.57  ? 19  ASN A CA  1 
ATOM   94   C  C   . ASN A 1 19  ? 3.257   7.190   -0.174  1.00 10.96  ? 19  ASN A C   1 
ATOM   95   O  O   . ASN A 1 19  ? 4.417   7.663   -0.121  1.00 10.63  ? 19  ASN A O   1 
ATOM   96   C  CB  . ASN A 1 19  ? 3.246   5.588   1.712   1.00 10.38  ? 19  ASN A CB  1 
ATOM   97   C  CG  . ASN A 1 19  ? 3.001   4.189   2.221   1.00 10.45  ? 19  ASN A CG  1 
ATOM   98   O  OD1 . ASN A 1 19  ? 3.902   3.373   2.311   1.00 10.95  ? 19  ASN A OD1 1 
ATOM   99   N  ND2 . ASN A 1 19  ? 1.772   3.893   2.576   1.00 11.26  ? 19  ASN A ND2 1 
ATOM   100  N  N   . ARG A 1 20  ? 2.195   7.924   -0.438  1.00 10.36  ? 20  ARG A N   1 
ATOM   101  C  CA  . ARG A 1 20  ? 2.340   9.341   -0.833  1.00 10.76  ? 20  ARG A CA  1 
ATOM   102  C  C   . ARG A 1 20  ? 3.101   10.100  0.258   1.00 11.07  ? 20  ARG A C   1 
ATOM   103  O  O   . ARG A 1 20  ? 3.963   10.954  -0.075  1.00 11.00  ? 20  ARG A O   1 
ATOM   104  C  CB  . ARG A 1 20  ? 0.982   9.979   -1.084  1.00 10.41  ? 20  ARG A CB  1 
ATOM   105  C  CG  . ARG A 1 20  ? 1.059   11.369  -1.707  1.00 11.33  ? 20  ARG A CG  1 
ATOM   106  C  CD  . ARG A 1 20  ? -0.338  11.867  -1.875  1.00 12.53  ? 20  ARG A CD  1 
ATOM   107  N  NE  . ARG A 1 20  ? -0.448  13.172  -2.511  1.00 14.13  ? 20  ARG A NE  1 
ATOM   108  C  CZ  . ARG A 1 20  ? -0.313  14.320  -1.892  1.00 14.45  ? 20  ARG A CZ  1 
ATOM   109  N  NH1 . ARG A 1 20  ? 0.030   14.420  -0.630  1.00 16.56  ? 20  ARG A NH1 1 
ATOM   110  N  NH2 . ARG A 1 20  ? -0.545  15.436  -2.576  1.00 17.23  ? 20  ARG A NH2 1 
ATOM   111  N  N   . HIS A 1 21  ? 2.832   9.812   1.528   1.00 11.32  ? 21  HIS A N   1 
ATOM   112  C  CA  . HIS A 1 21  ? 3.465   10.583  2.619   1.00 11.91  ? 21  HIS A CA  1 
ATOM   113  C  C   . HIS A 1 21  ? 4.941   10.259  2.742   1.00 11.31  ? 21  HIS A C   1 
ATOM   114  O  O   . HIS A 1 21  ? 5.632   11.018  3.448   1.00 13.23  ? 21  HIS A O   1 
ATOM   115  C  CB  . HIS A 1 21  ? 2.713   10.405  3.946   1.00 11.88  ? 21  HIS A CB  1 
ATOM   116  C  CG  . HIS A 1 21  ? 2.909   9.068   4.581   1.00 11.51  ? 21  HIS A CG  1 
ATOM   117  N  ND1 . HIS A 1 21  ? 2.117   7.975   4.298   1.00 11.63  ? 21  HIS A ND1 1 
ATOM   118  C  CD2 . HIS A 1 21  ? 3.781   8.662   5.542   1.00 12.02  ? 21  HIS A CD2 1 
ATOM   119  C  CE1 . HIS A 1 21  ? 2.498   6.965   5.057   1.00 12.14  ? 21  HIS A CE1 1 
ATOM   120  N  NE2 . HIS A 1 21  ? 3.502   7.334   5.828   1.00 12.86  ? 21  HIS A NE2 1 
ATOM   121  N  N   . LEU A 1 22  ? 5.467   9.245   2.094   1.00 10.68  ? 22  LEU A N   1 
ATOM   122  C  CA  . LEU A 1 22  ? 6.901   8.867   2.123   1.00 10.84  ? 22  LEU A CA  1 
ATOM   123  C  C   . LEU A 1 22  ? 7.562   9.168   0.786   1.00 11.86  ? 22  LEU A C   1 
ATOM   124  O  O   . LEU A 1 22  ? 8.755   8.856   0.620   1.00 12.87  ? 22  LEU A O   1 
ATOM   125  C  CB  . LEU A 1 22  ? 7.049   7.393   2.487   1.00 11.81  ? 22  LEU A CB  1 
ATOM   126  C  CG  . LEU A 1 22  ? 6.561   7.046   3.886   1.00 11.82  ? 22  LEU A CG  1 
ATOM   127  C  CD1 . LEU A 1 22  ? 6.771   5.566   4.175   1.00 12.19  ? 22  LEU A CD1 1 
ATOM   128  C  CD2 . LEU A 1 22  ? 7.283   7.880   4.957   1.00 12.52  ? 22  LEU A CD2 1 
ATOM   129  N  N   . ALA A 1 23  ? 6.848   9.727   -0.169  1.00 10.95  ? 23  ALA A N   1 
ATOM   130  C  CA  . ALA A 1 23  ? 7.439   10.009  -1.493  1.00 11.71  ? 23  ALA A CA  1 
ATOM   131  C  C   . ALA A 1 23  ? 8.614   10.987  -1.344  1.00 12.55  ? 23  ALA A C   1 
ATOM   132  O  O   . ALA A 1 23  ? 8.501   11.935  -0.537  1.00 14.08  ? 23  ALA A O   1 
ATOM   133  C  CB  . ALA A 1 23  ? 6.378   10.555  -2.408  1.00 12.63  ? 23  ALA A CB  1 
ATOM   134  N  N   . THR A 1 24  ? 9.629   10.798  -2.138  1.00 12.36  ? 24  THR A N   1 
ATOM   135  C  CA  . THR A 1 24  ? 10.812  11.682  -2.091  1.00 13.27  ? 24  THR A CA  1 
ATOM   136  C  C   . THR A 1 24  ? 10.679  12.823  -3.095  1.00 12.92  ? 24  THR A C   1 
ATOM   137  O  O   . THR A 1 24  ? 9.767   12.844  -3.932  1.00 12.20  ? 24  THR A O   1 
ATOM   138  C  CB  . THR A 1 24  ? 12.055  10.847  -2.393  1.00 13.36  ? 24  THR A CB  1 
ATOM   139  O  OG1 . THR A 1 24  ? 11.936  10.406  -3.738  1.00 14.28  ? 24  THR A OG1 1 
ATOM   140  C  CG2 . THR A 1 24  ? 12.251  9.671   -1.459  1.00 15.28  ? 24  THR A CG2 1 
ATOM   141  N  N   . HIS A 1 25  ? 11.634  13.769  -3.059  1.00 13.54  ? 25  HIS A N   1 
ATOM   142  C  CA  . HIS A 1 25  ? 11.679  14.803  -4.105  1.00 14.19  ? 25  HIS A CA  1 
ATOM   143  C  C   . HIS A 1 25  ? 11.840  14.128  -5.475  1.00 12.97  ? 25  HIS A C   1 
ATOM   144  O  O   . HIS A 1 25  ? 11.151  14.524  -6.411  1.00 13.11  ? 25  HIS A O   1 
ATOM   145  C  CB  . HIS A 1 25  ? 12.811  15.819  -3.822  1.00 15.52  ? 25  HIS A CB  1 
ATOM   146  C  CG  . HIS A 1 25  ? 13.129  16.612  -5.052  1.00 16.57  ? 25  HIS A CG  1 
ATOM   147  N  ND1 . HIS A 1 25  ? 12.387  17.691  -5.464  1.00 17.60  ? 25  HIS A ND1 1 
ATOM   148  C  CD2 . HIS A 1 25  ? 14.055  16.392  -6.030  1.00 18.84  ? 25  HIS A CD2 1 
ATOM   149  C  CE1 . HIS A 1 25  ? 12.902  18.185  -6.571  1.00 18.73  ? 25  HIS A CE1 1 
ATOM   150  N  NE2 . HIS A 1 25  ? 13.889  17.364  -6.979  1.00 20.65  ? 25  HIS A NE2 1 
ATOM   151  N  N   . ASN A 1 26  ? 12.672  13.091  -5.585  1.00 13.79  ? 26  ASN A N   1 
ATOM   152  C  CA  . ASN A 1 26  ? 12.871  12.425  -6.889  1.00 14.25  ? 26  ASN A CA  1 
ATOM   153  C  C   . ASN A 1 26  ? 11.536  11.830  -7.368  1.00 13.01  ? 26  ASN A C   1 
ATOM   154  O  O   . ASN A 1 26  ? 11.201  11.882  -8.531  1.00 14.10  ? 26  ASN A O   1 
ATOM   155  C  CB  . ASN A 1 26  ? 13.915  11.317  -6.798  1.00 16.31  ? 26  ASN A CB  1 
ATOM   156  C  CG  . ASN A 1 26  ? 14.170  10.682  -8.146  1.00 20.29  ? 26  ASN A CG  1 
ATOM   157  O  OD1 . ASN A 1 26  ? 14.811  11.291  -9.008  1.00 24.21  ? 26  ASN A OD1 1 
ATOM   158  N  ND2 . ASN A 1 26  ? 13.548  9.550   -8.415  1.00 21.23  ? 26  ASN A ND2 1 
ATOM   159  N  N   . ASP A 1 27  ? 10.770  11.251  -6.436  1.00 12.50  ? 27  ASP A N   1 
ATOM   160  C  CA  . ASP A 1 27  ? 9.439   10.705  -6.798  1.00 12.21  ? 27  ASP A CA  1 
ATOM   161  C  C   . ASP A 1 27  ? 8.590   11.810  -7.402  1.00 11.38  ? 27  ASP A C   1 
ATOM   162  O  O   . ASP A 1 27  ? 7.949   11.616  -8.436  1.00 11.92  ? 27  ASP A O   1 
ATOM   163  C  CB  . ASP A 1 27  ? 8.704   10.079  -5.624  1.00 12.47  ? 27  ASP A CB  1 
ATOM   164  C  CG  . ASP A 1 27  ? 9.281   8.764   -5.147  1.00 12.69  ? 27  ASP A CG  1 
ATOM   165  O  OD1 . ASP A 1 27  ? 9.687   7.960   -6.016  1.00 14.10  ? 27  ASP A OD1 1 
ATOM   166  O  OD2 . ASP A 1 27  ? 9.361   8.556   -3.938  1.00 12.63  ? 27  ASP A OD2 1 
ATOM   167  N  N   . TRP A 1 28  ? 8.467   12.950  -6.706  1.00 11.66  ? 28  TRP A N   1 
ATOM   168  C  CA  . TRP A 1 28  ? 7.613   14.066  -7.149  1.00 11.97  ? 28  TRP A CA  1 
ATOM   169  C  C   . TRP A 1 28  ? 8.127   14.671  -8.466  1.00 11.06  ? 28  TRP A C   1 
ATOM   170  O  O   . TRP A 1 28  ? 7.338   15.097  -9.261  1.00 12.90  ? 28  TRP A O   1 
ATOM   171  C  CB  . TRP A 1 28  ? 7.553   15.147  -6.073  1.00 11.95  ? 28  TRP A CB  1 
ATOM   172  C  CG  . TRP A 1 28  ? 6.591   14.816  -4.963  1.00 11.96  ? 28  TRP A CG  1 
ATOM   173  C  CD1 . TRP A 1 28  ? 6.856   14.380  -3.706  1.00 12.47  ? 28  TRP A CD1 1 
ATOM   174  C  CD2 . TRP A 1 28  ? 5.178   14.967  -5.044  1.00 11.70  ? 28  TRP A CD2 1 
ATOM   175  N  NE1 . TRP A 1 28  ? 5.681   14.269  -3.005  1.00 11.78  ? 28  TRP A NE1 1 
ATOM   176  C  CE2 . TRP A 1 28  ? 4.631   14.595  -3.806  1.00 11.50  ? 28  TRP A CE2 1 
ATOM   177  C  CE3 . TRP A 1 28  ? 4.309   15.353  -6.061  1.00 12.65  ? 28  TRP A CE3 1 
ATOM   178  C  CZ2 . TRP A 1 28  ? 3.254   14.657  -3.561  1.00 12.35  ? 28  TRP A CZ2 1 
ATOM   179  C  CZ3 . TRP A 1 28  ? 2.966   15.438  -5.814  1.00 13.04  ? 28  TRP A CZ3 1 
ATOM   180  C  CH2 . TRP A 1 28  ? 2.437   15.022  -4.603  1.00 12.87  ? 28  TRP A CH2 1 
ATOM   181  N  N   . ALA A 1 29  ? 9.441   14.617  -8.693  1.00 12.07  ? 29  ALA A N   1 
ATOM   182  C  CA  . ALA A 1 29  ? 10.074  15.159  -9.919  1.00 13.18  ? 29  ALA A CA  1 
ATOM   183  C  C   . ALA A 1 29  ? 9.895   14.211  -11.085 1.00 14.94  ? 29  ALA A C   1 
ATOM   184  O  O   . ALA A 1 29  ? 10.173  14.620  -12.213 1.00 16.07  ? 29  ALA A O   1 
ATOM   185  C  CB  . ALA A 1 29  ? 11.534  15.433  -9.654  1.00 13.79  ? 29  ALA A CB  1 
ATOM   186  N  N   . ASN A 1 30  ? 9.512   12.963  -10.825 1.00 15.19  ? 30  ASN A N   1 
ATOM   187  C  CA  . ASN A 1 30  ? 9.275   11.931  -11.866 1.00 15.11  ? 30  ASN A CA  1 
ATOM   188  C  C   . ASN A 1 30  ? 7.868   11.360  -11.684 1.00 15.06  ? 30  ASN A C   1 
ATOM   189  O  O   . ASN A 1 30  ? 7.677   10.145  -11.812 1.00 15.47  ? 30  ASN A O   1 
ATOM   190  C  CB  . ASN A 1 30  ? 10.347  10.866  -11.764 1.00 16.28  ? 30  ASN A CB  1 
ATOM   191  C  CG  . ASN A 1 30  ? 11.707  11.419  -12.147 1.00 18.05  ? 30  ASN A CG  1 
ATOM   192  O  OD1 . ASN A 1 30  ? 12.012  11.548  -13.327 1.00 20.25  ? 30  ASN A OD1 1 
ATOM   193  N  ND2 . ASN A 1 30  ? 12.481  11.817  -11.178 1.00 17.59  ? 30  ASN A ND2 1 
ATOM   194  N  N   . LEU A 1 31  ? 6.910   12.215  -11.407 1.00 15.07  ? 31  LEU A N   1 
ATOM   195  C  CA  . LEU A 1 31  ? 5.558   11.807  -10.978 1.00 15.28  ? 31  LEU A CA  1 
ATOM   196  C  C   . LEU A 1 31  ? 4.804   11.192  -12.153 1.00 15.21  ? 31  LEU A C   1 
ATOM   197  O  O   . LEU A 1 31  ? 4.794   11.779  -13.270 1.00 16.06  ? 31  LEU A O   1 
ATOM   198  C  CB  . LEU A 1 31  ? 4.802   13.023  -10.475 1.00 14.85  ? 31  LEU A CB  1 
ATOM   199  C  CG  . LEU A 1 31  ? 3.383   12.742  -9.963  1.00 14.10  ? 31  LEU A CG  1 
ATOM   200  C  CD1 . LEU A 1 31  ? 3.375   11.781  -8.779  1.00 15.42  ? 31  LEU A CD1 1 
ATOM   201  C  CD2 . LEU A 1 31  ? 2.649   14.023  -9.636  1.00 15.30  ? 31  LEU A CD2 1 
ATOM   202  N  N   . VAL A 1 32  ? 4.136   10.070  -11.914 1.00 14.83  ? 32  VAL A N   1 
ATOM   203  C  CA  . VAL A 1 32  ? 3.141   9.493   -12.856 1.00 15.37  ? 32  VAL A CA  1 
ATOM   204  C  C   . VAL A 1 32  ? 1.730   9.792   -12.380 1.00 15.51  ? 32  VAL A C   1 
ATOM   205  O  O   . VAL A 1 32  ? 0.879   10.230  -13.175 1.00 17.26  ? 32  VAL A O   1 
ATOM   206  C  CB  . VAL A 1 32  ? 3.422   7.991   -13.018 1.00 16.60  ? 32  VAL A CB  1 
ATOM   207  C  CG1 . VAL A 1 32  ? 2.354   7.299   -13.843 1.00 17.76  ? 32  VAL A CG1 1 
ATOM   208  C  CG2 . VAL A 1 32  ? 4.806   7.740   -13.574 1.00 17.90  ? 32  VAL A CG2 1 
ATOM   209  N  N   . TRP A 1 33  ? 1.443   9.566   -11.104 1.00 13.73  ? 33  TRP A N   1 
ATOM   210  C  CA  . TRP A 1 33  ? 0.071   9.676   -10.579 1.00 13.93  ? 33  TRP A CA  1 
ATOM   211  C  C   . TRP A 1 33  ? 0.157   9.767   -9.061  1.00 13.20  ? 33  TRP A C   1 
ATOM   212  O  O   . TRP A 1 33  ? 1.052   9.113   -8.483  1.00 13.28  ? 33  TRP A O   1 
ATOM   213  C  CB  . TRP A 1 33  ? -0.751  8.469   -11.049 1.00 15.53  ? 33  TRP A CB  1 
ATOM   214  C  CG  . TRP A 1 33  ? -2.084  8.313   -10.412 1.00 15.02  ? 33  TRP A CG  1 
ATOM   215  C  CD1 . TRP A 1 33  ? -3.261  8.863   -10.809 1.00 18.20  ? 33  TRP A CD1 1 
ATOM   216  C  CD2 . TRP A 1 33  ? -2.390  7.486   -9.266  1.00 13.96  ? 33  TRP A CD2 1 
ATOM   217  N  NE1 . TRP A 1 33  ? -4.271  8.477   -9.962  1.00 18.54  ? 33  TRP A NE1 1 
ATOM   218  C  CE2 . TRP A 1 33  ? -3.766  7.616   -9.021  1.00 16.31  ? 33  TRP A CE2 1 
ATOM   219  C  CE3 . TRP A 1 33  ? -1.636  6.664   -8.439  1.00 14.21  ? 33  TRP A CE3 1 
ATOM   220  C  CZ2 . TRP A 1 33  ? -4.404  6.908   -8.007  1.00 15.81  ? 33  TRP A CZ2 1 
ATOM   221  C  CZ3 . TRP A 1 33  ? -2.269  5.971   -7.425  1.00 14.74  ? 33  TRP A CZ3 1 
ATOM   222  C  CH2 . TRP A 1 33  ? -3.628  6.117   -7.216  1.00 15.08  ? 33  TRP A CH2 1 
ATOM   223  N  N   . GLU A 1 34  ? -0.702  10.531  -8.442  1.00 12.93  ? 34  GLU A N   1 
ATOM   224  C  CA  . GLU A 1 34  ? -0.759  10.544  -6.970  1.00 13.39  ? 34  GLU A CA  1 
ATOM   225  C  C   . GLU A 1 34  ? -2.174  10.819  -6.535  1.00 14.28  ? 34  GLU A C   1 
ATOM   226  O  O   . GLU A 1 34  ? -2.949  11.447  -7.276  1.00 14.71  ? 34  GLU A O   1 
ATOM   227  C  CB  . GLU A 1 34  ? 0.231   11.533  -6.362  1.00 13.30  ? 34  GLU A CB  1 
ATOM   228  C  CG  . GLU A 1 34  ? 0.062   12.950  -6.879  1.00 13.46  ? 34  GLU A CG  1 
ATOM   229  C  CD  . GLU A 1 34  ? -0.980  13.830  -6.206  1.00 15.11  ? 34  GLU A CD  1 
ATOM   230  O  OE1 . GLU A 1 34  ? -1.383  14.815  -6.849  1.00 16.77  ? 34  GLU A OE1 1 
ATOM   231  O  OE2 . GLU A 1 34  ? -1.400  13.533  -5.082  1.00 15.34  ? 34  GLU A OE2 1 
ATOM   232  N  N   . ASP A 1 35  ? -2.536  10.293  -5.381  1.00 13.85  ? 35  ASP A N   1 
ATOM   233  C  CA  . ASP A 1 35  ? -3.890  10.493  -4.827  1.00 14.32  ? 35  ASP A CA  1 
ATOM   234  C  C   . ASP A 1 35  ? -3.753  10.544  -3.309  1.00 14.57  ? 35  ASP A C   1 
ATOM   235  O  O   . ASP A 1 35  ? -3.471  9.516   -2.672  1.00 13.10  ? 35  ASP A O   1 
ATOM   236  C  CB  . ASP A 1 35  ? -4.790  9.366   -5.339  1.00 15.15  ? 35  ASP A CB  1 
ATOM   237  C  CG  . ASP A 1 35  ? -6.214  9.433   -4.865  1.00 15.91  ? 35  ASP A CG  1 
ATOM   238  O  OD1 . ASP A 1 35  ? -6.427  9.780   -3.738  1.00 17.59  ? 35  ASP A OD1 1 
ATOM   239  O  OD2 . ASP A 1 35  ? -7.090  9.054   -5.666  1.00 20.67  ? 35  ASP A OD2 1 
ATOM   240  N  N   A SER A 1 36  ? -3.931  11.728  -2.724  0.25 14.48  ? 36  SER A N   1 
ATOM   241  N  N   B SER A 1 36  ? -3.939  11.728  -2.724  0.25 15.19  ? 36  SER A N   1 
ATOM   242  C  CA  A SER A 1 36  ? -3.841  11.956  -1.263  0.25 14.54  ? 36  SER A CA  1 
ATOM   243  C  CA  B SER A 1 36  ? -3.832  11.966  -1.265  0.25 15.72  ? 36  SER A CA  1 
ATOM   244  C  C   A SER A 1 36  ? -4.862  11.093  -0.523  0.25 14.48  ? 36  SER A C   1 
ATOM   245  C  C   B SER A 1 36  ? -4.868  11.130  -0.509  0.25 15.13  ? 36  SER A C   1 
ATOM   246  O  O   A SER A 1 36  ? -4.510  10.504  0.507   0.25 14.83  ? 36  SER A O   1 
ATOM   247  O  O   B SER A 1 36  ? -4.523  10.583  0.545   0.25 15.52  ? 36  SER A O   1 
ATOM   248  C  CB  A SER A 1 36  ? -4.057  13.395  -0.905  0.25 14.95  ? 36  SER A CB  1 
ATOM   249  C  CB  B SER A 1 36  ? -3.979  13.425  -0.930  0.25 17.03  ? 36  SER A CB  1 
ATOM   250  O  OG  A SER A 1 36  ? -4.045  13.549  0.505   0.25 15.15  ? 36  SER A OG  1 
ATOM   251  O  OG  B SER A 1 36  ? -5.031  14.018  -1.673  0.25 19.05  ? 36  SER A OG  1 
ATOM   252  N  N   . SER A 1 37  ? -6.079  11.008  -1.052  1.00 14.65  ? 37  SER A N   1 
ATOM   253  C  CA  . SER A 1 37  ? -7.155  10.252  -0.376  1.00 14.33  ? 37  SER A CA  1 
ATOM   254  C  C   . SER A 1 37  ? -6.752  8.786   -0.219  1.00 14.38  ? 37  SER A C   1 
ATOM   255  O  O   . SER A 1 37  ? -7.208  8.170   0.733   1.00 15.18  ? 37  SER A O   1 
ATOM   256  C  CB  . SER A 1 37  ? -8.467  10.385  -1.059  1.00 16.12  ? 37  SER A CB  1 
ATOM   257  O  OG  . SER A 1 37  ? -8.509  9.623   -2.220  1.00 20.57  ? 37  SER A OG  1 
ATOM   258  N  N   . ARG A 1 38  ? -5.900  8.251   -1.079  1.00 12.28  ? 38  ARG A N   1 
ATOM   259  C  CA  . ARG A 1 38  ? -5.468  6.823   -1.080  1.00 11.84  ? 38  ARG A CA  1 
ATOM   260  C  C   . ARG A 1 38  ? -4.112  6.645   -0.388  1.00 11.38  ? 38  ARG A C   1 
ATOM   261  O  O   . ARG A 1 38  ? -3.671  5.505   -0.239  1.00 11.64  ? 38  ARG A O   1 
ATOM   262  C  CB  . ARG A 1 38  ? -5.390  6.318   -2.525  1.00 13.09  ? 38  ARG A CB  1 
ATOM   263  C  CG  . ARG A 1 38  ? -6.732  6.296   -3.214  1.00 13.14  ? 38  ARG A CG  1 
ATOM   264  C  CD  . ARG A 1 38  ? -6.608  5.719   -4.584  1.00 13.10  ? 38  ARG A CD  1 
ATOM   265  N  NE  . ARG A 1 38  ? -6.230  4.329   -4.620  1.00 12.09  ? 38  ARG A NE  1 
ATOM   266  C  CZ  . ARG A 1 38  ? -6.623  3.445   -5.543  1.00 12.55  ? 38  ARG A CZ  1 
ATOM   267  N  NH1 . ARG A 1 38  ? -7.368  3.824   -6.581  1.00 13.47  ? 38  ARG A NH1 1 
ATOM   268  N  NH2 . ARG A 1 38  ? -6.313  2.159   -5.446  1.00 12.68  ? 38  ARG A NH2 1 
ATOM   269  N  N   . ASP A 1 39  ? -3.420  7.729   -0.080  1.00 11.31  ? 39  ASP A N   1 
ATOM   270  C  CA  . ASP A 1 39  ? -2.030  7.676   0.393   1.00 10.84  ? 39  ASP A CA  1 
ATOM   271  C  C   . ASP A 1 39  ? -1.135  6.972   -0.613  1.00 10.37  ? 39  ASP A C   1 
ATOM   272  O  O   . ASP A 1 39  ? -0.224  6.268   -0.196  1.00 11.13  ? 39  ASP A O   1 
ATOM   273  C  CB  . ASP A 1 39  ? -1.891  7.009   1.781   1.00 11.61  ? 39  ASP A CB  1 
ATOM   274  C  CG  . ASP A 1 39  ? -0.496  7.063   2.355   1.00 12.02  ? 39  ASP A CG  1 
ATOM   275  O  OD1 . ASP A 1 39  ? 0.189   8.104   2.147   1.00 12.29  ? 39  ASP A OD1 1 
ATOM   276  O  OD2 . ASP A 1 39  ? -0.102  6.089   3.038   1.00 12.23  ? 39  ASP A OD2 1 
ATOM   277  N  N   . LEU A 1 40  ? -1.320  7.204   -1.922  1.00 10.13  ? 40  LEU A N   1 
ATOM   278  C  CA  . LEU A 1 40  ? -0.464  6.566   -2.933  1.00 10.28  ? 40  LEU A CA  1 
ATOM   279  C  C   . LEU A 1 40  ? 0.164   7.611   -3.850  1.00 10.35  ? 40  LEU A C   1 
ATOM   280  O  O   . LEU A 1 40  ? -0.471  8.604   -4.224  1.00 10.93  ? 40  LEU A O   1 
ATOM   281  C  CB  . LEU A 1 40  ? -1.281  5.602   -3.789  1.00 11.04  ? 40  LEU A CB  1 
ATOM   282  C  CG  . LEU A 1 40  ? -1.704  4.287   -3.128  1.00 11.04  ? 40  LEU A CG  1 
ATOM   283  C  CD1 . LEU A 1 40  ? -2.467  3.444   -4.159  1.00 12.22  ? 40  LEU A CD1 1 
ATOM   284  C  CD2 . LEU A 1 40  ? -0.513  3.487   -2.605  1.00 11.35  ? 40  LEU A CD2 1 
ATOM   285  N  N   . LEU A 1 41  ? 1.373   7.272   -4.275  1.00 10.09  ? 41  LEU A N   1 
ATOM   286  C  CA  . LEU A 1 41  ? 2.080   8.045   -5.306  1.00 10.69  ? 41  LEU A CA  1 
ATOM   287  C  C   . LEU A 1 41  ? 2.847   7.035   -6.149  1.00 10.84  ? 41  LEU A C   1 
ATOM   288  O  O   . LEU A 1 41  ? 3.443   6.081   -5.616  1.00 11.38  ? 41  LEU A O   1 
ATOM   289  C  CB  . LEU A 1 41  ? 2.998   9.083   -4.650  1.00 11.23  ? 41  LEU A CB  1 
ATOM   290  C  CG  . LEU A 1 41  ? 3.751   9.974   -5.643  1.00 11.25  ? 41  LEU A CG  1 
ATOM   291  C  CD1 . LEU A 1 41  ? 3.929   11.392  -5.117  1.00 11.26  ? 41  LEU A CD1 1 
ATOM   292  C  CD2 . LEU A 1 41  ? 5.091   9.370   -6.020  1.00 11.88  ? 41  LEU A CD2 1 
ATOM   293  N  N   . VAL A 1 42  ? 2.836   7.286   -7.447  1.00 11.21  ? 42  VAL A N   1 
ATOM   294  C  CA  . VAL A 1 42  ? 3.563   6.441   -8.423  1.00 12.01  ? 42  VAL A CA  1 
ATOM   295  C  C   . VAL A 1 42  ? 4.535   7.348   -9.179  1.00 12.14  ? 42  VAL A C   1 
ATOM   296  O  O   . VAL A 1 42  ? 4.078   8.377   -9.718  1.00 13.13  ? 42  VAL A O   1 
ATOM   297  C  CB  . VAL A 1 42  ? 2.621   5.708   -9.371  1.00 12.36  ? 42  VAL A CB  1 
ATOM   298  C  CG1 . VAL A 1 42  ? 3.415   4.879   -10.356 1.00 13.67  ? 42  VAL A CG1 1 
ATOM   299  C  CG2 . VAL A 1 42  ? 1.681   4.816   -8.581  1.00 12.34  ? 42  VAL A CG2 1 
ATOM   300  N  N   . SER A 1 43  ? 5.787   6.934   -9.221  1.00 12.84  ? 43  SER A N   1 
ATOM   301  C  CA  . SER A 1 43  ? 6.843   7.626   -10.012 1.00 12.99  ? 43  SER A CA  1 
ATOM   302  C  C   . SER A 1 43  ? 7.397   6.667   -11.068 1.00 16.29  ? 43  SER A C   1 
ATOM   303  O  O   . SER A 1 43  ? 7.217   5.423   -10.978 1.00 15.36  ? 43  SER A O   1 
ATOM   304  C  CB  . SER A 1 43  ? 7.903   8.201   -9.094  1.00 13.36  ? 43  SER A CB  1 
ATOM   305  O  OG  . SER A 1 43  ? 8.537   7.175   -8.379  1.00 13.74  ? 43  SER A OG  1 
ATOM   306  N  N   . SER A 1 44  ? 8.127   7.233   -12.018 1.00 15.19  ? 44  SER A N   1 
ATOM   307  C  CA  . SER A 1 44  ? 8.742   6.478   -13.128 1.00 17.79  ? 44  SER A CA  1 
ATOM   308  C  C   . SER A 1 44  ? 10.125  5.986   -12.734 1.00 18.70  ? 44  SER A C   1 
ATOM   309  O  O   . SER A 1 44  ? 10.856  6.681   -11.975 1.00 20.11  ? 44  SER A O   1 
ATOM   310  C  CB  . SER A 1 44  ? 8.783   7.322   -14.348 1.00 19.20  ? 44  SER A CB  1 
ATOM   311  O  OG  . SER A 1 44  ? 9.589   8.455   -14.111 1.00 23.58  ? 44  SER A OG  1 
ATOM   312  N  N   . THR A 1 45  ? 10.499  4.807   -13.227 1.00 19.91  ? 45  THR A N   1 
ATOM   313  C  CA  . THR A 1 45  ? 11.807  4.175   -12.960 1.00 20.15  ? 45  THR A CA  1 
ATOM   314  C  C   . THR A 1 45  ? 12.554  3.946   -14.297 1.00 22.56  ? 45  THR A C   1 
ATOM   315  O  O   . THR A 1 45  ? 11.921  3.825   -15.335 1.00 23.21  ? 45  THR A O   1 
ATOM   316  C  CB  . THR A 1 45  ? 11.663  2.853   -12.203 1.00 20.86  ? 45  THR A CB  1 
ATOM   317  O  OG1 . THR A 1 45  ? 11.017  1.982   -13.127 1.00 22.78  ? 45  THR A OG1 1 
ATOM   318  C  CG2 . THR A 1 45  ? 10.815  2.982   -10.955 1.00 19.76  ? 45  THR A CG2 1 
ATOM   319  N  N   . THR A 1 46  ? 13.864  3.842   -14.230 1.00 26.43  ? 46  THR A N   1 
ATOM   320  C  CA  . THR A 1 46  ? 14.674  3.491   -15.427 1.00 27.42  ? 46  THR A CA  1 
ATOM   321  C  C   . THR A 1 46  ? 14.667  1.962   -15.589 1.00 27.85  ? 46  THR A C   1 
ATOM   322  O  O   . THR A 1 46  ? 14.373  1.495   -16.706 1.00 32.75  ? 46  THR A O   1 
ATOM   323  C  CB  . THR A 1 46  ? 16.046  4.167   -15.332 1.00 28.69  ? 46  THR A CB  1 
ATOM   324  O  OG1 . THR A 1 46  ? 16.648  3.837   -14.086 1.00 32.66  ? 46  THR A OG1 1 
ATOM   325  C  CG2 . THR A 1 46  ? 15.948  5.672   -15.404 1.00 32.64  ? 46  THR A CG2 1 
ATOM   326  N  N   . ALA A 1 47  ? 14.858  1.221   -14.499 1.00 28.70  ? 47  ALA A N   1 
ATOM   327  C  CA  . ALA A 1 47  ? 14.924  -0.264  -14.491 1.00 27.16  ? 47  ALA A CA  1 
ATOM   328  C  C   . ALA A 1 47  ? 13.531  -0.876  -14.307 1.00 27.55  ? 47  ALA A C   1 
ATOM   329  O  O   . ALA A 1 47  ? 12.715  -0.302  -13.533 1.00 26.79  ? 47  ALA A O   1 
ATOM   330  C  CB  . ALA A 1 47  ? 15.855  -0.706  -13.408 1.00 27.45  ? 47  ALA A CB  1 
ATOM   331  N  N   . GLN A 1 48  ? 13.282  -2.026  -14.945 1.00 23.75  ? 48  GLN A N   1 
ATOM   332  C  CA  . GLN A 1 48  ? 12.034  -2.820  -14.797 1.00 22.77  ? 48  GLN A CA  1 
ATOM   333  C  C   . GLN A 1 48  ? 11.932  -3.434  -13.395 1.00 21.27  ? 48  GLN A C   1 
ATOM   334  O  O   . GLN A 1 48  ? 12.913  -3.856  -12.820 1.00 21.51  ? 48  GLN A O   1 
ATOM   335  C  CB  . GLN A 1 48  ? 11.920  -3.889  -15.877 1.00 23.63  ? 48  GLN A CB  1 
ATOM   336  C  CG  . GLN A 1 48  ? 11.932  -3.269  -17.265 1.00 29.90  ? 48  GLN A CG  1 
ATOM   337  C  CD  . GLN A 1 48  ? 10.727  -3.584  -18.108 1.00 39.87  ? 48  GLN A CD  1 
ATOM   338  O  OE1 . GLN A 1 48  ? 10.840  -4.207  -19.166 1.00 47.61  ? 48  GLN A OE1 1 
ATOM   339  N  NE2 . GLN A 1 48  ? 9.565   -3.108  -17.674 1.00 40.09  ? 48  GLN A NE2 1 
ATOM   340  N  N   . GLY A 1 49  ? 10.700  -3.467  -12.874 1.00 22.06  ? 49  GLY A N   1 
ATOM   341  C  CA  . GLY A 1 49  ? 10.447  -3.946  -11.506 1.00 22.36  ? 49  GLY A CA  1 
ATOM   342  C  C   . GLY A 1 49  ? 10.259  -5.463  -11.379 1.00 20.43  ? 49  GLY A C   1 
ATOM   343  O  O   . GLY A 1 49  ? 9.845   -6.059  -12.370 1.00 21.01  ? 49  GLY A O   1 
ATOM   344  N  N   . CYS A 1 50  ? 10.462  -6.030  -10.182 1.00 20.77  ? 50  CYS A N   1 
ATOM   345  C  CA  . CYS A 1 50  ? 10.365  -7.483  -9.877  1.00 20.38  ? 50  CYS A CA  1 
ATOM   346  C  C   . CYS A 1 50  ? 8.919   -7.877  -9.516  1.00 18.34  ? 50  CYS A C   1 
ATOM   347  O  O   . CYS A 1 50  ? 8.674   -9.077  -9.489  1.00 19.29  ? 50  CYS A O   1 
ATOM   348  C  CB  . CYS A 1 50  ? 11.253  -7.970  -8.718  1.00 22.22  ? 50  CYS A CB  1 
ATOM   349  S  SG  . CYS A 1 50  ? 13.030  -8.269  -9.012  1.00 31.36  ? 50  CYS A SG  1 
ATOM   350  N  N   . ASP A 1 51  ? 8.015   -6.933  -9.265  1.00 16.63  ? 51  ASP A N   1 
ATOM   351  C  CA  . ASP A 1 51  ? 6.687   -7.281  -8.691  1.00 14.56  ? 51  ASP A CA  1 
ATOM   352  C  C   . ASP A 1 51  ? 5.630   -7.460  -9.759  1.00 15.39  ? 51  ASP A C   1 
ATOM   353  O  O   . ASP A 1 51  ? 5.649   -6.784  -10.781 1.00 17.32  ? 51  ASP A O   1 
ATOM   354  C  CB  . ASP A 1 51  ? 6.238   -6.241  -7.658  1.00 15.38  ? 51  ASP A CB  1 
ATOM   355  C  CG  . ASP A 1 51  ? 7.169   -6.112  -6.488  1.00 17.21  ? 51  ASP A CG  1 
ATOM   356  O  OD1 . ASP A 1 51  ? 7.659   -7.105  -5.994  1.00 19.38  ? 51  ASP A OD1 1 
ATOM   357  O  OD2 . ASP A 1 51  ? 7.408   -4.978  -6.050  1.00 18.22  ? 51  ASP A OD2 1 
ATOM   358  N  N   . THR A 1 52  ? 4.674   -8.335  -9.443  1.00 13.62  ? 52  THR A N   1 
ATOM   359  C  CA  . THR A 1 52  ? 3.441   -8.602  -10.209 1.00 14.37  ? 52  THR A CA  1 
ATOM   360  C  C   . THR A 1 52  ? 2.267   -8.143  -9.363  1.00 12.45  ? 52  THR A C   1 
ATOM   361  O  O   . THR A 1 52  ? 2.227   -8.494  -8.174  1.00 13.38  ? 52  THR A O   1 
ATOM   362  C  CB  . THR A 1 52  ? 3.292   -10.096 -10.505 1.00 15.20  ? 52  THR A CB  1 
ATOM   363  O  OG1 . THR A 1 52  ? 4.401   -10.523 -11.316 1.00 17.74  ? 52  THR A OG1 1 
ATOM   364  C  CG2 . THR A 1 52  ? 2.007   -10.418 -11.232 1.00 17.13  ? 52  THR A CG2 1 
ATOM   365  N  N   . ILE A 1 53  ? 1.389   -7.355  -9.942  1.00 12.12  ? 53  ILE A N   1 
ATOM   366  C  CA  . ILE A 1 53  ? 0.185   -6.885  -9.223  1.00 11.61  ? 53  ILE A CA  1 
ATOM   367  C  C   . ILE A 1 53  ? -0.890  -7.947  -9.336  1.00 11.65  ? 53  ILE A C   1 
ATOM   368  O  O   . ILE A 1 53  ? -1.203  -8.423  -10.424 1.00 12.25  ? 53  ILE A O   1 
ATOM   369  C  CB  . ILE A 1 53  ? -0.281  -5.526  -9.766  1.00 12.08  ? 53  ILE A CB  1 
ATOM   370  C  CG1 . ILE A 1 53  ? 0.855   -4.484  -9.861  1.00 12.74  ? 53  ILE A CG1 1 
ATOM   371  C  CG2 . ILE A 1 53  ? -1.445  -5.005  -8.948  1.00 12.00  ? 53  ILE A CG2 1 
ATOM   372  C  CD1 . ILE A 1 53  ? 1.568   -4.232  -8.580  1.00 13.52  ? 53  ILE A CD1 1 
ATOM   373  N  N   . ALA A 1 54  ? -1.493  -8.276  -8.203  1.00 11.19  ? 54  ALA A N   1 
ATOM   374  C  CA  . ALA A 1 54  ? -2.676  -9.140  -8.145  1.00 10.73  ? 54  ALA A CA  1 
ATOM   375  C  C   . ALA A 1 54  ? -3.841  -8.477  -8.883  1.00 10.21  ? 54  ALA A C   1 
ATOM   376  O  O   . ALA A 1 54  ? -4.055  -7.275  -8.736  1.00 10.50  ? 54  ALA A O   1 
ATOM   377  C  CB  . ALA A 1 54  ? -3.033  -9.377  -6.707  1.00 10.74  ? 54  ALA A CB  1 
ATOM   378  N  N   . ARG A 1 55  ? -4.624  -9.289  -9.603  1.00 10.88  ? 55  ARG A N   1 
ATOM   379  C  CA  . ARG A 1 55  ? -5.869  -8.833  -10.261 1.00 10.78  ? 55  ARG A CA  1 
ATOM   380  C  C   . ARG A 1 55  ? -6.934  -9.824  -9.821  1.00 10.55  ? 55  ARG A C   1 
ATOM   381  O  O   . ARG A 1 55  ? -7.064  -10.902 -10.404 1.00 12.19  ? 55  ARG A O   1 
ATOM   382  C  CB  . ARG A 1 55  ? -5.727  -8.716  -11.786 1.00 12.26  ? 55  ARG A CB  1 
ATOM   383  C  CG  . ARG A 1 55  ? -4.572  -7.828  -12.238 1.00 12.90  ? 55  ARG A CG  1 
ATOM   384  C  CD  . ARG A 1 55  ? -4.729  -6.366  -11.846 1.00 13.52  ? 55  ARG A CD  1 
ATOM   385  N  NE  . ARG A 1 55  ? -3.553  -5.615  -12.316 1.00 14.66  ? 55  ARG A NE  1 
ATOM   386  C  CZ  . ARG A 1 55  ? -3.264  -4.379  -11.927 1.00 14.41  ? 55  ARG A CZ  1 
ATOM   387  N  NH1 . ARG A 1 55  ? -4.033  -3.743  -11.078 1.00 14.07  ? 55  ARG A NH1 1 
ATOM   388  N  NH2 . ARG A 1 55  ? -2.141  -3.772  -12.303 1.00 16.49  ? 55  ARG A NH2 1 
ATOM   389  N  N   . CYS A 1 56  ? -7.653  -9.460  -8.767  1.00 10.51  ? 56  CYS A N   1 
ATOM   390  C  CA  . CYS A 1 56  ? -8.450  -10.426 -8.010  1.00 10.45  ? 56  CYS A CA  1 
ATOM   391  C  C   . CYS A 1 56  ? -9.247  -9.702  -6.935  1.00 10.79  ? 56  CYS A C   1 
ATOM   392  O  O   . CYS A 1 56  ? -9.075  -8.495  -6.709  1.00 10.83  ? 56  CYS A O   1 
ATOM   393  C  CB  . CYS A 1 56  ? -7.541  -11.442 -7.319  1.00 9.46   ? 56  CYS A CB  1 
ATOM   394  S  SG  . CYS A 1 56  ? -6.594  -10.721 -5.961  1.00 10.59  ? 56  CYS A SG  1 
ATOM   395  N  N   A ASP A 1 57  ? -10.139 -10.428 -6.258  0.25 10.87  ? 57  ASP A N   1 
ATOM   396  N  N   B ASP A 1 57  ? -10.059 -10.525 -6.267  0.25 12.09  ? 57  ASP A N   1 
ATOM   397  C  CA  A ASP A 1 57  ? -10.840 -9.926  -5.046  0.25 11.05  ? 57  ASP A CA  1 
ATOM   398  C  CA  B ASP A 1 57  ? -11.004 -10.174 -5.183  0.25 13.19  ? 57  ASP A CA  1 
ATOM   399  C  C   A ASP A 1 57  ? -10.533 -10.845 -3.860  0.25 11.14  ? 57  ASP A C   1 
ATOM   400  C  C   B ASP A 1 57  ? -10.539 -10.802 -3.855  0.25 12.39  ? 57  ASP A C   1 
ATOM   401  O  O   A ASP A 1 57  ? -11.414 -11.080 -3.033  0.25 11.54  ? 57  ASP A O   1 
ATOM   402  O  O   B ASP A 1 57  ? -11.338 -10.751 -2.903  0.25 12.71  ? 57  ASP A O   1 
ATOM   403  C  CB  A ASP A 1 57  ? -12.348 -9.796  -5.274  0.25 11.16  ? 57  ASP A CB  1 
ATOM   404  C  CB  B ASP A 1 57  ? -12.405 -10.650 -5.598  0.25 15.20  ? 57  ASP A CB  1 
ATOM   405  C  CG  A ASP A 1 57  ? -13.063 -11.119 -5.476  0.25 12.17  ? 57  ASP A CG  1 
ATOM   406  C  CG  B ASP A 1 57  ? -13.559 -9.982  -4.877  0.25 18.02  ? 57  ASP A CG  1 
ATOM   407  O  OD1 A ASP A 1 57  ? -12.394 -12.153 -5.591  0.25 12.40  ? 57  ASP A OD1 1 
ATOM   408  O  OD1 B ASP A 1 57  ? -13.452 -8.779  -4.590  0.25 19.88  ? 57  ASP A OD1 1 
ATOM   409  O  OD2 A ASP A 1 57  ? -14.313 -11.085 -5.528  0.25 14.85  ? 57  ASP A OD2 1 
ATOM   410  O  OD2 B ASP A 1 57  ? -14.560 -10.681 -4.611  0.25 20.67  ? 57  ASP A OD2 1 
ATOM   411  N  N   . CYS A 1 58  ? -9.304  -11.322 -3.759  1.00 11.28  ? 58  CYS A N   1 
ATOM   412  C  CA  . CYS A 1 58  ? -8.877  -12.050 -2.544  1.00 11.00  ? 58  CYS A CA  1 
ATOM   413  C  C   . CYS A 1 58  ? -9.083  -11.169 -1.307  1.00 10.59  ? 58  CYS A C   1 
ATOM   414  O  O   . CYS A 1 58  ? -8.903  -9.943  -1.360  1.00 10.90  ? 58  CYS A O   1 
ATOM   415  C  CB  . CYS A 1 58  ? -7.415  -12.449 -2.553  1.00 11.63  ? 58  CYS A CB  1 
ATOM   416  S  SG  . CYS A 1 58  ? -7.045  -13.755 -3.739  1.00 11.95  ? 58  CYS A SG  1 
ATOM   417  N  N   . GLN A 1 59  ? -9.394  -11.848 -0.205  1.00 11.15  ? 59  GLN A N   1 
ATOM   418  C  CA  . GLN A 1 59  ? -9.463  -11.241 1.145   1.00 11.16  ? 59  GLN A CA  1 
ATOM   419  C  C   . GLN A 1 59  ? -8.590  -12.039 2.092   1.00 10.35  ? 59  GLN A C   1 
ATOM   420  O  O   . GLN A 1 59  ? -8.718  -11.840 3.304   1.00 11.15  ? 59  GLN A O   1 
ATOM   421  C  CB  . GLN A 1 59  ? -10.915 -11.205 1.659   1.00 12.41  ? 59  GLN A CB  1 
ATOM   422  C  CG  . GLN A 1 59  ? -11.745 -10.137 0.985   1.00 13.75  ? 59  GLN A CG  1 
ATOM   423  C  CD  . GLN A 1 59  ? -13.090 -10.030 1.683   1.00 14.16  ? 59  GLN A CD  1 
ATOM   424  O  OE1 . GLN A 1 59  ? -14.107 -10.564 1.210   1.00 16.01  ? 59  GLN A OE1 1 
ATOM   425  N  NE2 . GLN A 1 59  ? -13.132 -9.427  2.852   1.00 14.85  ? 59  GLN A NE2 1 
ATOM   426  N  N   . THR A 1 60  ? -7.677  -12.840 1.596   1.00 10.66  ? 60  THR A N   1 
ATOM   427  C  CA  . THR A 1 60  ? -6.647  -13.455 2.443   1.00 11.51  ? 60  THR A CA  1 
ATOM   428  C  C   . THR A 1 60  ? -5.290  -13.311 1.780   1.00 10.96  ? 60  THR A C   1 
ATOM   429  O  O   . THR A 1 60  ? -5.183  -13.375 0.536   1.00 11.56  ? 60  THR A O   1 
ATOM   430  C  CB  . THR A 1 60  ? -6.937  -14.897 2.786   1.00 13.57  ? 60  THR A CB  1 
ATOM   431  O  OG1 . THR A 1 60  ? -6.787  -15.663 1.622   1.00 18.31  ? 60  THR A OG1 1 
ATOM   432  C  CG2 . THR A 1 60  ? -8.274  -15.097 3.443   1.00 14.63  ? 60  THR A CG2 1 
ATOM   433  N  N   . GLY A 1 61  ? -4.273  -13.080 2.577   1.00 9.97   ? 61  GLY A N   1 
ATOM   434  C  CA  . GLY A 1 61  ? -2.922  -12.867 2.077   1.00 9.79   ? 61  GLY A CA  1 
ATOM   435  C  C   . GLY A 1 61  ? -1.941  -12.827 3.223   1.00 9.42   ? 61  GLY A C   1 
ATOM   436  O  O   . GLY A 1 61  ? -2.252  -13.288 4.331   1.00 10.12  ? 61  GLY A O   1 
ATOM   437  N  N   . VAL A 1 62  ? -0.777  -12.300 2.928   1.00 8.40   ? 62  VAL A N   1 
ATOM   438  C  CA  . VAL A 1 62  ? 0.343   -12.263 3.880   1.00 9.07   ? 62  VAL A CA  1 
ATOM   439  C  C   . VAL A 1 62  ? 0.940   -10.888 3.762   1.00 9.11   ? 62  VAL A C   1 
ATOM   440  O  O   . VAL A 1 62  ? 1.162   -10.430 2.646   1.00 9.86   ? 62  VAL A O   1 
ATOM   441  C  CB  . VAL A 1 62  ? 1.380   -13.345 3.589   1.00 9.36   ? 62  VAL A CB  1 
ATOM   442  C  CG1 . VAL A 1 62  ? 2.610   -13.157 4.470   1.00 10.56  ? 62  VAL A CG1 1 
ATOM   443  C  CG2 . VAL A 1 62  ? 0.792   -14.725 3.774   1.00 10.22  ? 62  VAL A CG2 1 
ATOM   444  N  N   . TYR A 1 63  ? 1.247   -10.236 4.879   1.00 9.26   ? 63  TYR A N   1 
ATOM   445  C  CA  . TYR A 1 63  ? 1.874   -8.905  4.824   1.00 8.65   ? 63  TYR A CA  1 
ATOM   446  C  C   . TYR A 1 63  ? 3.167   -8.877  5.632   1.00 9.55   ? 63  TYR A C   1 
ATOM   447  O  O   . TYR A 1 63  ? 3.330   -9.632  6.597   1.00 10.23  ? 63  TYR A O   1 
ATOM   448  C  CB  . TYR A 1 63  ? 0.969   -7.776  5.281   1.00 9.54   ? 63  TYR A CB  1 
ATOM   449  C  CG  . TYR A 1 63  ? 0.906   -7.491  6.774   1.00 9.79   ? 63  TYR A CG  1 
ATOM   450  C  CD1 . TYR A 1 63  ? 0.175   -8.318  7.615   1.00 9.91   ? 63  TYR A CD1 1 
ATOM   451  C  CD2 . TYR A 1 63  ? 1.584   -6.419  7.352   1.00 10.43  ? 63  TYR A CD2 1 
ATOM   452  C  CE1 . TYR A 1 63  ? 0.093   -8.068  8.983   1.00 11.21  ? 63  TYR A CE1 1 
ATOM   453  C  CE2 . TYR A 1 63  ? 1.500   -6.161  8.708   1.00 10.50  ? 63  TYR A CE2 1 
ATOM   454  C  CZ  . TYR A 1 63  ? 0.770   -7.002  9.520   1.00 10.72  ? 63  TYR A CZ  1 
ATOM   455  O  OH  . TYR A 1 63  ? 0.695   -6.775  10.869  1.00 11.67  ? 63  TYR A OH  1 
ATOM   456  N  N   . TYR A 1 64  ? 4.062   -8.003  5.251   1.00 9.09   ? 64  TYR A N   1 
ATOM   457  C  CA  . TYR A 1 64  ? 5.326   -7.794  5.966   1.00 9.63   ? 64  TYR A CA  1 
ATOM   458  C  C   . TYR A 1 64  ? 5.158   -6.655  6.958   1.00 9.09   ? 64  TYR A C   1 
ATOM   459  O  O   . TYR A 1 64  ? 4.806   -5.507  6.628   1.00 9.84   ? 64  TYR A O   1 
ATOM   460  C  CB  . TYR A 1 64  ? 6.461   -7.481  5.007   1.00 10.56  ? 64  TYR A CB  1 
ATOM   461  C  CG  . TYR A 1 64  ? 7.741   -7.307  5.772   1.00 11.87  ? 64  TYR A CG  1 
ATOM   462  C  CD1 . TYR A 1 64  ? 8.258   -8.366  6.499   1.00 12.29  ? 64  TYR A CD1 1 
ATOM   463  C  CD2 . TYR A 1 64  ? 8.419   -6.106  5.784   1.00 11.88  ? 64  TYR A CD2 1 
ATOM   464  C  CE1 . TYR A 1 64  ? 9.408   -8.212  7.269   1.00 13.16  ? 64  TYR A CE1 1 
ATOM   465  C  CE2 . TYR A 1 64  ? 9.582   -5.930  6.524   1.00 13.40  ? 64  TYR A CE2 1 
ATOM   466  C  CZ  . TYR A 1 64  ? 10.073  -6.999  7.246   1.00 13.15  ? 64  TYR A CZ  1 
ATOM   467  O  OH  . TYR A 1 64  ? 11.219  -6.814  7.999   1.00 14.26  ? 64  TYR A OH  1 
ATOM   468  N  N   . CYS A 1 65  ? 5.543   -6.957  8.186   1.00 9.86   ? 65  CYS A N   1 
ATOM   469  C  CA  . CYS A 1 65  ? 5.558   -6.031  9.335   1.00 10.21  ? 65  CYS A CA  1 
ATOM   470  C  C   . CYS A 1 65  ? 6.994   -5.739  9.776   1.00 10.28  ? 65  CYS A C   1 
ATOM   471  O  O   . CYS A 1 65  ? 7.595   -6.571  10.509  1.00 11.12  ? 65  CYS A O   1 
ATOM   472  C  CB  . CYS A 1 65  ? 4.738   -6.603  10.469  1.00 9.75   ? 65  CYS A CB  1 
ATOM   473  S  SG  . CYS A 1 65  ? 4.738   -5.593  11.954  1.00 11.07  ? 65  CYS A SG  1 
ATOM   474  N  N   . SER A 1 66  ? 7.525   -4.602  9.372   1.00 10.31  ? 66  SER A N   1 
ATOM   475  C  CA  . SER A 1 66  ? 8.934   -4.259  9.702   1.00 10.94  ? 66  SER A CA  1 
ATOM   476  C  C   . SER A 1 66  ? 9.163   -4.138  11.208  1.00 10.71  ? 66  SER A C   1 
ATOM   477  O  O   . SER A 1 66  ? 10.259  -4.531  11.670  1.00 12.45  ? 66  SER A O   1 
ATOM   478  C  CB  . SER A 1 66  ? 9.356   -3.032  8.953   1.00 12.54  ? 66  SER A CB  1 
ATOM   479  O  OG  . SER A 1 66  ? 8.797   -1.851  9.426   1.00 17.19  ? 66  SER A OG  1 
ATOM   480  N  N   . SER A 1 67  ? 8.185   -3.696  11.975  1.00 9.58   ? 67  SER A N   1 
ATOM   481  C  CA  . SER A 1 67  ? 8.348   -3.486  13.439  1.00 10.42  ? 67  SER A CA  1 
ATOM   482  C  C   . SER A 1 67  ? 8.316   -4.829  14.162  1.00 10.73  ? 67  SER A C   1 
ATOM   483  O  O   . SER A 1 67  ? 8.530   -4.822  15.423  1.00 11.09  ? 67  SER A O   1 
ATOM   484  C  CB  . SER A 1 67  ? 7.353   -2.561  13.964  1.00 9.97   ? 67  SER A CB  1 
ATOM   485  O  OG  . SER A 1 67  ? 6.008   -3.067  13.840  1.00 10.91  ? 67  SER A OG  1 
ATOM   486  N  N   . ARG A 1 68  ? 8.138   -5.947  13.470  1.00 10.79  ? 68  ARG A N   1 
ATOM   487  C  CA  . ARG A 1 68  ? 8.246   -7.295  14.035  1.00 10.48  ? 68  ARG A CA  1 
ATOM   488  C  C   . ARG A 1 68  ? 9.241   -8.152  13.283  1.00 11.02  ? 68  ARG A C   1 
ATOM   489  O  O   . ARG A 1 68  ? 9.443   -9.302  13.670  1.00 12.91  ? 68  ARG A O   1 
ATOM   490  C  CB  . ARG A 1 68  ? 6.883   -7.978  14.034  1.00 10.88  ? 68  ARG A CB  1 
ATOM   491  C  CG  . ARG A 1 68  ? 5.880   -7.283  14.922  1.00 11.10  ? 68  ARG A CG  1 
ATOM   492  C  CD  . ARG A 1 68  ? 6.176   -7.552  16.409  1.00 12.53  ? 68  ARG A CD  1 
ATOM   493  N  NE  . ARG A 1 68  ? 5.237   -6.916  17.283  1.00 13.19  ? 68  ARG A NE  1 
ATOM   494  C  CZ  . ARG A 1 68  ? 5.346   -5.716  17.802  1.00 12.56  ? 68  ARG A CZ  1 
ATOM   495  N  NH1 . ARG A 1 68  ? 6.430   -4.988  17.553  1.00 13.39  ? 68  ARG A NH1 1 
ATOM   496  N  NH2 . ARG A 1 68  ? 4.399   -5.262  18.601  1.00 13.41  ? 68  ARG A NH2 1 
ATOM   497  N  N   A ARG A 1 69  ? 9.807   -7.633  12.195  0.19 11.88  ? 69  ARG A N   1 
ATOM   498  N  N   B ARG A 1 69  ? 9.818   -7.625  12.211  0.27 11.00  ? 69  ARG A N   1 
ATOM   499  C  CA  A ARG A 1 69  ? 10.648  -8.402  11.245  0.19 12.74  ? 69  ARG A CA  1 
ATOM   500  C  CA  B ARG A 1 69  ? 10.616  -8.424  11.259  0.27 11.24  ? 69  ARG A CA  1 
ATOM   501  C  C   A ARG A 1 69  ? 9.939   -9.713  10.879  0.19 12.80  ? 69  ARG A C   1 
ATOM   502  C  C   B ARG A 1 69  ? 9.884   -9.747  11.031  0.27 11.35  ? 69  ARG A C   1 
ATOM   503  O  O   A ARG A 1 69  ? 10.604  -10.765 10.804  0.19 13.82  ? 69  ARG A O   1 
ATOM   504  O  O   B ARG A 1 69  ? 10.430  -10.836 11.278  0.27 11.62  ? 69  ARG A O   1 
ATOM   505  C  CB  A ARG A 1 69  ? 12.035  -8.663  11.842  0.19 14.21  ? 69  ARG A CB  1 
ATOM   506  C  CB  B ARG A 1 69  ? 12.048  -8.583  11.773  0.27 12.16  ? 69  ARG A CB  1 
ATOM   507  C  CG  A ARG A 1 69  ? 12.920  -7.429  11.903  0.19 15.24  ? 69  ARG A CG  1 
ATOM   508  C  CG  B ARG A 1 69  ? 12.800  -7.265  11.790  0.27 12.38  ? 69  ARG A CG  1 
ATOM   509  C  CD  A ARG A 1 69  ? 14.338  -7.761  12.349  0.19 16.35  ? 69  ARG A CD  1 
ATOM   510  C  CD  B ARG A 1 69  ? 14.293  -7.439  11.988  0.27 12.90  ? 69  ARG A CD  1 
ATOM   511  N  NE  A ARG A 1 69  ? 15.159  -6.571  12.598  0.19 17.00  ? 69  ARG A NE  1 
ATOM   512  N  NE  B ARG A 1 69  ? 15.027  -6.188  11.847  0.27 12.89  ? 69  ARG A NE  1 
ATOM   513  C  CZ  A ARG A 1 69  ? 15.730  -6.229  13.760  0.19 17.16  ? 69  ARG A CZ  1 
ATOM   514  C  CZ  B ARG A 1 69  ? 15.394  -5.649  10.693  0.27 12.58  ? 69  ARG A CZ  1 
ATOM   515  N  NH1 A ARG A 1 69  ? 15.582  -6.991  14.831  0.19 17.65  ? 69  ARG A NH1 1 
ATOM   516  N  NH1 B ARG A 1 69  ? 15.051  -6.220  9.559   0.27 13.07  ? 69  ARG A NH1 1 
ATOM   517  N  NH2 A ARG A 1 69  ? 16.439  -5.110  13.854  0.19 17.27  ? 69  ARG A NH2 1 
ATOM   518  N  NH2 B ARG A 1 69  ? 16.080  -4.526  10.681  0.27 12.29  ? 69  ARG A NH2 1 
ATOM   519  N  N   . LYS A 1 70  ? 8.633   -9.655  10.605  0.46 12.86  ? 70  LYS A N   1 
ATOM   520  C  CA  . LYS A 1 70  ? 7.821   -10.878 10.388  0.46 13.46  ? 70  LYS A CA  1 
ATOM   521  C  C   . LYS A 1 70  ? 6.783   -10.644 9.297   0.46 12.53  ? 70  LYS A C   1 
ATOM   522  O  O   . LYS A 1 70  ? 6.270   -9.513  9.182   0.46 12.20  ? 70  LYS A O   1 
ATOM   523  C  CB  . LYS A 1 70  ? 7.121   -11.319 11.677  0.46 15.13  ? 70  LYS A CB  1 
ATOM   524  C  CG  . LYS A 1 70  ? 8.010   -12.058 12.668  0.46 17.80  ? 70  LYS A CG  1 
ATOM   525  C  CD  . LYS A 1 70  ? 7.277   -12.559 13.894  0.46 20.20  ? 70  LYS A CD  1 
ATOM   526  C  CE  . LYS A 1 70  ? 8.197   -13.226 14.895  0.46 22.12  ? 70  LYS A CE  1 
ATOM   527  N  NZ  . LYS A 1 70  ? 9.299   -12.331 15.322  0.46 23.52  ? 70  LYS A NZ  1 
ATOM   528  N  N   . HIS A 1 71  ? 6.498   -11.709 8.559   1.00 11.85  ? 71  HIS A N   1 
ATOM   529  C  CA  . HIS A 1 71  ? 5.357   -11.774 7.640   1.00 11.73  ? 71  HIS A CA  1 
ATOM   530  C  C   . HIS A 1 71  ? 4.241   -12.456 8.393   1.00 12.36  ? 71  HIS A C   1 
ATOM   531  O  O   . HIS A 1 71  ? 4.466   -13.532 8.990   1.00 14.48  ? 71  HIS A O   1 
ATOM   532  C  CB  . HIS A 1 71  ? 5.726   -12.525 6.392   1.00 11.73  ? 71  HIS A CB  1 
ATOM   533  C  CG  . HIS A 1 71  ? 6.717   -11.847 5.528   1.00 12.11  ? 71  HIS A CG  1 
ATOM   534  N  ND1 . HIS A 1 71  ? 6.461   -11.130 4.370   1.00 13.48  ? 71  HIS A ND1 1 
ATOM   535  C  CD2 . HIS A 1 71  ? 8.047   -11.782 5.690   1.00 12.39  ? 71  HIS A CD2 1 
ATOM   536  C  CE1 . HIS A 1 71  ? 7.597   -10.681 3.870   1.00 11.89  ? 71  HIS A CE1 1 
ATOM   537  N  NE2 . HIS A 1 71  ? 8.572   -11.090 4.635   1.00 16.40  ? 71  HIS A NE2 1 
ATOM   538  N  N   . TYR A 1 72  ? 3.036   -11.921 8.329   1.00 10.73  ? 72  TYR A N   1 
ATOM   539  C  CA  . TYR A 1 72  ? 1.842   -12.486 8.976   1.00 10.94  ? 72  TYR A CA  1 
ATOM   540  C  C   . TYR A 1 72  ? 0.763   -12.803 7.957   1.00 10.18  ? 72  TYR A C   1 
ATOM   541  O  O   . TYR A 1 72  ? 0.423   -11.952 7.140   1.00 10.30  ? 72  TYR A O   1 
ATOM   542  C  CB  . TYR A 1 72  ? 1.255   -11.468 9.955   1.00 11.43  ? 72  TYR A CB  1 
ATOM   543  C  CG  . TYR A 1 72  ? 2.122   -11.140 11.138  1.00 11.45  ? 72  TYR A CG  1 
ATOM   544  C  CD1 . TYR A 1 72  ? 2.154   -11.999 12.233  1.00 13.42  ? 72  TYR A CD1 1 
ATOM   545  C  CD2 . TYR A 1 72  ? 2.889   -9.997  11.190  1.00 11.86  ? 72  TYR A CD2 1 
ATOM   546  C  CE1 . TYR A 1 72  ? 2.957   -11.718 13.339  1.00 13.40  ? 72  TYR A CE1 1 
ATOM   547  C  CE2 . TYR A 1 72  ? 3.653   -9.675  12.302  1.00 12.47  ? 72  TYR A CE2 1 
ATOM   548  C  CZ  . TYR A 1 72  ? 3.681   -10.550 13.371  1.00 12.87  ? 72  TYR A CZ  1 
ATOM   549  O  OH  . TYR A 1 72  ? 4.438   -10.249 14.481  1.00 14.84  ? 72  TYR A OH  1 
ATOM   550  N  N   . PRO A 1 73  ? 0.118   -13.972 8.066   1.00 10.46  ? 73  PRO A N   1 
ATOM   551  C  CA  . PRO A 1 73  ? -1.071  -14.267 7.268   1.00 10.19  ? 73  PRO A CA  1 
ATOM   552  C  C   . PRO A 1 73  ? -2.227  -13.485 7.872   1.00 10.84  ? 73  PRO A C   1 
ATOM   553  O  O   . PRO A 1 73  ? -2.457  -13.527 9.089   1.00 12.54  ? 73  PRO A O   1 
ATOM   554  C  CB  . PRO A 1 73  ? -1.216  -15.795 7.395   1.00 10.99  ? 73  PRO A CB  1 
ATOM   555  C  CG  . PRO A 1 73  ? -0.595  -16.116 8.708   1.00 13.72  ? 73  PRO A CG  1 
ATOM   556  C  CD  . PRO A 1 73  ? 0.513   -15.106 8.947   1.00 11.59  ? 73  PRO A CD  1 
ATOM   557  N  N   . VAL A 1 74  ? -3.031  -12.880 7.019   1.00 9.88   ? 74  VAL A N   1 
ATOM   558  C  CA  . VAL A 1 74  ? -4.196  -12.074 7.449   1.00 10.68  ? 74  VAL A CA  1 
ATOM   559  C  C   . VAL A 1 74  ? -5.376  -12.277 6.528   1.00 10.79  ? 74  VAL A C   1 
ATOM   560  O  O   . VAL A 1 74  ? -5.232  -12.497 5.307   1.00 10.64  ? 74  VAL A O   1 
ATOM   561  C  CB  . VAL A 1 74  ? -3.862  -10.579 7.513   1.00 11.51  ? 74  VAL A CB  1 
ATOM   562  C  CG1 . VAL A 1 74  ? -2.972  -10.279 8.701   1.00 12.32  ? 74  VAL A CG1 1 
ATOM   563  C  CG2 . VAL A 1 74  ? -3.259  -10.025 6.243   1.00 12.06  ? 74  VAL A CG2 1 
ATOM   564  N  N   . SER A 1 75  ? -6.541  -12.079 7.098   1.00 10.03  ? 75  SER A N   1 
ATOM   565  C  CA  . SER A 1 75  ? -7.802  -11.819 6.381   1.00 10.51  ? 75  SER A CA  1 
ATOM   566  C  C   . SER A 1 75  ? -7.984  -10.310 6.382   1.00 10.07  ? 75  SER A C   1 
ATOM   567  O  O   . SER A 1 75  ? -7.705  -9.668  7.386   1.00 10.55  ? 75  SER A O   1 
ATOM   568  C  CB  . SER A 1 75  ? -8.954  -12.502 7.046   1.00 13.65  ? 75  SER A CB  1 
ATOM   569  O  OG  . SER A 1 75  ? -8.802  -13.893 7.049   1.00 19.26  ? 75  SER A OG  1 
ATOM   570  N  N   . PHE A 1 76  ? -8.471  -9.756  5.284   1.00 9.12   ? 76  PHE A N   1 
ATOM   571  C  CA  . PHE A 1 76  ? -8.633  -8.302  5.188   1.00 9.66   ? 76  PHE A CA  1 
ATOM   572  C  C   . PHE A 1 76  ? -9.928  -7.951  4.496   1.00 9.97   ? 76  PHE A C   1 
ATOM   573  O  O   . PHE A 1 76  ? -10.449 -8.734  3.670   1.00 10.52  ? 76  PHE A O   1 
ATOM   574  C  CB  . PHE A 1 76  ? -7.425  -7.642  4.492   1.00 9.96   ? 76  PHE A CB  1 
ATOM   575  C  CG  . PHE A 1 76  ? -7.002  -8.216  3.162   1.00 9.62   ? 76  PHE A CG  1 
ATOM   576  C  CD1 . PHE A 1 76  ? -6.157  -9.298  3.084   1.00 9.58   ? 76  PHE A CD1 1 
ATOM   577  C  CD2 . PHE A 1 76  ? -7.524  -7.715  1.969   1.00 10.14  ? 76  PHE A CD2 1 
ATOM   578  C  CE1 . PHE A 1 76  ? -5.769  -9.825  1.861   1.00 10.85  ? 76  PHE A CE1 1 
ATOM   579  C  CE2 . PHE A 1 76  ? -7.155  -8.268  0.757   1.00 10.53  ? 76  PHE A CE2 1 
ATOM   580  C  CZ  . PHE A 1 76  ? -6.298  -9.324  0.708   1.00 10.56  ? 76  PHE A CZ  1 
ATOM   581  N  N   . SER A 1 77  ? -10.451 -6.780  4.851   1.00 10.04  ? 77  SER A N   1 
ATOM   582  C  CA  . SER A 1 77  ? -11.695 -6.268  4.239   1.00 10.95  ? 77  SER A CA  1 
ATOM   583  C  C   . SER A 1 77  ? -11.440 -5.799  2.818   1.00 11.54  ? 77  SER A C   1 
ATOM   584  O  O   . SER A 1 77  ? -10.350 -5.471  2.442   1.00 12.36  ? 77  SER A O   1 
ATOM   585  C  CB  . SER A 1 77  ? -12.249 -5.165  5.087   1.00 11.56  ? 77  SER A CB  1 
ATOM   586  O  OG  . SER A 1 77  ? -11.349 -4.070  5.163   1.00 12.98  ? 77  SER A OG  1 
ATOM   587  N  N   . LYS A 1 78  ? -12.490 -5.761  1.997   1.00 11.54  ? 78  LYS A N   1 
ATOM   588  C  CA  . LYS A 1 78  ? -12.410 -5.227  0.614   1.00 11.23  ? 78  LYS A CA  1 
ATOM   589  C  C   . LYS A 1 78  ? -12.157 -3.729  0.688   1.00 11.80  ? 78  LYS A C   1 
ATOM   590  O  O   . LYS A 1 78  ? -12.551 -3.045  1.634   1.00 13.30  ? 78  LYS A O   1 
ATOM   591  C  CB  . LYS A 1 78  ? -13.691 -5.536  -0.144  1.00 12.67  ? 78  LYS A CB  1 
ATOM   592  C  CG  . LYS A 1 78  ? -13.905 -7.015  -0.348  1.00 13.80  ? 78  LYS A CG  1 
ATOM   593  C  CD  . LYS A 1 78  ? -15.136 -7.325  -1.204  1.00 16.89  ? 78  LYS A CD  1 
ATOM   594  C  CE  . LYS A 1 78  ? -15.205 -8.800  -1.522  1.00 20.88  ? 78  LYS A CE  1 
ATOM   595  N  NZ  . LYS A 1 78  ? -16.344 -9.106  -2.419  1.00 25.57  ? 78  LYS A NZ  1 
ATOM   596  N  N   . PRO A 1 79  ? -11.476 -3.168  -0.319  1.00 12.09  ? 79  PRO A N   1 
ATOM   597  C  CA  . PRO A 1 79  ? -11.119 -1.753  -0.298  1.00 12.42  ? 79  PRO A CA  1 
ATOM   598  C  C   . PRO A 1 79  ? -12.363 -0.877  -0.146  1.00 12.81  ? 79  PRO A C   1 
ATOM   599  O  O   . PRO A 1 79  ? -13.351 -1.059  -0.894  1.00 14.93  ? 79  PRO A O   1 
ATOM   600  C  CB  . PRO A 1 79  ? -10.451 -1.550  -1.669  1.00 13.04  ? 79  PRO A CB  1 
ATOM   601  C  CG  . PRO A 1 79  ? -9.965  -2.873  -2.091  1.00 14.18  ? 79  PRO A CG  1 
ATOM   602  C  CD  . PRO A 1 79  ? -10.945 -3.876  -1.485  1.00 12.01  ? 79  PRO A CD  1 
ATOM   603  N  N   A SER A 1 80  ? -12.305 0.098   0.747   0.50 14.42  ? 80  SER A N   1 
ATOM   604  N  N   B SER A 1 80  ? -12.292 0.135   0.704   0.17 12.74  ? 80  SER A N   1 
ATOM   605  C  CA  A SER A 1 80  ? -13.450 0.999   1.013   0.50 15.04  ? 80  SER A CA  1 
ATOM   606  C  CA  B SER A 1 80  ? -13.443 1.032   0.937   0.17 12.46  ? 80  SER A CA  1 
ATOM   607  C  C   A SER A 1 80  ? -12.975 2.348   1.541   0.50 14.93  ? 80  SER A C   1 
ATOM   608  C  C   B SER A 1 80  ? -12.976 2.346   1.557   0.17 13.35  ? 80  SER A C   1 
ATOM   609  O  O   A SER A 1 80  ? -11.759 2.552   1.766   0.50 12.64  ? 80  SER A O   1 
ATOM   610  O  O   B SER A 1 80  ? -11.764 2.511   1.812   0.17 12.63  ? 80  SER A O   1 
ATOM   611  C  CB  A SER A 1 80  ? -14.404 0.368   1.992   0.50 17.21  ? 80  SER A CB  1 
ATOM   612  C  CB  B SER A 1 80  ? -14.447 0.341   1.805   0.17 11.95  ? 80  SER A CB  1 
ATOM   613  O  OG  A SER A 1 80  ? -14.388 -1.043  1.894   0.50 21.77  ? 80  SER A OG  1 
ATOM   614  O  OG  B SER A 1 80  ? -13.894 0.126   3.094   0.17 11.16  ? 80  SER A OG  1 
ATOM   615  N  N   . LEU A 1 81  ? -13.932 3.235   1.809   1.00 14.32  ? 81  LEU A N   1 
ATOM   616  C  CA  . LEU A 1 81  ? -13.693 4.580   2.320   1.00 15.47  ? 81  LEU A CA  1 
ATOM   617  C  C   . LEU A 1 81  ? -13.850 4.503   3.818   1.00 15.42  ? 81  LEU A C   1 
ATOM   618  O  O   . LEU A 1 81  ? -14.971 4.154   4.278   1.00 17.56  ? 81  LEU A O   1 
ATOM   619  C  CB  . LEU A 1 81  ? -14.723 5.512   1.677   1.00 16.92  ? 81  LEU A CB  1 
ATOM   620  C  CG  . LEU A 1 81  ? -14.647 6.967   2.114   1.00 18.82  ? 81  LEU A CG  1 
ATOM   621  C  CD1 . LEU A 1 81  ? -13.277 7.541   1.757   1.00 18.96  ? 81  LEU A CD1 1 
ATOM   622  C  CD2 . LEU A 1 81  ? -15.752 7.765   1.420   1.00 20.01  ? 81  LEU A CD2 1 
ATOM   623  N  N   . ILE A 1 82  ? -12.783 4.669   4.574   1.00 14.12  ? 82  ILE A N   1 
ATOM   624  C  CA  . ILE A 1 82  ? -12.698 4.332   5.996   1.00 15.62  ? 82  ILE A CA  1 
ATOM   625  C  C   . ILE A 1 82  ? -12.198 5.549   6.747   1.00 14.74  ? 82  ILE A C   1 
ATOM   626  O  O   . ILE A 1 82  ? -11.214 6.158   6.341   1.00 14.06  ? 82  ILE A O   1 
ATOM   627  C  CB  . ILE A 1 82  ? -11.747 3.130   6.206   1.00 17.08  ? 82  ILE A CB  1 
ATOM   628  C  CG1 . ILE A 1 82  ? -12.196 1.930   5.373   1.00 18.57  ? 82  ILE A CG1 1 
ATOM   629  C  CG2 . ILE A 1 82  ? -11.575 2.838   7.686   1.00 21.22  ? 82  ILE A CG2 1 
ATOM   630  C  CD1 . ILE A 1 82  ? -13.433 1.229   5.890   1.00 21.90  ? 82  ILE A CD1 1 
ATOM   631  N  N   . PHE A 1 83  ? -12.769 5.837   7.899   1.00 13.81  ? 83  PHE A N   1 
ATOM   632  C  CA  . PHE A 1 83  ? -12.212 6.849   8.792   1.00 13.78  ? 83  PHE A CA  1 
ATOM   633  C  C   . PHE A 1 83  ? -10.958 6.322   9.478   1.00 14.24  ? 83  PHE A C   1 
ATOM   634  O  O   . PHE A 1 83  ? -10.979 5.198   10.002  1.00 14.07  ? 83  PHE A O   1 
ATOM   635  C  CB  . PHE A 1 83  ? -13.212 7.299   9.847   1.00 14.88  ? 83  PHE A CB  1 
ATOM   636  C  CG  . PHE A 1 83  ? -12.721 8.472   10.638  1.00 15.20  ? 83  PHE A CG  1 
ATOM   637  C  CD1 . PHE A 1 83  ? -12.641 9.723   10.061  1.00 16.56  ? 83  PHE A CD1 1 
ATOM   638  C  CD2 . PHE A 1 83  ? -12.318 8.328   11.950  1.00 18.57  ? 83  PHE A CD2 1 
ATOM   639  C  CE1 . PHE A 1 83  ? -12.202 10.819  10.797  1.00 18.90  ? 83  PHE A CE1 1 
ATOM   640  C  CE2 . PHE A 1 83  ? -11.857 9.416   12.674  1.00 21.26  ? 83  PHE A CE2 1 
ATOM   641  C  CZ  . PHE A 1 83  ? -11.780 10.645  12.088  1.00 19.67  ? 83  PHE A CZ  1 
ATOM   642  N  N   . VAL A 1 84  ? -9.890  7.109   9.478   1.00 13.57  ? 84  VAL A N   1 
ATOM   643  C  CA  . VAL A 1 84  ? -8.599  6.717   10.050  1.00 13.53  ? 84  VAL A CA  1 
ATOM   644  C  C   . VAL A 1 84  ? -8.267  7.744   11.127  1.00 13.54  ? 84  VAL A C   1 
ATOM   645  O  O   . VAL A 1 84  ? -8.222  8.955   10.823  1.00 15.10  ? 84  VAL A O   1 
ATOM   646  C  CB  . VAL A 1 84  ? -7.515  6.614   8.959   1.00 13.38  ? 84  VAL A CB  1 
ATOM   647  C  CG1 . VAL A 1 84  ? -6.202  6.182   9.556   1.00 13.17  ? 84  VAL A CG1 1 
ATOM   648  C  CG2 . VAL A 1 84  ? -7.971  5.677   7.856   1.00 13.35  ? 84  VAL A CG2 1 
ATOM   649  N  N   . GLU A 1 85  ? -7.987  7.314   12.336  1.00 13.77  ? 85  GLU A N   1 
ATOM   650  C  CA  . GLU A 1 85  ? -7.570  8.223   13.414  1.00 14.44  ? 85  GLU A CA  1 
ATOM   651  C  C   . GLU A 1 85  ? -6.214  8.847   13.079  1.00 15.60  ? 85  GLU A C   1 
ATOM   652  O  O   . GLU A 1 85  ? -5.463  8.357   12.184  1.00 14.48  ? 85  GLU A O   1 
ATOM   653  C  CB  . GLU A 1 85  ? -7.502  7.475   14.741  1.00 14.99  ? 85  GLU A CB  1 
ATOM   654  C  CG  . GLU A 1 85  ? -8.861  7.014   15.209  1.00 16.58  ? 85  GLU A CG  1 
ATOM   655  C  CD  . GLU A 1 85  ? -9.910  8.054   15.521  1.00 18.51  ? 85  GLU A CD  1 
ATOM   656  O  OE1 . GLU A 1 85  ? -9.579  9.243   15.726  1.00 19.20  ? 85  GLU A OE1 1 
ATOM   657  O  OE2 . GLU A 1 85  ? -11.084 7.652   15.554  1.00 19.19  ? 85  GLU A OE2 1 
ATOM   658  N  N   . ALA A 1 86  ? -5.930  9.967   13.698  1.00 17.45  ? 86  ALA A N   1 
ATOM   659  C  CA  . ALA A 1 86  ? -4.665  10.703  13.483  1.00 17.03  ? 86  ALA A CA  1 
ATOM   660  C  C   . ALA A 1 86  ? -3.487  9.767   13.719  1.00 16.84  ? 86  ALA A C   1 
ATOM   661  O  O   . ALA A 1 86  ? -3.482  8.954   14.683  1.00 16.47  ? 86  ALA A O   1 
ATOM   662  C  CB  . ALA A 1 86  ? -4.603  11.904  14.395  1.00 17.97  ? 86  ALA A CB  1 
ATOM   663  N  N   . SER A 1 87  ? -2.463  9.913   12.880  1.00 17.18  ? 87  SER A N   1 
ATOM   664  C  CA  . SER A 1 87  ? -1.178  9.200   13.001  1.00 16.88  ? 87  SER A CA  1 
ATOM   665  C  C   . SER A 1 87  ? -0.055  10.224  13.033  1.00 16.87  ? 87  SER A C   1 
ATOM   666  O  O   . SER A 1 87  ? -0.313  11.439  12.906  1.00 18.48  ? 87  SER A O   1 
ATOM   667  C  CB  . SER A 1 87  ? -0.986  8.282   11.831  1.00 16.80  ? 87  SER A CB  1 
ATOM   668  O  OG  . SER A 1 87  ? -0.827  9.046   10.644  1.00 16.50  ? 87  SER A OG  1 
ATOM   669  N  N   . GLU A 1 88  ? 1.180   9.741   13.099  1.00 18.47  ? 88  GLU A N   1 
ATOM   670  C  CA  . GLU A 1 88  ? 2.343   10.660  13.065  1.00 19.73  ? 88  GLU A CA  1 
ATOM   671  C  C   . GLU A 1 88  ? 2.439   11.372  11.711  1.00 19.85  ? 88  GLU A C   1 
ATOM   672  O  O   . GLU A 1 88  ? 3.083   12.430  11.652  1.00 20.73  ? 88  GLU A O   1 
ATOM   673  C  CB  . GLU A 1 88  ? 3.604   9.902   13.493  1.00 23.19  ? 88  GLU A CB  1 
ATOM   674  C  CG  . GLU A 1 88  ? 4.370   9.202   12.407  1.00 30.21  ? 88  GLU A CG  1 
ATOM   675  C  CD  . GLU A 1 88  ? 5.745   8.717   12.851  1.00 34.63  ? 88  GLU A CD  1 
ATOM   676  O  OE1 . GLU A 1 88  ? 5.938   8.513   14.083  1.00 35.74  ? 88  GLU A OE1 1 
ATOM   677  O  OE2 . GLU A 1 88  ? 6.616   8.525   11.954  1.00 38.06  ? 88  GLU A OE2 1 
ATOM   678  N  N   . TYR A 1 89  ? 1.784   10.893  10.657  1.00 16.80  ? 89  TYR A N   1 
ATOM   679  C  CA  . TYR A 1 89  ? 1.989   11.417  9.286   1.00 16.30  ? 89  TYR A CA  1 
ATOM   680  C  C   . TYR A 1 89  ? 0.706   11.925  8.638   1.00 17.49  ? 89  TYR A C   1 
ATOM   681  O  O   . TYR A 1 89  ? 0.786   12.551  7.573   1.00 17.06  ? 89  TYR A O   1 
ATOM   682  C  CB  . TYR A 1 89  ? 2.692   10.353  8.434   1.00 16.30  ? 89  TYR A CB  1 
ATOM   683  C  CG  . TYR A 1 89  ? 2.029   9.003   8.456   1.00 14.68  ? 89  TYR A CG  1 
ATOM   684  C  CD1 . TYR A 1 89  ? 2.370   8.076   9.428   1.00 16.30  ? 89  TYR A CD1 1 
ATOM   685  C  CD2 . TYR A 1 89  ? 1.051   8.652   7.544   1.00 14.93  ? 89  TYR A CD2 1 
ATOM   686  C  CE1 . TYR A 1 89  ? 1.786   6.827   9.484   1.00 15.22  ? 89  TYR A CE1 1 
ATOM   687  C  CE2 . TYR A 1 89  ? 0.436   7.411   7.602   1.00 14.85  ? 89  TYR A CE2 1 
ATOM   688  C  CZ  . TYR A 1 89  ? 0.822   6.483   8.556   1.00 14.39  ? 89  TYR A CZ  1 
ATOM   689  O  OH  . TYR A 1 89  ? 0.285   5.248   8.688   1.00 14.61  ? 89  TYR A OH  1 
ATOM   690  N  N   . TYR A 1 90  ? -0.471  11.684  9.219   1.00 16.83  ? 90  TYR A N   1 
ATOM   691  C  CA  . TYR A 1 90  ? -1.705  12.336  8.758   1.00 16.10  ? 90  TYR A CA  1 
ATOM   692  C  C   . TYR A 1 90  ? -2.589  12.713  9.943   1.00 14.90  ? 90  TYR A C   1 
ATOM   693  O  O   . TYR A 1 90  ? -2.603  12.039  10.966  1.00 16.40  ? 90  TYR A O   1 
ATOM   694  C  CB  . TYR A 1 90  ? -2.554  11.415  7.884   1.00 16.73  ? 90  TYR A CB  1 
ATOM   695  C  CG  . TYR A 1 90  ? -2.062  11.182  6.477   1.00 16.64  ? 90  TYR A CG  1 
ATOM   696  C  CD1 . TYR A 1 90  ? -1.944  12.218  5.553   1.00 17.01  ? 90  TYR A CD1 1 
ATOM   697  C  CD2 . TYR A 1 90  ? -1.779  9.906   6.016   1.00 16.12  ? 90  TYR A CD2 1 
ATOM   698  C  CE1 . TYR A 1 90  ? -1.568  11.975  4.241   1.00 17.99  ? 90  TYR A CE1 1 
ATOM   699  C  CE2 . TYR A 1 90  ? -1.372  9.657   4.711   1.00 15.29  ? 90  TYR A CE2 1 
ATOM   700  C  CZ  . TYR A 1 90  ? -1.237  10.695  3.814   1.00 15.44  ? 90  TYR A CZ  1 
ATOM   701  O  OH  . TYR A 1 90  ? -0.847  10.480  2.498   1.00 15.28  ? 90  TYR A OH  1 
ATOM   702  N  N   . PRO A 1 91  ? -3.435  13.752  9.783   1.00 15.42  ? 91  PRO A N   1 
ATOM   703  C  CA  . PRO A 1 91  ? -4.519  14.005  10.732  1.00 16.21  ? 91  PRO A CA  1 
ATOM   704  C  C   . PRO A 1 91  ? -5.539  12.864  10.646  1.00 15.90  ? 91  PRO A C   1 
ATOM   705  O  O   . PRO A 1 91  ? -5.522  12.037  9.718   1.00 15.98  ? 91  PRO A O   1 
ATOM   706  C  CB  . PRO A 1 91  ? -5.090  15.336  10.232  1.00 16.51  ? 91  PRO A CB  1 
ATOM   707  C  CG  . PRO A 1 91  ? -4.885  15.274  8.737   1.00 17.50  ? 91  PRO A CG  1 
ATOM   708  C  CD  . PRO A 1 91  ? -3.537  14.590  8.582   1.00 16.48  ? 91  PRO A CD  1 
ATOM   709  N  N   . ALA A 1 92  ? -6.508  12.881  11.541  1.00 17.30  ? 92  ALA A N   1 
ATOM   710  C  CA  . ALA A 1 92  ? -7.706  12.035  11.423  1.00 17.56  ? 92  ALA A CA  1 
ATOM   711  C  C   . ALA A 1 92  ? -8.414  12.396  10.124  1.00 18.58  ? 92  ALA A C   1 
ATOM   712  O  O   . ALA A 1 92  ? -8.595  13.620  9.864   1.00 23.06  ? 92  ALA A O   1 
ATOM   713  C  CB  . ALA A 1 92  ? -8.610  12.263  12.614  1.00 18.92  ? 92  ALA A CB  1 
ATOM   714  N  N   . ARG A 1 93  ? -8.766  11.433  9.288   1.00 16.83  ? 93  ARG A N   1 
ATOM   715  C  CA  . ARG A 1 93  ? -9.404  11.720  7.992   1.00 18.42  ? 93  ARG A CA  1 
ATOM   716  C  C   . ARG A 1 93  ? -9.973  10.445  7.379   1.00 17.15  ? 93  ARG A C   1 
ATOM   717  O  O   . ARG A 1 93  ? -9.741  9.330   7.915   1.00 16.14  ? 93  ARG A O   1 
ATOM   718  C  CB  . ARG A 1 93  ? -8.359  12.388  7.107   1.00 19.81  ? 93  ARG A CB  1 
ATOM   719  C  CG  . ARG A 1 93  ? -7.326  11.380  6.669   1.00 17.77  ? 93  ARG A CG  1 
ATOM   720  C  CD  . ARG A 1 93  ? -6.172  11.976  5.842   1.00 20.62  ? 93  ARG A CD  1 
ATOM   721  N  NE  . ARG A 1 93  ? -5.543  10.857  5.162   1.00 18.42  ? 93  ARG A NE  1 
ATOM   722  C  CZ  . ARG A 1 93  ? -5.172  10.773  3.892   1.00 18.70  ? 93  ARG A CZ  1 
ATOM   723  N  NH1 . ARG A 1 93  ? -5.213  11.820  3.078   1.00 18.70  ? 93  ARG A NH1 1 
ATOM   724  N  NH2 . ARG A 1 93  ? -4.794  9.600   3.436   1.00 19.68  ? 93  ARG A NH2 1 
ATOM   725  N  N   . TYR A 1 94  ? -10.748 10.602  6.341   1.00 16.26  ? 94  TYR A N   1 
ATOM   726  C  CA  . TYR A 1 94  ? -11.258 9.510   5.504   1.00 17.14  ? 94  TYR A CA  1 
ATOM   727  C  C   . TYR A 1 94  ? -10.178 9.168   4.497   1.00 16.55  ? 94  TYR A C   1 
ATOM   728  O  O   . TYR A 1 94  ? -9.563  10.074  3.878   1.00 20.80  ? 94  TYR A O   1 
ATOM   729  C  CB  . TYR A 1 94  ? -12.561 9.890   4.832   1.00 18.14  ? 94  TYR A CB  1 
ATOM   730  C  CG  . TYR A 1 94  ? -13.702 9.736   5.802   1.00 19.52  ? 94  TYR A CG  1 
ATOM   731  C  CD1 . TYR A 1 94  ? -14.216 8.480   6.025   1.00 21.02  ? 94  TYR A CD1 1 
ATOM   732  C  CD2 . TYR A 1 94  ? -14.168 10.786  6.566   1.00 22.34  ? 94  TYR A CD2 1 
ATOM   733  C  CE1 . TYR A 1 94  ? -15.248 8.264   6.912   1.00 22.20  ? 94  TYR A CE1 1 
ATOM   734  C  CE2 . TYR A 1 94  ? -15.187 10.583  7.500   1.00 23.54  ? 94  TYR A CE2 1 
ATOM   735  C  CZ  . TYR A 1 94  ? -15.736 9.318   7.642   1.00 23.22  ? 94  TYR A CZ  1 
ATOM   736  O  OH  . TYR A 1 94  ? -16.743 9.002   8.513   1.00 28.41  ? 94  TYR A OH  1 
ATOM   737  N  N   . GLN A 1 95  ? -9.877  7.885   4.397   1.00 13.65  ? 95  GLN A N   1 
ATOM   738  C  CA  . GLN A 1 95  ? -8.930  7.362   3.390   1.00 12.90  ? 95  GLN A CA  1 
ATOM   739  C  C   . GLN A 1 95  ? -9.703  6.408   2.499   1.00 13.00  ? 95  GLN A C   1 
ATOM   740  O  O   . GLN A 1 95  ? -10.445 5.515   3.051   1.00 14.35  ? 95  GLN A O   1 
ATOM   741  C  CB  . GLN A 1 95  ? -7.744  6.706   4.082   1.00 13.11  ? 95  GLN A CB  1 
ATOM   742  C  CG  . GLN A 1 95  ? -6.739  6.105   3.115   1.00 13.87  ? 95  GLN A CG  1 
ATOM   743  C  CD  . GLN A 1 95  ? -5.351  5.937   3.692   1.00 13.66  ? 95  GLN A CD  1 
ATOM   744  O  OE1 . GLN A 1 95  ? -4.920  6.701   4.523   1.00 13.81  ? 95  GLN A OE1 1 
ATOM   745  N  NE2 . GLN A 1 95  ? -4.681  4.934   3.203   1.00 13.13  ? 95  GLN A NE2 1 
ATOM   746  N  N   . SER A 1 96  ? -9.555  6.496   1.193   1.00 12.20  ? 96  SER A N   1 
ATOM   747  C  CA  . SER A 1 96  ? -10.261 5.653   0.224   1.00 12.62  ? 96  SER A CA  1 
ATOM   748  C  C   . SER A 1 96  ? -9.400  4.443   -0.156  1.00 11.97  ? 96  SER A C   1 
ATOM   749  O  O   . SER A 1 96  ? -8.165  4.462   0.039   1.00 12.16  ? 96  SER A O   1 
ATOM   750  C  CB  . SER A 1 96  ? -10.659 6.426   -0.996  1.00 13.57  ? 96  SER A CB  1 
ATOM   751  O  OG  . SER A 1 96  ? -9.486  6.870   -1.679  1.00 15.36  ? 96  SER A OG  1 
ATOM   752  N  N   . HIS A 1 97  ? -10.025 3.469   -0.767  1.00 11.83  ? 97  HIS A N   1 
ATOM   753  C  CA  . HIS A 1 97  ? -9.368  2.240   -1.266  1.00 11.45  ? 97  HIS A CA  1 
ATOM   754  C  C   . HIS A 1 97  ? -8.520  1.584   -0.163  1.00 10.81  ? 97  HIS A C   1 
ATOM   755  O  O   . HIS A 1 97  ? -7.481  1.022   -0.486  1.00 11.43  ? 97  HIS A O   1 
ATOM   756  C  CB  . HIS A 1 97  ? -8.556  2.590   -2.504  1.00 12.28  ? 97  HIS A CB  1 
ATOM   757  C  CG  . HIS A 1 97  ? -9.390  3.154   -3.596  1.00 12.78  ? 97  HIS A CG  1 
ATOM   758  N  ND1 . HIS A 1 97  ? -9.845  2.366   -4.599  1.00 13.69  ? 97  HIS A ND1 1 
ATOM   759  C  CD2 . HIS A 1 97  ? -9.818  4.415   -3.841  1.00 12.94  ? 97  HIS A CD2 1 
ATOM   760  C  CE1 . HIS A 1 97  ? -10.518 3.142   -5.470  1.00 14.34  ? 97  HIS A CE1 1 
ATOM   761  N  NE2 . HIS A 1 97  ? -10.564 4.356   -5.005  1.00 15.69  ? 97  HIS A NE2 1 
ATOM   762  N  N   . LEU A 1 98  ? -9.013  1.586   1.037   1.00 10.81  ? 98  LEU A N   1 
ATOM   763  C  CA  . LEU A 1 98  ? -8.299  1.070   2.212   1.00 10.77  ? 98  LEU A CA  1 
ATOM   764  C  C   . LEU A 1 98  ? -8.889  -0.269  2.650   1.00 10.07  ? 98  LEU A C   1 
ATOM   765  O  O   . LEU A 1 98  ? -10.111 -0.404  2.721   1.00 11.57  ? 98  LEU A O   1 
ATOM   766  C  CB  . LEU A 1 98  ? -8.399  2.079   3.343   1.00 11.27  ? 98  LEU A CB  1 
ATOM   767  C  CG  . LEU A 1 98  ? -7.610  1.727   4.601   1.00 11.97  ? 98  LEU A CG  1 
ATOM   768  C  CD1 . LEU A 1 98  ? -6.122  1.773   4.371   1.00 12.01  ? 98  LEU A CD1 1 
ATOM   769  C  CD2 . LEU A 1 98  ? -7.949  2.618   5.770   1.00 13.32  ? 98  LEU A CD2 1 
ATOM   770  N  N   . MET A 1 99  ? -8.025  -1.219  2.936   1.00 9.32   ? 99  MET A N   1 
ATOM   771  C  CA  . MET A 1 99  ? -8.386  -2.568  3.424   1.00 9.82   ? 99  MET A CA  1 
ATOM   772  C  C   . MET A 1 99  ? -7.897  -2.672  4.847   1.00 9.81   ? 99  MET A C   1 
ATOM   773  O  O   . MET A 1 99  ? -6.772  -2.250  5.113   1.00 10.80  ? 99  MET A O   1 
ATOM   774  C  CB  . MET A 1 99  ? -7.738  -3.643  2.561   1.00 9.63   ? 99  MET A CB  1 
ATOM   775  C  CG  . MET A 1 99  ? -8.192  -3.551  1.120   1.00 11.70  ? 99  MET A CG  1 
ATOM   776  S  SD  . MET A 1 99  ? -7.270  -4.581  -0.016  1.00 12.24  ? 99  MET A SD  1 
ATOM   777  C  CE  . MET A 1 99  ? -5.656  -3.793  0.010   1.00 11.48  ? 99  MET A CE  1 
ATOM   778  N  N   . LEU A 1 100 ? -8.665  -3.285  5.748   1.00 9.66   ? 100 LEU A N   1 
ATOM   779  C  CA  . LEU A 1 100 ? -8.213  -3.443  7.145   1.00 9.32   ? 100 LEU A CA  1 
ATOM   780  C  C   . LEU A 1 100 ? -8.068  -4.920  7.478   1.00 9.51   ? 100 LEU A C   1 
ATOM   781  O  O   . LEU A 1 100 ? -8.855  -5.755  7.037   1.00 10.03  ? 100 LEU A O   1 
ATOM   782  C  CB  . LEU A 1 100 ? -9.240  -2.825  8.085   1.00 10.85  ? 100 LEU A CB  1 
ATOM   783  C  CG  . LEU A 1 100 ? -9.368  -1.317  8.022   1.00 11.84  ? 100 LEU A CG  1 
ATOM   784  C  CD1 . LEU A 1 100 ? -10.538 -0.866  8.875   1.00 13.63  ? 100 LEU A CD1 1 
ATOM   785  C  CD2 . LEU A 1 100 ? -8.072  -0.662  8.472   1.00 13.44  ? 100 LEU A CD2 1 
ATOM   786  N  N   . ALA A 1 101 ? -7.095  -5.212  8.324   1.00 8.93   ? 101 ALA A N   1 
ATOM   787  C  CA  . ALA A 1 101 ? -6.909  -6.525  8.938   1.00 8.95   ? 101 ALA A CA  1 
ATOM   788  C  C   . ALA A 1 101 ? -6.543  -6.341  10.401  1.00 9.30   ? 101 ALA A C   1 
ATOM   789  O  O   . ALA A 1 101 ? -6.093  -5.259  10.807  1.00 10.08  ? 101 ALA A O   1 
ATOM   790  C  CB  . ALA A 1 101 ? -5.803  -7.298  8.268   1.00 9.17   ? 101 ALA A CB  1 
ATOM   791  N  N   . VAL A 1 102 ? -6.747  -7.391  11.177  1.00 9.55   ? 102 VAL A N   1 
ATOM   792  C  CA  . VAL A 1 102 ? -6.279  -7.419  12.579  1.00 9.97   ? 102 VAL A CA  1 
ATOM   793  C  C   . VAL A 1 102 ? -4.794  -7.766  12.565  1.00 9.92   ? 102 VAL A C   1 
ATOM   794  O  O   . VAL A 1 102 ? -4.401  -8.820  12.071  1.00 10.92  ? 102 VAL A O   1 
ATOM   795  C  CB  . VAL A 1 102 ? -7.105  -8.396  13.407  1.00 9.92   ? 102 VAL A CB  1 
ATOM   796  C  CG1 . VAL A 1 102 ? -6.574  -8.477  14.820  1.00 9.92   ? 102 VAL A CG1 1 
ATOM   797  C  CG2 . VAL A 1 102 ? -8.565  -7.989  13.402  1.00 9.72   ? 102 VAL A CG2 1 
ATOM   798  N  N   . GLY A 1 103 ? -3.983  -6.864  13.089  1.00 10.49  ? 103 GLY A N   1 
ATOM   799  C  CA  . GLY A 1 103 ? -2.542  -7.081  13.065  1.00 11.26  ? 103 GLY A CA  1 
ATOM   800  C  C   . GLY A 1 103 ? -1.825  -5.846  13.532  1.00 11.28  ? 103 GLY A C   1 
ATOM   801  O  O   . GLY A 1 103 ? -2.430  -4.807  13.836  1.00 12.03  ? 103 GLY A O   1 
ATOM   802  N  N   . HIS A 1 104 ? -0.513  -5.969  13.596  1.00 11.15  ? 104 HIS A N   1 
ATOM   803  C  CA  . HIS A 1 104 ? 0.347   -4.901  14.120  1.00 11.37  ? 104 HIS A CA  1 
ATOM   804  C  C   . HIS A 1 104 ? 0.845   -3.980  13.016  1.00 10.48  ? 104 HIS A C   1 
ATOM   805  O  O   . HIS A 1 104 ? 1.396   -4.475  12.014  1.00 10.42  ? 104 HIS A O   1 
ATOM   806  C  CB  . HIS A 1 104 ? 1.497   -5.511  14.901  1.00 11.35  ? 104 HIS A CB  1 
ATOM   807  C  CG  . HIS A 1 104 ? 2.282   -4.460  15.590  1.00 13.01  ? 104 HIS A CG  1 
ATOM   808  N  ND1 . HIS A 1 104 ? 1.739   -3.791  16.668  1.00 13.60  ? 104 HIS A ND1 1 
ATOM   809  C  CD2 . HIS A 1 104 ? 3.512   -3.943  15.337  1.00 14.04  ? 104 HIS A CD2 1 
ATOM   810  C  CE1 . HIS A 1 104 ? 2.639   -2.866  17.053  1.00 14.46  ? 104 HIS A CE1 1 
ATOM   811  N  NE2 . HIS A 1 104 ? 3.711   -2.982  16.277  1.00 14.74  ? 104 HIS A NE2 1 
ATOM   812  N  N   . SER A 1 105 ? 0.743   -2.676  13.229  1.00 10.58  ? 105 SER A N   1 
ATOM   813  C  CA  . SER A 1 105 ? 1.233   -1.662  12.285  1.00 10.27  ? 105 SER A CA  1 
ATOM   814  C  C   . SER A 1 105 ? 1.547   -0.387  13.046  1.00 11.56  ? 105 SER A C   1 
ATOM   815  O  O   . SER A 1 105 ? 0.627   0.232   13.638  1.00 13.88  ? 105 SER A O   1 
ATOM   816  C  CB  . SER A 1 105 ? 0.183   -1.460  11.222  1.00 10.39  ? 105 SER A CB  1 
ATOM   817  O  OG  . SER A 1 105 ? 0.598   -0.414  10.367  1.00 11.89  ? 105 SER A OG  1 
ATOM   818  N  N   . GLU A 1 106 ? 2.788   0.007   12.936  1.00 11.68  ? 106 GLU A N   1 
ATOM   819  C  CA  . GLU A 1 106 ? 3.336   1.305   13.402  1.00 13.20  ? 106 GLU A CA  1 
ATOM   820  C  C   . GLU A 1 106 ? 3.658   2.160   12.198  1.00 14.25  ? 106 GLU A C   1 
ATOM   821  O  O   . GLU A 1 106 ? 3.749   1.645   11.077  1.00 13.63  ? 106 GLU A O   1 
ATOM   822  C  CB  . GLU A 1 106 ? 4.640   1.057   14.168  1.00 14.85  ? 106 GLU A CB  1 
ATOM   823  C  CG  . GLU A 1 106 ? 4.395   0.231   15.398  1.00 17.15  ? 106 GLU A CG  1 
ATOM   824  C  CD  . GLU A 1 106 ? 5.588   -0.114  16.289  1.00 16.87  ? 106 GLU A CD  1 
ATOM   825  O  OE1 . GLU A 1 106 ? 6.522   0.675   16.378  1.00 24.62  ? 106 GLU A OE1 1 
ATOM   826  O  OE2 . GLU A 1 106 ? 5.569   -1.168  16.869  1.00 16.70  ? 106 GLU A OE2 1 
ATOM   827  N  N   . PRO A 1 107 ? 3.877   3.482   12.346  1.00 14.91  ? 107 PRO A N   1 
ATOM   828  C  CA  . PRO A 1 107 ? 4.088   4.323   11.176  1.00 14.84  ? 107 PRO A CA  1 
ATOM   829  C  C   . PRO A 1 107 ? 5.182   3.813   10.236  1.00 13.77  ? 107 PRO A C   1 
ATOM   830  O  O   . PRO A 1 107 ? 5.016   3.830   8.976   1.00 15.22  ? 107 PRO A O   1 
ATOM   831  C  CB  . PRO A 1 107 ? 4.464   5.648   11.845  1.00 15.95  ? 107 PRO A CB  1 
ATOM   832  C  CG  . PRO A 1 107 ? 3.605   5.683   13.046  1.00 17.00  ? 107 PRO A CG  1 
ATOM   833  C  CD  . PRO A 1 107 ? 3.729   4.269   13.588  1.00 16.70  ? 107 PRO A CD  1 
ATOM   834  N  N   . GLY A 1 108 ? 6.321   3.366   10.763  1.00 13.65  ? 108 GLY A N   1 
ATOM   835  C  CA  . GLY A 1 108 ? 7.422   2.913   9.935   1.00 13.55  ? 108 GLY A CA  1 
ATOM   836  C  C   . GLY A 1 108 ? 7.140   1.607   9.198   1.00 12.00  ? 108 GLY A C   1 
ATOM   837  O  O   . GLY A 1 108 ? 7.936   1.206   8.363   1.00 12.65  ? 108 GLY A O   1 
ATOM   838  N  N   . ASP A 1 109 ? 6.024   0.942   9.534   1.00 11.53  ? 109 ASP A N   1 
ATOM   839  C  CA  . ASP A 1 109 ? 5.606   -0.244  8.777   1.00 11.16  ? 109 ASP A CA  1 
ATOM   840  C  C   . ASP A 1 109 ? 4.999   0.125   7.427   1.00 10.40  ? 109 ASP A C   1 
ATOM   841  O  O   . ASP A 1 109 ? 4.880   -0.780  6.585   1.00 10.33  ? 109 ASP A O   1 
ATOM   842  C  CB  . ASP A 1 109 ? 4.620   -1.069  9.592   1.00 10.60  ? 109 ASP A CB  1 
ATOM   843  C  CG  . ASP A 1 109 ? 5.282   -1.718  10.794  1.00 10.56  ? 109 ASP A CG  1 
ATOM   844  O  OD1 . ASP A 1 109 ? 6.440   -2.137  10.628  1.00 11.91  ? 109 ASP A OD1 1 
ATOM   845  O  OD2 . ASP A 1 109 ? 4.645   -1.803  11.859  1.00 11.19  ? 109 ASP A OD2 1 
ATOM   846  N  N   . CYS A 1 110 ? 4.686   1.384   7.193   1.00 9.92   ? 110 CYS A N   1 
ATOM   847  C  CA  . CYS A 1 110 ? 4.129   1.761   5.894   1.00 9.72   ? 110 CYS A CA  1 
ATOM   848  C  C   . CYS A 1 110 ? 5.067   1.324   4.788   1.00 9.97   ? 110 CYS A C   1 
ATOM   849  O  O   . CYS A 1 110 ? 6.298   1.504   4.886   1.00 10.93  ? 110 CYS A O   1 
ATOM   850  C  CB  . CYS A 1 110 ? 3.874   3.253   5.840   1.00 10.29  ? 110 CYS A CB  1 
ATOM   851  S  SG  . CYS A 1 110 ? 2.442   3.781   6.781   1.00 12.00  ? 110 CYS A SG  1 
ATOM   852  N  N   . GLY A 1 111 ? 4.487   0.818   3.715   1.00 9.63   ? 111 GLY A N   1 
ATOM   853  C  CA  . GLY A 1 111 ? 5.245   0.363   2.558   1.00 9.89   ? 111 GLY A CA  1 
ATOM   854  C  C   . GLY A 1 111 ? 5.442   -1.143  2.553   1.00 9.83   ? 111 GLY A C   1 
ATOM   855  O  O   . GLY A 1 111 ? 5.861   -1.681  1.521   1.00 11.28  ? 111 GLY A O   1 
ATOM   856  N  N   . GLY A 1 112 ? 5.222   -1.856  3.657   1.00 9.89   ? 112 GLY A N   1 
ATOM   857  C  CA  . GLY A 1 112 ? 5.283   -3.319  3.649   1.00 9.69   ? 112 GLY A CA  1 
ATOM   858  C  C   . GLY A 1 112 ? 4.268   -3.877  2.678   1.00 9.14   ? 112 GLY A C   1 
ATOM   859  O  O   . GLY A 1 112 ? 3.137   -3.365  2.619   1.00 9.55   ? 112 GLY A O   1 
ATOM   860  N  N   . ILE A 1 113 ? 4.631   -4.904  1.954   1.00 9.58   ? 113 ILE A N   1 
ATOM   861  C  CA  . ILE A 1 113 ? 3.725   -5.495  0.945   1.00 9.47   ? 113 ILE A CA  1 
ATOM   862  C  C   . ILE A 1 113 ? 2.743   -6.437  1.624   1.00 9.42   ? 113 ILE A C   1 
ATOM   863  O  O   . ILE A 1 113 ? 3.113   -7.287  2.423   1.00 9.30   ? 113 ILE A O   1 
ATOM   864  C  CB  . ILE A 1 113 ? 4.581   -6.219  -0.107  1.00 12.04  ? 113 ILE A CB  1 
ATOM   865  C  CG1 . ILE A 1 113 ? 5.182   -5.138  -1.016  1.00 14.97  ? 113 ILE A CG1 1 
ATOM   866  C  CG2 . ILE A 1 113 ? 3.784   -7.240  -0.924  1.00 11.21  ? 113 ILE A CG2 1 
ATOM   867  C  CD1 . ILE A 1 113 ? 6.091   -5.661  -2.084  1.00 18.03  ? 113 ILE A CD1 1 
ATOM   868  N  N   . LEU A 1 114 ? 1.511   -6.375  1.138   1.00 8.67   ? 114 LEU A N   1 
ATOM   869  C  CA  . LEU A 1 114 ? 0.461   -7.410  1.286   1.00 9.13   ? 114 LEU A CA  1 
ATOM   870  C  C   . LEU A 1 114 ? 0.385   -8.164  -0.041  1.00 8.64   ? 114 LEU A C   1 
ATOM   871  O  O   . LEU A 1 114 ? 0.253   -7.493  -1.095  1.00 9.51   ? 114 LEU A O   1 
ATOM   872  C  CB  . LEU A 1 114 ? -0.866  -6.740  1.623   1.00 9.23   ? 114 LEU A CB  1 
ATOM   873  C  CG  . LEU A 1 114 ? -2.085  -7.642  1.614   1.00 9.04   ? 114 LEU A CG  1 
ATOM   874  C  CD1 . LEU A 1 114 ? -2.049  -8.633  2.757   1.00 9.72   ? 114 LEU A CD1 1 
ATOM   875  C  CD2 . LEU A 1 114 ? -3.339  -6.779  1.700   1.00 9.94   ? 114 LEU A CD2 1 
ATOM   876  N  N   . ARG A 1 115 ? 0.466   -9.480  0.016   1.00 9.09   ? 115 ARG A N   1 
ATOM   877  C  CA  . ARG A 1 115 ? 0.425   -10.320 -1.187  1.00 8.97   ? 115 ARG A CA  1 
ATOM   878  C  C   . ARG A 1 115 ? -0.560  -11.443 -1.008  1.00 9.52   ? 115 ARG A C   1 
ATOM   879  O  O   . ARG A 1 115 ? -0.787  -11.934 0.113   1.00 9.75   ? 115 ARG A O   1 
ATOM   880  C  CB  . ARG A 1 115 ? 1.788   -10.872 -1.525  1.00 10.76  ? 115 ARG A CB  1 
ATOM   881  C  CG  . ARG A 1 115 ? 2.356   -11.802 -0.466  1.00 11.73  ? 115 ARG A CG  1 
ATOM   882  C  CD  . ARG A 1 115 ? 3.766   -12.277 -0.784  1.00 14.08  ? 115 ARG A CD  1 
ATOM   883  N  NE  . ARG A 1 115 ? 4.742   -11.215 -0.595  1.00 17.49  ? 115 ARG A NE  1 
ATOM   884  C  CZ  . ARG A 1 115 ? 5.568   -10.691 -1.514  1.00 18.53  ? 115 ARG A CZ  1 
ATOM   885  N  NH1 . ARG A 1 115 ? 5.488   -11.029 -2.787  1.00 23.97  ? 115 ARG A NH1 1 
ATOM   886  N  NH2 . ARG A 1 115 ? 6.457   -9.787  -1.162  1.00 22.16  ? 115 ARG A NH2 1 
ATOM   887  N  N   . CYS A 1 116 ? -1.169  -11.855 -2.106  1.00 9.68   ? 116 CYS A N   1 
ATOM   888  C  CA  . CYS A 1 116 ? -2.050  -13.033 -2.168  1.00 10.60  ? 116 CYS A CA  1 
ATOM   889  C  C   . CYS A 1 116 ? -1.445  -13.989 -3.169  1.00 10.74  ? 116 CYS A C   1 
ATOM   890  O  O   . CYS A 1 116 ? -0.425  -13.735 -3.756  1.00 11.80  ? 116 CYS A O   1 
ATOM   891  C  CB  . CYS A 1 116 ? -3.472  -12.627 -2.545  1.00 10.19  ? 116 CYS A CB  1 
ATOM   892  S  SG  . CYS A 1 116 ? -3.573  -11.989 -4.235  1.00 10.76  ? 116 CYS A SG  1 
ATOM   893  N  N   . GLN A 1 117 ? -2.173  -15.067 -3.445  1.00 12.93  ? 117 GLN A N   1 
ATOM   894  C  CA  . GLN A 1 117 ? -1.753  -16.041 -4.462  1.00 14.48  ? 117 GLN A CA  1 
ATOM   895  C  C   . GLN A 1 117 ? -1.560  -15.397 -5.833  1.00 13.88  ? 117 GLN A C   1 
ATOM   896  O  O   . GLN A 1 117 ? -0.829  -15.979 -6.640  1.00 16.53  ? 117 GLN A O   1 
ATOM   897  C  CB  . GLN A 1 117 ? -2.779  -17.169 -4.509  1.00 15.53  ? 117 GLN A CB  1 
ATOM   898  C  CG  . GLN A 1 117 ? -4.113  -16.766 -5.107  1.00 16.89  ? 117 GLN A CG  1 
ATOM   899  C  CD  . GLN A 1 117 ? -5.060  -17.930 -5.222  1.00 22.15  ? 117 GLN A CD  1 
ATOM   900  O  OE1 . GLN A 1 117 ? -5.891  -18.153 -4.343  1.00 28.02  ? 117 GLN A OE1 1 
ATOM   901  N  NE2 . GLN A 1 117 ? -4.888  -18.674 -6.301  1.00 24.46  ? 117 GLN A NE2 1 
ATOM   902  N  N   . HIS A 1 118 ? -2.163  -14.261 -6.136  1.00 12.21  ? 118 HIS A N   1 
ATOM   903  C  CA  . HIS A 1 118 ? -2.072  -13.644 -7.477  1.00 12.23  ? 118 HIS A CA  1 
ATOM   904  C  C   . HIS A 1 118 ? -0.955  -12.604 -7.599  1.00 12.87  ? 118 HIS A C   1 
ATOM   905  O  O   . HIS A 1 118 ? -0.714  -12.128 -8.737  1.00 15.09  ? 118 HIS A O   1 
ATOM   906  C  CB  . HIS A 1 118 ? -3.410  -12.985 -7.789  1.00 11.85  ? 118 HIS A CB  1 
ATOM   907  C  CG  . HIS A 1 118 ? -4.561  -13.918 -7.737  1.00 11.80  ? 118 HIS A CG  1 
ATOM   908  N  ND1 . HIS A 1 118 ? -5.448  -13.951 -6.701  1.00 11.20  ? 118 HIS A ND1 1 
ATOM   909  C  CD2 . HIS A 1 118 ? -4.970  -14.853 -8.641  1.00 13.60  ? 118 HIS A CD2 1 
ATOM   910  C  CE1 . HIS A 1 118 ? -6.325  -14.939 -6.920  1.00 12.08  ? 118 HIS A CE1 1 
ATOM   911  N  NE2 . HIS A 1 118 ? -6.049  -15.458 -8.106  1.00 14.69  ? 118 HIS A NE2 1 
ATOM   912  N  N   . GLY A 1 119 ? -0.320  -12.208 -6.496  1.00 11.97  ? 119 GLY A N   1 
ATOM   913  C  CA  . GLY A 1 119 ? 0.736   -11.186 -6.476  1.00 11.54  ? 119 GLY A CA  1 
ATOM   914  C  C   . GLY A 1 119 ? 0.483   -10.119 -5.441  1.00 10.16  ? 119 GLY A C   1 
ATOM   915  O  O   . GLY A 1 119 ? -0.133  -10.391 -4.424  1.00 10.41  ? 119 GLY A O   1 
ATOM   916  N  N   . VAL A 1 120 ? 0.985   -8.926  -5.696  1.00 9.93   ? 120 VAL A N   1 
ATOM   917  C  CA  . VAL A 1 120 ? 0.936   -7.824  -4.714  1.00 9.81   ? 120 VAL A CA  1 
ATOM   918  C  C   . VAL A 1 120 ? -0.453  -7.231  -4.703  1.00 9.80   ? 120 VAL A C   1 
ATOM   919  O  O   . VAL A 1 120 ? -0.951  -6.818  -5.783  1.00 10.64  ? 120 VAL A O   1 
ATOM   920  C  CB  . VAL A 1 120 ? 2.019   -6.777  -5.009  1.00 11.09  ? 120 VAL A CB  1 
ATOM   921  C  CG1 . VAL A 1 120 ? 1.861   -5.561  -4.111  1.00 11.87  ? 120 VAL A CG1 1 
ATOM   922  C  CG2 . VAL A 1 120 ? 3.410   -7.385  -4.942  1.00 11.74  ? 120 VAL A CG2 1 
ATOM   923  N  N   . VAL A 1 121 ? -1.052  -7.104  -3.546  1.00 9.24   ? 121 VAL A N   1 
ATOM   924  C  CA  . VAL A 1 121 ? -2.393  -6.545  -3.318  1.00 9.43   ? 121 VAL A CA  1 
ATOM   925  C  C   . VAL A 1 121 ? -2.296  -5.065  -2.998  1.00 9.42   ? 121 VAL A C   1 
ATOM   926  O  O   . VAL A 1 121 ? -3.150  -4.281  -3.391  1.00 10.09  ? 121 VAL A O   1 
ATOM   927  C  CB  . VAL A 1 121 ? -3.068  -7.341  -2.197  1.00 9.60   ? 121 VAL A CB  1 
ATOM   928  C  CG1 . VAL A 1 121 ? -4.386  -6.728  -1.832  1.00 10.07  ? 121 VAL A CG1 1 
ATOM   929  C  CG2 . VAL A 1 121 ? -3.205  -8.792  -2.587  1.00 10.97  ? 121 VAL A CG2 1 
ATOM   930  N  N   . GLY A 1 122 ? -1.326  -4.680  -2.168  1.00 9.69   ? 122 GLY A N   1 
ATOM   931  C  CA  . GLY A 1 122 ? -1.224  -3.315  -1.662  1.00 10.35  ? 122 GLY A CA  1 
ATOM   932  C  C   . GLY A 1 122 ? -0.066  -3.164  -0.716  1.00 9.01   ? 122 GLY A C   1 
ATOM   933  O  O   . GLY A 1 122 ? 0.753   -4.077  -0.590  1.00 9.51   ? 122 GLY A O   1 
ATOM   934  N  N   . ILE A 1 123 ? -0.005  -1.998  -0.095  1.00 8.99   ? 123 ILE A N   1 
ATOM   935  C  CA  . ILE A 1 123 ? 1.088   -1.711  0.862   1.00 8.86   ? 123 ILE A CA  1 
ATOM   936  C  C   . ILE A 1 123 ? 0.458   -1.205  2.158   1.00 8.92   ? 123 ILE A C   1 
ATOM   937  O  O   . ILE A 1 123 ? -0.593  -0.519  2.167   1.00 9.21   ? 123 ILE A O   1 
ATOM   938  C  CB  . ILE A 1 123 ? 2.108   -0.692  0.302   1.00 10.11  ? 123 ILE A CB  1 
ATOM   939  C  CG1 . ILE A 1 123 ? 1.456   0.589   -0.259  1.00 10.63  ? 123 ILE A CG1 1 
ATOM   940  C  CG2 . ILE A 1 123 ? 2.992   -1.385  -0.700  1.00 10.24  ? 123 ILE A CG2 1 
ATOM   941  C  CD1 . ILE A 1 123 ? 2.436   1.683   -0.659  1.00 10.97  ? 123 ILE A CD1 1 
ATOM   942  N  N   . VAL A 1 124 ? 1.159   -1.445  3.244   1.00 8.71   ? 124 VAL A N   1 
ATOM   943  C  CA  . VAL A 1 124 ? 0.725   -0.925  4.555   1.00 9.18   ? 124 VAL A CA  1 
ATOM   944  C  C   . VAL A 1 124 ? 0.629   0.587   4.463   1.00 9.34   ? 124 VAL A C   1 
ATOM   945  O  O   . VAL A 1 124 ? 1.571   1.249   3.950   1.00 8.96   ? 124 VAL A O   1 
ATOM   946  C  CB  . VAL A 1 124 ? 1.704   -1.322  5.661   1.00 9.04   ? 124 VAL A CB  1 
ATOM   947  C  CG1 . VAL A 1 124 ? 1.336   -0.638  6.974   1.00 9.10   ? 124 VAL A CG1 1 
ATOM   948  C  CG2 . VAL A 1 124 ? 1.761   -2.818  5.835   1.00 8.74   ? 124 VAL A CG2 1 
ATOM   949  N  N   . SER A 1 125 ? -0.459  1.158   4.976   1.00 9.10   ? 125 SER A N   1 
ATOM   950  C  CA  . SER A 1 125 ? -0.712  2.609   4.991   1.00 9.80   ? 125 SER A CA  1 
ATOM   951  C  C   . SER A 1 125 ? -1.240  3.128   6.318   1.00 10.24  ? 125 SER A C   1 
ATOM   952  O  O   . SER A 1 125 ? -1.061  4.325   6.595   1.00 11.72  ? 125 SER A O   1 
ATOM   953  C  CB  . SER A 1 125 ? -1.673  2.941   3.872   1.00 9.82   ? 125 SER A CB  1 
ATOM   954  O  OG  . SER A 1 125 ? -1.991  4.332   3.825   1.00 11.53  ? 125 SER A OG  1 
ATOM   955  N  N   . THR A 1 126 ? -1.902  2.287   7.120   1.00 10.42  ? 126 THR A N   1 
ATOM   956  C  CA  . THR A 1 126 ? -2.436  2.761   8.413   1.00 10.50  ? 126 THR A CA  1 
ATOM   957  C  C   . THR A 1 126 ? -2.163  1.732   9.490   1.00 10.39  ? 126 THR A C   1 
ATOM   958  O  O   . THR A 1 126 ? -1.792  0.571   9.203   1.00 10.21  ? 126 THR A O   1 
ATOM   959  C  CB  . THR A 1 126 ? -3.950  3.047   8.385   1.00 11.48  ? 126 THR A CB  1 
ATOM   960  O  OG1 . THR A 1 126 ? -4.693  1.826   8.402   1.00 11.62  ? 126 THR A OG1 1 
ATOM   961  C  CG2 . THR A 1 126 ? -4.390  3.843   7.175   1.00 11.12  ? 126 THR A CG2 1 
ATOM   962  N  N   . GLY A 1 127 ? -2.300  2.179   10.739  1.00 10.80  ? 127 GLY A N   1 
ATOM   963  C  CA  . GLY A 1 127 ? -2.145  1.292   11.878  1.00 11.44  ? 127 GLY A CA  1 
ATOM   964  C  C   . GLY A 1 127 ? -2.803  1.867   13.101  1.00 12.12  ? 127 GLY A C   1 
ATOM   965  O  O   . GLY A 1 127 ? -3.605  2.781   13.005  1.00 14.72  ? 127 GLY A O   1 
ATOM   966  N  N   . GLY A 1 128 ? -2.516  1.235   14.227  1.00 14.01  ? 128 GLY A N   1 
ATOM   967  C  CA  . GLY A 1 128 ? -3.093  1.620   15.529  1.00 15.20  ? 128 GLY A CA  1 
ATOM   968  C  C   . GLY A 1 128 ? -4.298  0.787   15.888  1.00 15.77  ? 128 GLY A C   1 
ATOM   969  O  O   . GLY A 1 128 ? -4.992  0.194   15.053  1.00 14.70  ? 128 GLY A O   1 
ATOM   970  N  N   . ASN A 1 129 ? -4.569  0.739   17.188  1.00 17.44  ? 129 ASN A N   1 
ATOM   971  C  CA  . ASN A 1 129 ? -5.753  0.035   17.748  1.00 17.32  ? 129 ASN A CA  1 
ATOM   972  C  C   . ASN A 1 129 ? -5.861  -1.394  17.220  1.00 14.28  ? 129 ASN A C   1 
ATOM   973  O  O   . ASN A 1 129 ? -6.992  -1.885  17.014  1.00 15.33  ? 129 ASN A O   1 
ATOM   974  C  CB  . ASN A 1 129 ? -7.059  0.773   17.478  1.00 19.81  ? 129 ASN A CB  1 
ATOM   975  C  CG  . ASN A 1 129 ? -7.298  1.941   18.404  1.00 25.76  ? 129 ASN A CG  1 
ATOM   976  O  OD1 . ASN A 1 129 ? -6.923  1.888   19.580  1.00 27.02  ? 129 ASN A OD1 1 
ATOM   977  N  ND2 . ASN A 1 129 ? -7.967  2.959   17.884  1.00 28.00  ? 129 ASN A ND2 1 
ATOM   978  N  N   . GLY A 1 130 ? -4.731  -2.070  17.056  1.00 13.25  ? 130 GLY A N   1 
ATOM   979  C  CA  . GLY A 1 130 ? -4.705  -3.498  16.741  1.00 12.10  ? 130 GLY A CA  1 
ATOM   980  C  C   . GLY A 1 130 ? -5.071  -3.834  15.308  1.00 11.04  ? 130 GLY A C   1 
ATOM   981  O  O   . GLY A 1 130 ? -5.259  -4.977  15.053  1.00 11.33  ? 130 GLY A O   1 
ATOM   982  N  N   . LEU A 1 131 ? -5.165  -2.833  14.430  1.00 11.29  ? 131 LEU A N   1 
ATOM   983  C  CA  . LEU A 1 131 ? -5.432  -3.063  13.005  1.00 10.78  ? 131 LEU A CA  1 
ATOM   984  C  C   . LEU A 1 131 ? -4.225  -2.628  12.185  1.00 10.20  ? 131 LEU A C   1 
ATOM   985  O  O   . LEU A 1 131 ? -3.437  -1.759  12.576  1.00 11.76  ? 131 LEU A O   1 
ATOM   986  C  CB  . LEU A 1 131 ? -6.651  -2.314  12.499  1.00 12.77  ? 131 LEU A CB  1 
ATOM   987  C  CG  . LEU A 1 131 ? -7.961  -2.535  13.256  1.00 12.84  ? 131 LEU A CG  1 
ATOM   988  C  CD1 . LEU A 1 131 ? -9.104  -1.852  12.491  1.00 14.41  ? 131 LEU A CD1 1 
ATOM   989  C  CD2 . LEU A 1 131 ? -8.223  -4.022  13.458  1.00 12.39  ? 131 LEU A CD2 1 
ATOM   990  N  N   . VAL A 1 132 ? -4.150  -3.198  10.991  1.00 10.00  ? 132 VAL A N   1 
ATOM   991  C  CA  . VAL A 1 132 ? -3.234  -2.749  9.932   1.00 9.88   ? 132 VAL A CA  1 
ATOM   992  C  C   . VAL A 1 132 ? -4.102  -2.461  8.736   1.00 10.19  ? 132 VAL A C   1 
ATOM   993  O  O   . VAL A 1 132 ? -4.977  -3.269  8.369   1.00 10.87  ? 132 VAL A O   1 
ATOM   994  C  CB  . VAL A 1 132 ? -2.158  -3.799  9.666   1.00 10.28  ? 132 VAL A CB  1 
ATOM   995  C  CG1 . VAL A 1 132 ? -2.697  -5.208  9.466   1.00 11.72  ? 132 VAL A CG1 1 
ATOM   996  C  CG2 . VAL A 1 132 ? -1.265  -3.365  8.520   1.00 10.23  ? 132 VAL A CG2 1 
ATOM   997  N  N   . GLY A 1 133 ? -3.905  -1.302  8.150   1.00 8.98   ? 133 GLY A N   1 
ATOM   998  C  CA  . GLY A 1 133 ? -4.604  -0.866  6.953   1.00 9.08   ? 133 GLY A CA  1 
ATOM   999  C  C   . GLY A 1 133 ? -3.669  -0.885  5.767   1.00 9.07   ? 133 GLY A C   1 
ATOM   1000 O  O   . GLY A 1 133 ? -2.527  -0.463  5.890   1.00 10.10  ? 133 GLY A O   1 
ATOM   1001 N  N   . PHE A 1 134 ? -4.185  -1.294  4.630   1.00 8.98   ? 134 PHE A N   1 
ATOM   1002 C  CA  . PHE A 1 134 ? -3.414  -1.447  3.376   1.00 9.11   ? 134 PHE A CA  1 
ATOM   1003 C  C   . PHE A 1 134 ? -4.071  -0.635  2.275   1.00 9.20   ? 134 PHE A C   1 
ATOM   1004 O  O   . PHE A 1 134 ? -5.301  -0.711  2.087   1.00 9.73   ? 134 PHE A O   1 
ATOM   1005 C  CB  . PHE A 1 134 ? -3.377  -2.892  2.913   1.00 8.72   ? 134 PHE A CB  1 
ATOM   1006 C  CG  . PHE A 1 134 ? -2.934  -3.893  3.938   1.00 9.11   ? 134 PHE A CG  1 
ATOM   1007 C  CD1 . PHE A 1 134 ? -1.584  -4.107  4.186   1.00 9.36   ? 134 PHE A CD1 1 
ATOM   1008 C  CD2 . PHE A 1 134 ? -3.867  -4.570  4.707   1.00 9.86   ? 134 PHE A CD2 1 
ATOM   1009 C  CE1 . PHE A 1 134 ? -1.191  -5.030  5.136   1.00 9.70   ? 134 PHE A CE1 1 
ATOM   1010 C  CE2 . PHE A 1 134 ? -3.452  -5.516  5.650   1.00 9.77   ? 134 PHE A CE2 1 
ATOM   1011 C  CZ  . PHE A 1 134 ? -2.099  -5.736  5.864   1.00 9.64   ? 134 PHE A CZ  1 
ATOM   1012 N  N   . ALA A 1 135 ? -3.266  0.148   1.579   1.00 8.77   ? 135 ALA A N   1 
ATOM   1013 C  CA  . ALA A 1 135 ? -3.706  0.876   0.371   1.00 9.11   ? 135 ALA A CA  1 
ATOM   1014 C  C   . ALA A 1 135 ? -3.757  -0.140  -0.759  1.00 9.19   ? 135 ALA A C   1 
ATOM   1015 O  O   . ALA A 1 135 ? -2.721  -0.686  -1.151  1.00 9.62   ? 135 ALA A O   1 
ATOM   1016 C  CB  . ALA A 1 135 ? -2.756  1.992   0.079   1.00 9.65   ? 135 ALA A CB  1 
ATOM   1017 N  N   . ASP A 1 136 ? -4.942  -0.392  -1.321  1.00 9.32   ? 136 ASP A N   1 
ATOM   1018 C  CA  . ASP A 1 136 ? -5.085  -1.332  -2.436  1.00 9.61   ? 136 ASP A CA  1 
ATOM   1019 C  C   . ASP A 1 136 ? -4.445  -0.753  -3.702  1.00 8.70   ? 136 ASP A C   1 
ATOM   1020 O  O   . ASP A 1 136 ? -4.490  0.483   -3.913  1.00 10.44  ? 136 ASP A O   1 
ATOM   1021 C  CB  . ASP A 1 136 ? -6.558  -1.587  -2.726  1.00 10.36  ? 136 ASP A CB  1 
ATOM   1022 C  CG  . ASP A 1 136 ? -6.823  -2.616  -3.789  1.00 10.66  ? 136 ASP A CG  1 
ATOM   1023 O  OD1 . ASP A 1 136 ? -6.309  -3.695  -3.713  1.00 11.30  ? 136 ASP A OD1 1 
ATOM   1024 O  OD2 . ASP A 1 136 ? -7.524  -2.234  -4.772  1.00 14.00  ? 136 ASP A OD2 1 
ATOM   1025 N  N   . VAL A 1 137 ? -3.874  -1.614  -4.515  1.00 9.40   ? 137 VAL A N   1 
ATOM   1026 C  CA  . VAL A 1 137 ? -3.412  -1.215  -5.873  1.00 10.08  ? 137 VAL A CA  1 
ATOM   1027 C  C   . VAL A 1 137 ? -4.035  -2.090  -6.957  1.00 10.65  ? 137 VAL A C   1 
ATOM   1028 O  O   . VAL A 1 137 ? -3.681  -1.891  -8.129  1.00 10.86  ? 137 VAL A O   1 
ATOM   1029 C  CB  . VAL A 1 137 ? -1.869  -1.254  -5.959  1.00 10.31  ? 137 VAL A CB  1 
ATOM   1030 C  CG1 . VAL A 1 137 ? -1.263  -0.284  -4.956  1.00 10.70  ? 137 VAL A CG1 1 
ATOM   1031 C  CG2 . VAL A 1 137 ? -1.294  -2.632  -5.760  1.00 10.70  ? 137 VAL A CG2 1 
ATOM   1032 N  N   . ARG A 1 138 ? -4.868  -3.044  -6.618  1.00 10.45  ? 138 ARG A N   1 
ATOM   1033 C  CA  . ARG A 1 138 ? -5.317  -4.026  -7.622  1.00 10.64  ? 138 ARG A CA  1 
ATOM   1034 C  C   . ARG A 1 138 ? -6.247  -3.367  -8.645  1.00 10.59  ? 138 ARG A C   1 
ATOM   1035 O  O   . ARG A 1 138 ? -6.415  -3.989  -9.727  1.00 11.97  ? 138 ARG A O   1 
ATOM   1036 C  CB  . ARG A 1 138 ? -6.044  -5.187  -6.970  1.00 10.38  ? 138 ARG A CB  1 
ATOM   1037 C  CG  . ARG A 1 138 ? -5.177  -5.995  -6.029  1.00 10.03  ? 138 ARG A CG  1 
ATOM   1038 C  CD  . ARG A 1 138 ? -5.999  -7.033  -5.319  1.00 9.46   ? 138 ARG A CD  1 
ATOM   1039 N  NE  . ARG A 1 138 ? -6.881  -6.395  -4.386  1.00 10.43  ? 138 ARG A NE  1 
ATOM   1040 C  CZ  . ARG A 1 138 ? -7.642  -7.042  -3.538  1.00 9.88   ? 138 ARG A CZ  1 
ATOM   1041 N  NH1 . ARG A 1 138 ? -7.805  -8.359  -3.636  1.00 9.76   ? 138 ARG A NH1 1 
ATOM   1042 N  NH2 . ARG A 1 138 ? -8.230  -6.353  -2.580  1.00 9.96   ? 138 ARG A NH2 1 
ATOM   1043 N  N   . ASP A 1 139 ? -6.856  -2.256  -8.338  1.00 10.33  ? 139 ASP A N   1 
ATOM   1044 C  CA  . ASP A 1 139 ? -7.695  -1.542  -9.336  1.00 11.30  ? 139 ASP A CA  1 
ATOM   1045 C  C   . ASP A 1 139 ? -6.835  -0.745  -10.318 1.00 12.80  ? 139 ASP A C   1 
ATOM   1046 O  O   . ASP A 1 139 ? -7.451  -0.197  -11.267 1.00 14.61  ? 139 ASP A O   1 
ATOM   1047 C  CB  . ASP A 1 139 ? -8.706  -0.665  -8.625  1.00 13.35  ? 139 ASP A CB  1 
ATOM   1048 C  CG  . ASP A 1 139 ? -8.070  0.487   -7.877  1.00 13.94  ? 139 ASP A CG  1 
ATOM   1049 O  OD1 . ASP A 1 139 ? -6.995  0.260   -7.264  1.00 13.76  ? 139 ASP A OD1 1 
ATOM   1050 O  OD2 . ASP A 1 139 ? -8.629  1.587   -7.884  1.00 16.54  ? 139 ASP A OD2 1 
ATOM   1051 N  N   . LEU A 1 140 ? -5.548  -0.562  -10.097 1.00 11.54  ? 140 LEU A N   1 
ATOM   1052 C  CA  . LEU A 1 140 ? -4.727  0.340   -10.943 1.00 11.66  ? 140 LEU A CA  1 
ATOM   1053 C  C   . LEU A 1 140 ? -4.206  -0.499  -12.088 1.00 11.89  ? 140 LEU A C   1 
ATOM   1054 O  O   . LEU A 1 140 ? -3.062  -0.922  -12.140 1.00 12.37  ? 140 LEU A O   1 
ATOM   1055 C  CB  . LEU A 1 140 ? -3.597  0.940   -10.107 1.00 11.99  ? 140 LEU A CB  1 
ATOM   1056 C  CG  . LEU A 1 140 ? -4.059  1.754   -8.902  1.00 13.58  ? 140 LEU A CG  1 
ATOM   1057 C  CD1 . LEU A 1 140 ? -2.873  2.220   -8.072  1.00 13.51  ? 140 LEU A CD1 1 
ATOM   1058 C  CD2 . LEU A 1 140 ? -4.938  2.921   -9.276  1.00 14.61  ? 140 LEU A CD2 1 
ATOM   1059 N  N   . LEU A 1 141 ? -5.088  -0.751  -13.073 1.00 12.45  ? 141 LEU A N   1 
ATOM   1060 C  CA  . LEU A 1 141 ? -4.751  -1.709  -14.147 1.00 13.55  ? 141 LEU A CA  1 
ATOM   1061 C  C   . LEU A 1 141 ? -3.629  -1.177  -15.027 1.00 13.38  ? 141 LEU A C   1 
ATOM   1062 O  O   . LEU A 1 141 ? -2.898  -1.966  -15.560 1.00 15.98  ? 141 LEU A O   1 
ATOM   1063 C  CB  . LEU A 1 141 ? -5.973  -2.010  -15.020 1.00 14.33  ? 141 LEU A CB  1 
ATOM   1064 C  CG  . LEU A 1 141 ? -7.208  -2.473  -14.253 1.00 15.97  ? 141 LEU A CG  1 
ATOM   1065 C  CD1 . LEU A 1 141 ? -8.283  -2.907  -15.228 1.00 17.45  ? 141 LEU A CD1 1 
ATOM   1066 C  CD2 . LEU A 1 141 ? -6.983  -3.599  -13.258 1.00 15.40  ? 141 LEU A CD2 1 
ATOM   1067 N  N   . TRP A 1 142 ? -3.521  0.152   -15.116 1.00 13.89  ? 142 TRP A N   1 
ATOM   1068 C  CA  . TRP A 1 142 ? -2.498  0.798   -15.961 1.00 14.34  ? 142 TRP A CA  1 
ATOM   1069 C  C   . TRP A 1 142 ? -1.102  0.505   -15.438 1.00 14.82  ? 142 TRP A C   1 
ATOM   1070 O  O   . TRP A 1 142 ? -0.137  0.686   -16.195 1.00 17.59  ? 142 TRP A O   1 
ATOM   1071 C  CB  . TRP A 1 142 ? -2.799  2.281   -16.042 1.00 14.47  ? 142 TRP A CB  1 
ATOM   1072 C  CG  . TRP A 1 142 ? -2.871  2.969   -14.717 1.00 13.85  ? 142 TRP A CG  1 
ATOM   1073 C  CD1 . TRP A 1 142 ? -4.014  3.290   -14.066 1.00 14.29  ? 142 TRP A CD1 1 
ATOM   1074 C  CD2 . TRP A 1 142 ? -1.781  3.456   -13.910 1.00 14.37  ? 142 TRP A CD2 1 
ATOM   1075 N  NE1 . TRP A 1 142 ? -3.732  3.927   -12.893 1.00 15.57  ? 142 TRP A NE1 1 
ATOM   1076 C  CE2 . TRP A 1 142 ? -2.380  4.059   -12.786 1.00 14.70  ? 142 TRP A CE2 1 
ATOM   1077 C  CE3 . TRP A 1 142 ? -0.394  3.510   -14.094 1.00 14.96  ? 142 TRP A CE3 1 
ATOM   1078 C  CZ2 . TRP A 1 142 ? -1.599  4.665   -11.800 1.00 15.54  ? 142 TRP A CZ2 1 
ATOM   1079 C  CZ3 . TRP A 1 142 ? 0.371   4.090   -13.101 1.00 15.84  ? 142 TRP A CZ3 1 
ATOM   1080 C  CH2 . TRP A 1 142 ? -0.232  4.649   -11.978 1.00 15.34  ? 142 TRP A CH2 1 
ATOM   1081 N  N   . LEU A 1 143 ? -0.931  0.042   -14.204 1.00 14.56  ? 143 LEU A N   1 
ATOM   1082 C  CA  . LEU A 1 143 ? 0.420   -0.301  -13.713 1.00 15.68  ? 143 LEU A CA  1 
ATOM   1083 C  C   . LEU A 1 143 ? 1.037   -1.427  -14.567 1.00 19.42  ? 143 LEU A C   1 
ATOM   1084 O  O   . LEU A 1 143 ? 2.272   -1.527  -14.582 1.00 20.74  ? 143 LEU A O   1 
ATOM   1085 C  CB  . LEU A 1 143 ? 0.368   -0.767  -12.260 1.00 15.63  ? 143 LEU A CB  1 
ATOM   1086 C  CG  . LEU A 1 143 ? 0.142   0.302   -11.199 1.00 14.27  ? 143 LEU A CG  1 
ATOM   1087 C  CD1 . LEU A 1 143 ? -0.091  -0.350  -9.835  1.00 14.99  ? 143 LEU A CD1 1 
ATOM   1088 C  CD2 . LEU A 1 143 ? 1.368   1.221   -11.118 1.00 15.36  ? 143 LEU A CD2 1 
ATOM   1089 N  N   . ASP A 1 144 ? 0.196   -2.265  -15.213 1.00 22.09  ? 144 ASP A N   1 
ATOM   1090 C  CA  . ASP A 1 144 ? 0.592   -3.487  -15.975 1.00 26.72  ? 144 ASP A CA  1 
ATOM   1091 C  C   . ASP A 1 144 ? 0.969   -3.159  -17.418 1.00 30.92  ? 144 ASP A C   1 
ATOM   1092 O  O   . ASP A 1 144 ? 1.364   -4.115  -18.111 1.00 34.52  ? 144 ASP A O   1 
ATOM   1093 C  CB  . ASP A 1 144 ? -0.537  -4.517  -16.021 1.00 27.59  ? 144 ASP A CB  1 
ATOM   1094 C  CG  . ASP A 1 144 ? -0.921  -5.150  -14.693 1.00 24.21  ? 144 ASP A CG  1 
ATOM   1095 O  OD1 . ASP A 1 144 ? -0.187  -4.971  -13.718 1.00 33.07  ? 144 ASP A OD1 1 
ATOM   1096 O  OD2 . ASP A 1 144 ? -2.029  -5.736  -14.622 1.00 32.07  ? 144 ASP A OD2 1 
ATOM   1097 N  N   . GLU A 1 145 ? 0.848   -1.904  -17.875 1.00 35.78  ? 145 GLU A N   1 
ATOM   1098 C  CA  . GLU A 1 145 ? 1.080   -1.543  -19.305 1.00 43.64  ? 145 GLU A CA  1 
ATOM   1099 C  C   . GLU A 1 145 ? 1.908   -0.255  -19.435 1.00 49.92  ? 145 GLU A C   1 
ATOM   1100 O  O   . GLU A 1 145 ? 2.141   0.439   -18.413 1.00 48.29  ? 145 GLU A O   1 
ATOM   1101 C  CB  . GLU A 1 145 ? -0.266  -1.428  -20.023 1.00 49.35  ? 145 GLU A CB  1 
ATOM   1102 C  CG  . GLU A 1 145 ? -1.079  -0.208  -19.625 1.00 50.32  ? 145 GLU A CG  1 
ATOM   1103 C  CD  . GLU A 1 145 ? -2.573  -0.299  -19.901 1.00 55.85  ? 145 GLU A CD  1 
ATOM   1104 O  OE1 . GLU A 1 145 ? -3.331  0.474   -19.280 1.00 57.17  ? 145 GLU A OE1 1 
ATOM   1105 O  OE2 . GLU A 1 145 ? -2.985  -1.131  -20.740 1.00 61.64  ? 145 GLU A OE2 1 
ATOM   1106 N  N   . GLU A 1 146 ? 2.340   0.041   -20.666 1.00 59.16  ? 146 GLU A N   1 
ATOM   1107 C  CA  . GLU A 1 146 ? 2.923   1.345   -21.091 1.00 63.80  ? 146 GLU A CA  1 
ATOM   1108 C  C   . GLU A 1 146 ? 3.989   1.779   -20.079 1.00 66.05  ? 146 GLU A C   1 
ATOM   1109 O  O   . GLU A 1 146 ? 5.035   2.296   -20.467 1.00 67.10  ? 146 GLU A O   1 
ATOM   1110 C  CB  . GLU A 1 146 ? 1.794   2.362   -21.284 1.00 63.96  ? 146 GLU A CB  1 
ATOM   1111 C  CG  . GLU A 1 146 ? 1.960   3.667   -20.520 1.00 68.89  ? 146 GLU A CG  1 
ATOM   1112 C  CD  . GLU A 1 146 ? 2.899   4.703   -21.119 1.00 72.42  ? 146 GLU A CD  1 
ATOM   1113 O  OE1 . GLU A 1 146 ? 3.030   5.783   -20.510 1.00 67.28  ? 146 GLU A OE1 1 
ATOM   1114 O  OE2 . GLU A 1 146 ? 3.485   4.441   -22.194 1.00 74.37  ? 146 GLU A OE2 1 
HETATM 1115 N  N01 . XK7 B 2 .   ? 12.418  -9.699  15.276  0.46 20.23  ? 201 XK7 A N01 1 
HETATM 1116 C  C02 . XK7 B 2 .   ? 13.678  -9.429  15.590  0.46 21.04  ? 201 XK7 A C02 1 
HETATM 1117 O  O03 . XK7 B 2 .   ? 14.027  -8.463  16.268  0.46 19.99  ? 201 XK7 A O03 1 
HETATM 1118 C  C04 . XK7 B 2 .   ? 14.870  -10.285 15.132  0.46 21.63  ? 201 XK7 A C04 1 
HETATM 1119 N  N05 . XK7 B 2 .   ? 16.170  -9.815  15.616  0.46 21.57  ? 201 XK7 A N05 1 
HETATM 1120 C  C06 . XK7 B 2 .   ? 14.758  -10.920 13.764  0.46 22.46  ? 201 XK7 A C06 1 
HETATM 1121 C  C07 . XK7 B 2 .   ? 14.623  -11.768 14.985  0.46 22.16  ? 201 XK7 A C07 1 
HETATM 1122 ZN ZN  . ZN  C 3 .   ? -5.569  -12.645 -5.115  1.00 10.92  ? 202 ZN  A ZN  1 
HETATM 1123 S  S   . DMS D 4 .   ? 3.301   -13.464 -8.210  1.00 35.70  ? 203 DMS A S   1 
HETATM 1124 O  O   . DMS D 4 .   ? 4.532   -14.143 -8.818  1.00 40.16  ? 203 DMS A O   1 
HETATM 1125 C  C1  . DMS D 4 .   ? 2.344   -14.791 -7.494  1.00 34.15  ? 203 DMS A C1  1 
HETATM 1126 C  C2  . DMS D 4 .   ? 3.917   -12.737 -6.729  1.00 29.93  ? 203 DMS A C2  1 
HETATM 1127 S  S   . DMS E 4 .   ? -7.136  12.919  -4.322  1.00 32.44  ? 204 DMS A S   1 
HETATM 1128 O  O   . DMS E 4 .   ? -7.074  12.934  -2.829  1.00 27.10  ? 204 DMS A O   1 
HETATM 1129 C  C1  . DMS E 4 .   ? -8.741  12.266  -4.738  1.00 31.94  ? 204 DMS A C1  1 
HETATM 1130 C  C2  . DMS E 4 .   ? -7.466  14.611  -4.784  1.00 32.05  ? 204 DMS A C2  1 
HETATM 1131 S  S   . DMS F 4 .   ? 12.033  -7.215  3.911   1.00 62.78  ? 205 DMS A S   1 
HETATM 1132 O  O   . DMS F 4 .   ? 13.002  -8.110  4.644   1.00 56.52  ? 205 DMS A O   1 
HETATM 1133 C  C1  . DMS F 4 .   ? 12.455  -7.340  2.184   1.00 61.68  ? 205 DMS A C1  1 
HETATM 1134 C  C2  . DMS F 4 .   ? 10.523  -8.126  3.833   1.00 53.52  ? 205 DMS A C2  1 
HETATM 1135 S  S   . DMS G 4 .   ? -3.396  -10.660 15.426  1.00 35.66  ? 206 DMS A S   1 
HETATM 1136 O  O   . DMS G 4 .   ? -2.894  -9.276  15.788  1.00 37.86  ? 206 DMS A O   1 
HETATM 1137 C  C1  . DMS G 4 .   ? -1.959  -11.692 15.407  1.00 36.94  ? 206 DMS A C1  1 
HETATM 1138 C  C2  . DMS G 4 .   ? -4.083  -11.284 16.929  1.00 32.50  ? 206 DMS A C2  1 
HETATM 1139 S  S   . DMS H 4 .   ? 0.725   15.223  9.904   1.00 60.75  ? 207 DMS A S   1 
HETATM 1140 O  O   . DMS H 4 .   ? 0.306   16.195  8.848   1.00 53.13  ? 207 DMS A O   1 
HETATM 1141 C  C1  . DMS H 4 .   ? 2.073   15.994  10.766  1.00 58.92  ? 207 DMS A C1  1 
HETATM 1142 C  C2  . DMS H 4 .   ? -0.488  15.353  11.186  1.00 57.81  ? 207 DMS A C2  1 
HETATM 1143 S  S   . DMS I 4 .   ? -2.333  7.427   -15.274 1.00 58.28  ? 208 DMS A S   1 
HETATM 1144 O  O   . DMS I 4 .   ? -1.043  6.739   -14.947 1.00 54.21  ? 208 DMS A O   1 
HETATM 1145 C  C1  . DMS I 4 .   ? -3.289  7.410   -13.786 1.00 57.49  ? 208 DMS A C1  1 
HETATM 1146 C  C2  . DMS I 4 .   ? -3.299  6.253   -16.179 1.00 57.63  ? 208 DMS A C2  1 
HETATM 1147 S  S   . SO4 J 5 .   ? -16.122 11.685  10.697  1.00 142.81 ? 209 SO4 A S   1 
HETATM 1148 O  O1  . SO4 J 5 .   ? -17.319 11.611  9.901   1.00 133.66 ? 209 SO4 A O1  1 
HETATM 1149 O  O2  . SO4 J 5 .   ? -15.150 12.519  10.039  1.00 145.84 ? 209 SO4 A O2  1 
HETATM 1150 O  O3  . SO4 J 5 .   ? -15.579 10.364  10.874  1.00 141.67 ? 209 SO4 A O3  1 
HETATM 1151 O  O4  . SO4 J 5 .   ? -16.435 12.249  11.981  1.00 98.51  ? 209 SO4 A O4  1 
HETATM 1152 O  O   . HOH K 6 .   ? -18.790 9.481   8.650   1.00 34.69  ? 301 HOH A O   1 
HETATM 1153 O  O   . HOH K 6 .   ? 7.910   1.464   14.718  1.00 25.78  ? 302 HOH A O   1 
HETATM 1154 O  O   . HOH K 6 .   ? -5.801  3.625   13.010  1.00 11.36  ? 303 HOH A O   1 
HETATM 1155 O  O   . HOH K 6 .   ? -9.347  15.818  10.533  1.00 38.24  ? 304 HOH A O   1 
HETATM 1156 O  O   . HOH K 6 .   ? 7.401   -6.263  -12.587 1.00 29.10  ? 305 HOH A O   1 
HETATM 1157 O  O   . HOH K 6 .   ? -8.959  12.281  2.857   1.00 42.65  ? 306 HOH A O   1 
HETATM 1158 O  O   . HOH K 6 .   ? -4.669  2.590   -19.153 1.00 44.89  ? 307 HOH A O   1 
HETATM 1159 O  O   . HOH K 6 .   ? -15.585 -3.175  2.454   1.00 35.20  ? 308 HOH A O   1 
HETATM 1160 O  O   . HOH K 6 .   ? 8.922   -4.326  -4.119  1.00 19.94  ? 309 HOH A O   1 
HETATM 1161 O  O   . HOH K 6 .   ? 11.409  -11.881 13.415  0.46 19.11  ? 310 HOH A O   1 
HETATM 1162 O  O   . HOH K 6 .   ? 7.083   3.050   15.549  1.00 30.58  ? 311 HOH A O   1 
HETATM 1163 O  O   . HOH K 6 .   ? -2.277  14.894  1.816   1.00 30.13  ? 312 HOH A O   1 
HETATM 1164 O  O   . HOH K 6 .   ? 5.916   2.750   -18.084 1.00 40.03  ? 313 HOH A O   1 
HETATM 1165 O  O   . HOH K 6 .   ? 12.434  -4.535  7.901   1.00 20.94  ? 314 HOH A O   1 
HETATM 1166 O  O   . HOH K 6 .   ? -4.707  9.024   16.973  1.00 30.01  ? 315 HOH A O   1 
HETATM 1167 O  O   . HOH K 6 .   ? -8.457  15.801  8.430   1.00 31.98  ? 316 HOH A O   1 
HETATM 1168 O  O   . HOH K 6 .   ? -7.587  10.930  15.894  1.00 20.59  ? 317 HOH A O   1 
HETATM 1169 O  O   . HOH K 6 .   ? 3.586   13.906  13.770  1.00 42.90  ? 318 HOH A O   1 
HETATM 1170 O  O   . HOH K 6 .   ? 0.977   5.415   -17.532 0.50 54.07  ? 319 HOH A O   1 
HETATM 1171 O  O   . HOH K 6 .   ? 12.493  0.382   -2.185  1.00 30.02  ? 320 HOH A O   1 
HETATM 1172 O  O   . HOH K 6 .   ? 9.003   -10.032 16.577  1.00 23.79  ? 321 HOH A O   1 
HETATM 1173 O  O   . HOH K 6 .   ? -14.799 -2.752  -2.307  1.00 33.73  ? 322 HOH A O   1 
HETATM 1174 O  O   . HOH K 6 .   ? 4.584   -11.991 16.461  1.00 23.33  ? 323 HOH A O   1 
HETATM 1175 O  O   . HOH K 6 .   ? 10.958  7.776   1.614   1.00 25.98  ? 324 HOH A O   1 
HETATM 1176 O  O   . HOH K 6 .   ? -1.865  14.815  -9.457  1.00 24.70  ? 325 HOH A O   1 
HETATM 1177 O  O   . HOH K 6 .   ? 12.396  7.739   -6.853  1.00 23.86  ? 326 HOH A O   1 
HETATM 1178 O  O   . HOH K 6 .   ? 10.184  6.692   0.035   1.00 29.75  ? 327 HOH A O   1 
HETATM 1179 O  O   . HOH K 6 .   ? -12.151 -1.772  4.089   1.00 16.02  ? 328 HOH A O   1 
HETATM 1180 O  O   . HOH K 6 .   ? -1.410  -7.315  16.806  1.00 23.74  ? 329 HOH A O   1 
HETATM 1181 O  O   . HOH K 6 .   ? -9.651  8.605   -5.091  1.00 41.37  ? 330 HOH A O   1 
HETATM 1182 O  O   . HOH K 6 .   ? 6.193   3.797   1.020   1.00 12.50  ? 331 HOH A O   1 
HETATM 1183 O  O   . HOH K 6 .   ? 11.126  6.577   -9.325  1.00 30.11  ? 332 HOH A O   1 
HETATM 1184 O  O   . HOH K 6 .   ? -1.927  -12.792 11.603  1.00 22.35  ? 333 HOH A O   1 
HETATM 1185 O  O   . HOH K 6 .   ? 6.994   12.746  1.522   1.00 32.27  ? 334 HOH A O   1 
HETATM 1186 O  O   . HOH K 6 .   ? -11.973 -6.881  -3.416  1.00 18.73  ? 335 HOH A O   1 
HETATM 1187 O  O   . HOH K 6 .   ? 0.912   -17.916 -5.978  1.00 27.30  ? 336 HOH A O   1 
HETATM 1188 O  O   . HOH K 6 .   ? -9.408  -0.303  -4.752  1.00 16.50  ? 337 HOH A O   1 
HETATM 1189 O  O   . HOH K 6 .   ? 7.149   4.873   -16.297 1.00 30.61  ? 338 HOH A O   1 
HETATM 1190 O  O   . HOH K 6 .   ? -3.968  14.064  -4.426  1.00 18.52  ? 339 HOH A O   1 
HETATM 1191 O  O   . HOH K 6 .   ? -4.931  -11.462 12.304  1.00 20.62  ? 340 HOH A O   1 
HETATM 1192 O  O   . HOH K 6 .   ? 2.786   13.511  6.002   1.00 18.98  ? 341 HOH A O   1 
HETATM 1193 O  O   . HOH K 6 .   ? -11.973 4.198   12.328  1.00 19.97  ? 342 HOH A O   1 
HETATM 1194 O  O   . HOH K 6 .   ? -6.340  14.865  1.150   1.00 42.99  ? 343 HOH A O   1 
HETATM 1195 O  O   . HOH K 6 .   ? -9.417  -3.849  -5.910  1.00 13.05  ? 344 HOH A O   1 
HETATM 1196 O  O   . HOH K 6 .   ? 6.651   -10.937 -9.812  1.00 18.11  ? 345 HOH A O   1 
HETATM 1197 O  O   . HOH K 6 .   ? 5.213   6.321   7.714   1.00 16.46  ? 346 HOH A O   1 
HETATM 1198 O  O   . HOH K 6 .   ? 1.606   -6.812  -12.760 1.00 16.09  ? 347 HOH A O   1 
HETATM 1199 O  O   . HOH K 6 .   ? -7.864  -9.836  10.119  1.00 10.54  ? 348 HOH A O   1 
HETATM 1200 O  O   . HOH K 6 .   ? 7.046   15.657  -11.932 1.00 20.71  ? 349 HOH A O   1 
HETATM 1201 O  O   . HOH K 6 .   ? 5.222   11.920  6.008   1.00 33.62  ? 350 HOH A O   1 
HETATM 1202 O  O   . HOH K 6 .   ? 6.186   -3.188  7.128   1.00 10.78  ? 351 HOH A O   1 
HETATM 1203 O  O   . HOH K 6 .   ? -8.891  3.024   -10.213 1.00 28.80  ? 352 HOH A O   1 
HETATM 1204 O  O   . HOH K 6 .   ? 9.128   14.611  -0.577  1.00 23.94  ? 353 HOH A O   1 
HETATM 1205 O  O   . HOH K 6 .   ? 2.077   -6.567  19.295  1.00 28.40  ? 354 HOH A O   1 
HETATM 1206 O  O   . HOH K 6 .   ? -1.715  -1.957  14.714  1.00 15.98  ? 355 HOH A O   1 
HETATM 1207 O  O   . HOH K 6 .   ? 13.591  8.283   -4.326  1.00 23.64  ? 356 HOH A O   1 
HETATM 1208 O  O   . HOH K 6 .   ? -1.610  16.734  -4.880  1.00 21.26  ? 357 HOH A O   1 
HETATM 1209 O  O   . HOH K 6 .   ? -11.742 5.023   15.015  1.00 17.33  ? 358 HOH A O   1 
HETATM 1210 O  O   . HOH K 6 .   ? 12.718  -3.769  10.667  1.00 25.92  ? 359 HOH A O   1 
HETATM 1211 O  O   . HOH K 6 .   ? 12.442  0.153   2.438   1.00 34.55  ? 360 HOH A O   1 
HETATM 1212 O  O   . HOH K 6 .   ? -10.338 -6.315  -5.574  1.00 13.08  ? 361 HOH A O   1 
HETATM 1213 O  O   . HOH K 6 .   ? 9.909   18.101  -4.298  1.00 19.45  ? 362 HOH A O   1 
HETATM 1214 O  O   . HOH K 6 .   ? -5.553  3.638   0.563   1.00 14.96  ? 363 HOH A O   1 
HETATM 1215 O  O   . HOH K 6 .   ? -12.547 -13.297 -1.809  1.00 35.18  ? 364 HOH A O   1 
HETATM 1216 O  O   . HOH K 6 .   ? 3.879   -1.424  -16.848 1.00 36.36  ? 365 HOH A O   1 
HETATM 1217 O  O   . HOH K 6 .   ? 0.268   0.524   16.380  1.00 28.15  ? 366 HOH A O   1 
HETATM 1218 O  O   . HOH K 6 .   ? 1.308   10.432  -15.916 0.50 34.22  ? 367 HOH A O   1 
HETATM 1219 O  O   . HOH K 6 .   ? -5.192  2.705   -2.391  1.00 11.37  ? 368 HOH A O   1 
HETATM 1220 O  O   . HOH K 6 .   ? -4.625  5.740   12.636  1.00 16.32  ? 369 HOH A O   1 
HETATM 1221 O  O   . HOH K 6 .   ? -6.741  1.299   13.184  1.00 14.94  ? 370 HOH A O   1 
HETATM 1222 O  O   . HOH K 6 .   ? 7.381   3.841   13.300  1.00 18.62  ? 371 HOH A O   1 
HETATM 1223 O  O   . HOH K 6 .   ? 8.695   -8.660  -2.392  1.00 36.68  ? 372 HOH A O   1 
HETATM 1224 O  O   . HOH K 6 .   ? 9.688   -0.826  -11.243 1.00 21.32  ? 373 HOH A O   1 
HETATM 1225 O  O   . HOH K 6 .   ? 9.471   -3.033  17.360  1.00 12.35  ? 374 HOH A O   1 
HETATM 1226 O  O   . HOH K 6 .   ? -1.366  13.891  13.754  1.00 35.00  ? 375 HOH A O   1 
HETATM 1227 O  O   . HOH K 6 .   ? 8.378   -2.556  5.427   1.00 15.94  ? 376 HOH A O   1 
HETATM 1228 O  O   . HOH K 6 .   ? 0.787   12.458  1.373   1.00 16.14  ? 377 HOH A O   1 
HETATM 1229 O  O   . HOH K 6 .   ? -11.425 1.371   -7.876  1.00 35.07  ? 378 HOH A O   1 
HETATM 1230 O  O   . HOH K 6 .   ? -4.253  -6.832  16.900  1.00 15.67  ? 379 HOH A O   1 
HETATM 1231 O  O   . HOH K 6 .   ? 9.429   4.208   7.044   1.00 20.05  ? 380 HOH A O   1 
HETATM 1232 O  O   . HOH K 6 .   ? -10.425 -7.541  -1.298  1.00 15.62  ? 381 HOH A O   1 
HETATM 1233 O  O   . HOH K 6 .   ? 5.162   13.488  -0.205  1.00 20.45  ? 382 HOH A O   1 
HETATM 1234 O  O   . HOH K 6 .   ? -0.909  -4.329  17.430  1.00 31.26  ? 383 HOH A O   1 
HETATM 1235 O  O   . HOH K 6 .   ? 7.714   -5.552  -14.273 1.00 28.94  ? 384 HOH A O   1 
HETATM 1236 O  O   . HOH K 6 .   ? 7.768   -3.095  0.019   1.00 20.25  ? 385 HOH A O   1 
HETATM 1237 O  O   . HOH K 6 .   ? 7.079   -9.767  -5.305  1.00 36.50  ? 386 HOH A O   1 
HETATM 1238 O  O   . HOH K 6 .   ? 12.614  15.295  -13.430 1.00 25.37  ? 387 HOH A O   1 
HETATM 1239 O  O   . HOH K 6 .   ? -3.773  -15.570 4.960   1.00 31.37  ? 388 HOH A O   1 
HETATM 1240 O  O   . HOH K 6 .   ? 5.895   8.588   9.233   1.00 30.96  ? 389 HOH A O   1 
HETATM 1241 O  O   . HOH K 6 .   ? 15.433  -3.430  -16.099 1.00 23.27  ? 390 HOH A O   1 
HETATM 1242 O  O   . HOH K 6 .   ? -9.597  -1.361  16.084  1.00 16.84  ? 391 HOH A O   1 
HETATM 1243 O  O   . HOH K 6 .   ? 1.060   7.336   14.560  1.00 27.03  ? 392 HOH A O   1 
HETATM 1244 O  O   . HOH K 6 .   ? 12.428  -0.776  -10.770 1.00 21.49  ? 393 HOH A O   1 
HETATM 1245 O  O   . HOH K 6 .   ? -9.287  3.482   15.447  1.00 16.60  ? 394 HOH A O   1 
HETATM 1246 O  O   . HOH K 6 .   ? -3.817  -18.211 -8.873  0.46 24.68  ? 395 HOH A O   1 
HETATM 1247 O  O   . HOH K 6 .   ? 5.901   0.188   -17.227 1.00 33.71  ? 396 HOH A O   1 
HETATM 1248 O  O   . HOH K 6 .   ? -6.492  2.300   10.542  1.00 16.31  ? 397 HOH A O   1 
HETATM 1249 O  O   . HOH K 6 .   ? -2.593  6.673   6.161   1.00 14.43  ? 398 HOH A O   1 
HETATM 1250 O  O   . HOH K 6 .   ? 8.346   15.238  -14.293 1.00 26.82  ? 399 HOH A O   1 
HETATM 1251 O  O   . HOH K 6 .   ? -10.593 -13.140 -7.551  1.00 17.75  ? 400 HOH A O   1 
HETATM 1252 O  O   . HOH K 6 .   ? -2.903  2.089   19.054  1.00 30.86  ? 401 HOH A O   1 
HETATM 1253 O  O   . HOH K 6 .   ? -2.981  6.156   14.782  1.00 23.50  ? 402 HOH A O   1 
HETATM 1254 O  O   . HOH K 6 .   ? -4.819  9.275   9.571   1.00 15.06  ? 403 HOH A O   1 
HETATM 1255 O  O   . HOH K 6 .   ? -9.290  2.989   10.624  1.00 14.72  ? 404 HOH A O   1 
HETATM 1256 O  O   . HOH K 6 .   ? -8.150  -17.205 -8.921  1.00 33.86  ? 405 HOH A O   1 
HETATM 1257 O  O   . HOH K 6 .   ? 10.834  -6.417  -7.374  1.00 16.84  ? 406 HOH A O   1 
HETATM 1258 O  O   . HOH K 6 .   ? 5.533   -7.210  -13.611 1.00 33.67  ? 407 HOH A O   1 
HETATM 1259 O  O   . HOH K 6 .   ? -9.946  -14.658 -0.345  1.00 24.72  ? 408 HOH A O   1 
HETATM 1260 O  O   . HOH K 6 .   ? 5.447   -2.693  19.334  1.00 18.69  ? 409 HOH A O   1 
HETATM 1261 O  O   . HOH K 6 .   ? 8.062   -14.094 8.888   1.00 22.17  ? 410 HOH A O   1 
HETATM 1262 O  O   . HOH K 6 .   ? 14.153  3.185   -5.244  1.00 43.60  ? 411 HOH A O   1 
HETATM 1263 O  O   . HOH K 6 .   ? -5.783  5.605   -11.770 0.50 36.30  ? 412 HOH A O   1 
HETATM 1264 O  O   . HOH K 6 .   ? -15.175 -6.473  2.759   1.00 18.25  ? 413 HOH A O   1 
HETATM 1265 O  O   . HOH K 6 .   ? 3.570   -15.325 11.059  1.00 23.21  ? 414 HOH A O   1 
HETATM 1266 O  O   . HOH K 6 .   ? 10.236  -0.262  7.411   1.00 25.23  ? 415 HOH A O   1 
HETATM 1267 O  O   . HOH K 6 .   ? 4.412   -9.842  2.033   1.00 16.93  ? 416 HOH A O   1 
HETATM 1268 O  O   . HOH K 6 .   ? 4.045   -13.212 -12.321 1.00 37.48  ? 417 HOH A O   1 
HETATM 1269 O  O   . HOH K 6 .   ? -4.611  -15.327 9.802   1.00 38.33  ? 418 HOH A O   1 
HETATM 1270 O  O   . HOH K 6 .   ? -5.379  8.516   6.858   1.00 24.27  ? 419 HOH A O   1 
HETATM 1271 O  O   . HOH K 6 .   ? -4.139  -4.234  -16.866 1.00 30.49  ? 420 HOH A O   1 
HETATM 1272 O  O   . HOH K 6 .   ? 2.726   -8.385  17.482  1.00 24.30  ? 421 HOH A O   1 
HETATM 1273 O  O   . HOH K 6 .   ? 5.595   12.395  10.159  1.00 38.44  ? 422 HOH A O   1 
HETATM 1274 O  O   . HOH K 6 .   ? 7.983   -0.937  18.506  1.00 16.55  ? 423 HOH A O   1 
HETATM 1275 O  O   . HOH K 6 .   ? 8.284   -5.614  -16.858 1.00 47.08  ? 424 HOH A O   1 
HETATM 1276 O  O   . HOH K 6 .   ? -2.628  7.507   8.913   1.00 14.95  ? 425 HOH A O   1 
HETATM 1277 O  O   . HOH K 6 .   ? 1.514   -15.271 -2.170  1.00 26.53  ? 426 HOH A O   1 
HETATM 1278 O  O   . HOH K 6 .   ? 14.906  12.543  -3.755  1.00 18.96  ? 427 HOH A O   1 
HETATM 1279 O  O   . HOH K 6 .   ? -8.431  6.424   -7.460  1.00 26.63  ? 428 HOH A O   1 
HETATM 1280 O  O   . HOH K 6 .   ? -3.976  -15.693 -1.202  1.00 24.88  ? 429 HOH A O   1 
HETATM 1281 O  O   . HOH K 6 .   ? 5.138   14.666  -13.744 1.00 35.31  ? 430 HOH A O   1 
HETATM 1282 O  O   . HOH K 6 .   ? 0.390   -8.749  13.223  1.00 13.06  ? 431 HOH A O   1 
HETATM 1283 O  O   . HOH K 6 .   ? -1.727  -10.070 11.997  1.00 15.89  ? 432 HOH A O   1 
HETATM 1284 O  O   . HOH K 6 .   ? 0.971   2.516   10.147  1.00 17.41  ? 433 HOH A O   1 
HETATM 1285 O  O   . HOH K 6 .   ? -12.874 3.456   -1.589  1.00 17.43  ? 434 HOH A O   1 
HETATM 1286 O  O   . HOH K 6 .   ? 5.099   -10.300 -7.257  1.00 20.97  ? 435 HOH A O   1 
HETATM 1287 O  O   . HOH K 6 .   ? -8.135  4.389   12.831  1.00 15.05  ? 436 HOH A O   1 
HETATM 1288 O  O   . HOH K 6 .   ? -6.478  -12.159 10.076  1.00 18.90  ? 437 HOH A O   1 
HETATM 1289 O  O   . HOH K 6 .   ? 6.541   5.809   15.179  1.00 28.26  ? 438 HOH A O   1 
HETATM 1290 O  O   . HOH K 6 .   ? -1.946  11.174  -13.121 1.00 37.12  ? 439 HOH A O   1 
HETATM 1291 O  O   . HOH K 6 .   ? 7.425   -1.384  -18.828 1.00 43.68  ? 440 HOH A O   1 
HETATM 1292 O  O   . HOH K 6 .   ? 10.842  -1.677  -1.193  1.00 23.80  ? 441 HOH A O   1 
HETATM 1293 O  O   . HOH K 6 .   ? -2.241  12.196  -10.383 1.00 19.04  ? 442 HOH A O   1 
HETATM 1294 O  O   . HOH K 6 .   ? -1.835  -1.409  17.403  1.00 20.79  ? 443 HOH A O   1 
HETATM 1295 O  O   . HOH K 6 .   ? -1.492  -16.906 -9.417  0.46 27.99  ? 444 HOH A O   1 
HETATM 1296 O  O   . HOH K 6 .   ? 13.383  -0.579  -18.642 1.00 35.25  ? 445 HOH A O   1 
HETATM 1297 O  O   . HOH K 6 .   ? -13.207 -13.532 -8.137  1.00 27.72  ? 446 HOH A O   1 
HETATM 1298 O  O   . HOH K 6 .   ? -6.589  15.064  13.608  1.00 19.28  ? 447 HOH A O   1 
HETATM 1299 O  O   . HOH K 6 .   ? 8.191   6.235   10.794  1.00 32.80  ? 448 HOH A O   1 
HETATM 1300 O  O   . HOH K 6 .   ? 13.309  13.608  -0.557  1.00 25.43  ? 449 HOH A O   1 
HETATM 1301 O  O   . HOH K 6 .   ? 8.958   4.113   1.580   1.00 16.18  ? 450 HOH A O   1 
HETATM 1302 O  O   . HOH K 6 .   ? 15.464  2.122   -11.684 1.00 29.66  ? 451 HOH A O   1 
HETATM 1303 O  O   . HOH K 6 .   ? 14.647  18.092  -9.812  1.00 28.90  ? 452 HOH A O   1 
HETATM 1304 O  O   . HOH K 6 .   ? 12.758  -9.404  7.712   0.46 42.70  ? 453 HOH A O   1 
HETATM 1305 O  O   . HOH K 6 .   ? -16.616 2.665   0.525   0.50 21.58  ? 454 HOH A O   1 
HETATM 1306 O  O   . HOH K 6 .   ? -11.425 13.460  5.591   1.00 27.42  ? 455 HOH A O   1 
HETATM 1307 O  O   . HOH K 6 .   ? 10.788  3.263   -0.463  1.00 21.20  ? 456 HOH A O   1 
HETATM 1308 O  O   . HOH K 6 .   ? -6.144  -0.018  -18.216 1.00 31.24  ? 457 HOH A O   1 
HETATM 1309 O  O   . HOH K 6 .   ? 7.516   -5.879  2.080   1.00 13.85  ? 458 HOH A O   1 
HETATM 1310 O  O   . HOH K 6 .   ? 7.465   -11.365 17.590  1.00 28.36  ? 459 HOH A O   1 
HETATM 1311 O  O   . HOH K 6 .   ? 12.255  6.088   -0.440  1.00 28.75  ? 460 HOH A O   1 
HETATM 1312 O  O   . HOH K 6 .   ? -2.610  5.240   10.729  1.00 13.71  ? 461 HOH A O   1 
HETATM 1313 O  O   . HOH K 6 .   ? -5.130  13.616  -7.167  1.00 38.67  ? 462 HOH A O   1 
HETATM 1314 O  O   . HOH K 6 .   ? -7.532  5.981   18.441  1.00 42.81  ? 463 HOH A O   1 
HETATM 1315 O  O   . HOH K 6 .   ? 7.719   -8.770  1.492   1.00 13.49  ? 464 HOH A O   1 
HETATM 1316 O  O   . HOH K 6 .   ? 3.670   -13.255 -4.012  1.00 38.82  ? 465 HOH A O   1 
HETATM 1317 O  O   . HOH K 6 .   ? -12.747 1.177   -3.003  1.00 31.04  ? 466 HOH A O   1 
HETATM 1318 O  O   . HOH K 6 .   ? 12.400  -4.609  -8.095  1.00 42.10  ? 467 HOH A O   1 
HETATM 1319 O  O   . HOH K 6 .   ? 14.864  4.908   -11.394 1.00 30.28  ? 468 HOH A O   1 
HETATM 1320 O  O   . HOH K 6 .   ? -20.500 11.261  10.131  1.00 35.60  ? 469 HOH A O   1 
HETATM 1321 O  O   . HOH K 6 .   ? 9.949   12.040  2.327   1.00 40.45  ? 470 HOH A O   1 
HETATM 1322 O  O   . HOH K 6 .   ? -7.382  1.191   -14.254 1.00 22.77  ? 471 HOH A O   1 
HETATM 1323 O  O   . HOH K 6 .   ? -6.012  -15.578 7.115   1.00 35.42  ? 472 HOH A O   1 
HETATM 1324 O  O   . HOH K 6 .   ? -11.407 10.934  1.270   1.00 37.15  ? 473 HOH A O   1 
HETATM 1325 O  O   . HOH K 6 .   ? 5.280   3.685   17.000  1.00 28.58  ? 474 HOH A O   1 
HETATM 1326 O  O   . HOH K 6 .   ? 10.537  -13.332 8.689   0.46 21.27  ? 475 HOH A O   1 
HETATM 1327 O  O   . HOH K 6 .   ? -0.113  4.544   11.918  1.00 20.68  ? 476 HOH A O   1 
HETATM 1328 O  O   . HOH K 6 .   ? 18.329  -7.555  12.097  1.00 48.29  ? 477 HOH A O   1 
HETATM 1329 O  O   . HOH K 6 .   ? 13.434  8.151   -13.548 1.00 40.25  ? 478 HOH A O   1 
HETATM 1330 O  O   . HOH K 6 .   ? -6.012  3.906   15.300  1.00 21.39  ? 479 HOH A O   1 
HETATM 1331 O  O   . HOH K 6 .   ? -7.359  14.463  3.764   1.00 32.54  ? 480 HOH A O   1 
HETATM 1332 O  O   . HOH K 6 .   ? -16.720 -8.462  2.132   1.00 47.05  ? 481 HOH A O   1 
HETATM 1333 O  O   . HOH K 6 .   ? -11.944 -14.880 -3.457  1.00 41.92  ? 482 HOH A O   1 
HETATM 1334 O  O   . HOH K 6 .   ? -7.283  3.200   -12.230 1.00 26.99  ? 483 HOH A O   1 
HETATM 1335 O  O   . HOH K 6 .   ? -9.808  -14.546 -5.242  1.00 21.72  ? 484 HOH A O   1 
HETATM 1336 O  O   . HOH K 6 .   ? 15.316  -1.641  -18.188 1.00 35.80  ? 485 HOH A O   1 
HETATM 1337 O  O   . HOH K 6 .   ? 2.326   -7.468  -17.175 1.00 44.31  ? 486 HOH A O   1 
HETATM 1338 O  O   . HOH K 6 .   ? 14.053  6.482   -2.286  1.00 34.74  ? 487 HOH A O   1 
HETATM 1339 O  O   . HOH K 6 .   ? -6.615  1.724   -16.251 1.00 32.20  ? 488 HOH A O   1 
HETATM 1340 O  O   . HOH K 6 .   ? 11.315  -7.143  -17.009 1.00 33.98  ? 489 HOH A O   1 
HETATM 1341 O  O   . HOH K 6 .   ? -10.847 15.532  7.626   1.00 37.11  ? 490 HOH A O   1 
HETATM 1342 O  O   . HOH K 6 .   ? -12.116 9.890   -1.201  1.00 33.70  ? 491 HOH A O   1 
HETATM 1343 O  O   . HOH K 6 .   ? 0.988   -9.424  15.783  1.00 23.16  ? 492 HOH A O   1 
HETATM 1344 O  O   . HOH K 6 .   ? -9.186  -17.067 -5.944  1.00 40.39  ? 493 HOH A O   1 
HETATM 1345 O  O   . HOH K 6 .   ? 8.032   6.059   8.123   1.00 28.08  ? 494 HOH A O   1 
HETATM 1346 O  O   . HOH K 6 .   ? 6.384   -14.596 -12.169 1.00 37.47  ? 495 HOH A O   1 
HETATM 1347 O  O   . HOH K 6 .   ? -4.358  -2.669  20.850  1.00 40.58  ? 496 HOH A O   1 
HETATM 1348 O  O   . HOH K 6 .   ? -7.725  5.816   -9.903  1.00 39.45  ? 497 HOH A O   1 
HETATM 1349 O  O   . HOH K 6 .   ? -11.624 -2.446  -5.343  1.00 25.14  ? 498 HOH A O   1 
HETATM 1350 O  O   . HOH K 6 .   ? -0.434  5.064   14.398  1.00 26.38  ? 499 HOH A O   1 
HETATM 1351 O  O   . HOH K 6 .   ? -1.276  4.126   -19.190 0.50 32.44  ? 500 HOH A O   1 
HETATM 1352 O  O   . HOH K 6 .   ? -13.733 -4.655  -3.861  1.00 30.48  ? 501 HOH A O   1 
HETATM 1353 O  O   . HOH K 6 .   ? 0.289   3.463   16.435  1.00 34.21  ? 502 HOH A O   1 
HETATM 1354 O  O   . HOH K 6 .   ? 13.256  3.332   -8.150  1.00 34.72  ? 503 HOH A O   1 
HETATM 1355 O  O   . HOH K 6 .   ? 1.197   -12.079 16.554  1.00 30.76  ? 504 HOH A O   1 
HETATM 1356 O  O   . HOH K 6 .   ? -11.129 1.491   12.171  1.00 14.52  ? 505 HOH A O   1 
HETATM 1357 O  O   . HOH K 6 .   ? -4.151  5.280   16.865  1.00 38.91  ? 506 HOH A O   1 
HETATM 1358 O  O   . HOH K 6 .   ? 13.980  1.156   -9.637  1.00 28.25  ? 507 HOH A O   1 
HETATM 1359 O  O   . HOH K 6 .   ? -9.355  0.856   14.329  1.00 16.56  ? 508 HOH A O   1 
HETATM 1360 O  O   . HOH K 6 .   ? 8.556   -13.103 -7.491  1.00 20.52  ? 509 HOH A O   1 
HETATM 1361 O  O   . HOH K 6 .   ? 10.881  9.428   11.397  0.50 29.56  ? 510 HOH A O   1 
HETATM 1362 O  O   . HOH K 6 .   ? 10.530  5.718   3.182   1.00 23.11  ? 511 HOH A O   1 
HETATM 1363 O  O   . HOH K 6 .   ? -6.120  10.823  18.097  1.00 40.13  ? 512 HOH A O   1 
HETATM 1364 O  O   . HOH K 6 .   ? -0.566  -14.661 13.013  1.00 30.83  ? 513 HOH A O   1 
HETATM 1365 O  O   . HOH K 6 .   ? -1.714  4.079   18.233  1.00 33.24  ? 514 HOH A O   1 
HETATM 1366 O  O   . HOH K 6 .   ? -5.428  7.120   18.344  1.00 35.87  ? 515 HOH A O   1 
HETATM 1367 O  O   . HOH K 6 .   ? -8.029  13.729  15.742  1.00 30.31  ? 516 HOH A O   1 
HETATM 1368 O  O   . HOH K 6 .   ? 13.773  -2.629  -8.490  1.00 38.50  ? 517 HOH A O   1 
HETATM 1369 O  O   . HOH K 6 .   ? 12.969  9.725   2.330   1.00 36.34  ? 518 HOH A O   1 
HETATM 1370 O  O   . HOH K 6 .   ? 6.077   7.119   -16.857 1.00 36.46  ? 519 HOH A O   1 
HETATM 1371 O  O   . HOH K 6 .   ? 14.243  16.947  -12.282 1.00 30.04  ? 520 HOH A O   1 
HETATM 1372 O  O   . HOH K 6 .   ? -6.853  2.936   -21.185 1.00 28.44  ? 521 HOH A O   1 
HETATM 1373 O  O   . HOH K 6 .   ? -3.823  5.080   -18.361 0.50 29.74  ? 522 HOH A O   1 
HETATM 1374 O  O   . HOH K 6 .   ? -5.949  4.164   -17.740 0.50 28.18  ? 523 HOH A O   1 
HETATM 1375 O  O   . HOH K 6 .   ? 1.360   -15.768 12.478  1.00 39.82  ? 524 HOH A O   1 
HETATM 1376 O  O   . HOH K 6 .   ? -14.201 11.722  2.396   1.00 47.18  ? 525 HOH A O   1 
HETATM 1377 O  O   . HOH K 6 .   ? 3.105   -15.362 14.027  1.00 38.74  ? 526 HOH A O   1 
HETATM 1378 O  O   . HOH K 6 .   ? 9.775   7.999   7.606   1.00 31.44  ? 527 HOH A O   1 
HETATM 1379 O  O   . HOH K 6 .   ? -17.978 10.626  0.562   1.00 48.90  ? 528 HOH A O   1 
# 
